data_4EYW
#
_entry.id   4EYW
#
_cell.length_a   148.144
_cell.length_b   148.144
_cell.length_c   192.070
_cell.angle_alpha   90.00
_cell.angle_beta   90.00
_cell.angle_gamma   90.00
#
_symmetry.space_group_name_H-M   'P 42 21 2'
#
loop_
_entity.id
_entity.type
_entity.pdbx_description
1 polymer 'Carnitine O-palmitoyltransferase 2, mitochondrial'
2 non-polymer 1-[(2R)-2-(3,4-dihydroisoquinolin-2(1H)-ylcarbonyl)piperidin-1-yl]-2-phenoxyethanone
3 non-polymer 'HEXAETHYLENE GLYCOL'
4 water water
#
_entity_poly.entity_id   1
_entity_poly.type   'polypeptide(L)'
_entity_poly.pdbx_seq_one_letter_code
;HMAVSGPDDYLQHSIVPTMHYQDSLPRLPIPKLEDTMKRYLNAQKPLLDDSQFRRTEALCKNFETGVGKELHAHLLAQDK
QNKHTSYISGPWFDMYLTARDSIVLNFNPFMAFNPDPKSEYNDQLTRATNLTVSAVRFLKTLQAGLLEPEVFHLNPSKSD
TDAFKRLIRFVPPSLSWYGAYLVNAYPLDMSQYFRLFNSTRIPRPNRDELFTDTKARHLLVLRKGHFYVFDVLDQDGNIV
NPLEIQAHLKYILSDSSPVPEFPVAYLTSENRDVWAELRQKLIFDGNEETLKKVDSAVFCLCLDDFPMKDLIHLSHTMLH
GDGTNRWFDKSFNLIVAEDGTAAVHFEHSWGDGVAVLRFFNEVFRDSTQTPAITPQSQPAATNSSASVETLSFNLSGALK
AGITAAKEKFDTTVKTLSIDSIQFQRGGKEFLKKKQLSPDAVAQLAFQMAFLRQYGQTVATYESCSTAAFKHGRTETIRP
ASIFTKRCSEAFVRDPSKHSVGELQHMMAECSKYHGQLTKEAAMGQGFDRHLYALRYLATARGLNLPELYLDPAYQQMNH
NILSTSTLNSPAVSLGGFAPVVPDGFGIAYAVHDDWIGCNVSSYSGRNAREFLHCVQKCLEDIFDALEGKAIKT
;
_entity_poly.pdbx_strand_id   A,B
#
loop_
_chem_comp.id
_chem_comp.type
_chem_comp.name
_chem_comp.formula
L0R non-polymer 1-[(2R)-2-(3,4-dihydroisoquinolin-2(1H)-ylcarbonyl)piperidin-1-yl]-2-phenoxyethanone 'C23 H26 N2 O3'
P6G non-polymer 'HEXAETHYLENE GLYCOL' 'C12 H26 O7'
#
# COMPACT_ATOMS: atom_id res chain seq x y z
N ASP A 8 10.78 1.82 39.18
CA ASP A 8 11.28 2.21 37.86
C ASP A 8 10.42 3.29 37.21
N ASP A 9 10.58 3.44 35.90
CA ASP A 9 9.89 4.49 35.15
C ASP A 9 8.58 4.01 34.50
N TYR A 10 8.10 2.84 34.90
CA TYR A 10 6.93 2.24 34.24
C TYR A 10 5.72 2.18 35.15
N LEU A 11 4.54 2.54 34.62
CA LEU A 11 3.33 2.48 35.45
C LEU A 11 2.58 1.16 35.31
N GLN A 12 3.14 0.23 34.53
CA GLN A 12 2.55 -1.10 34.38
C GLN A 12 3.64 -2.08 33.94
N HIS A 13 3.51 -3.34 34.32
CA HIS A 13 4.52 -4.33 33.93
C HIS A 13 3.87 -5.57 33.32
N SER A 14 3.22 -5.38 32.17
CA SER A 14 2.43 -6.43 31.52
C SER A 14 3.21 -7.70 31.22
N ILE A 15 2.67 -8.82 31.70
CA ILE A 15 3.15 -10.15 31.33
C ILE A 15 3.05 -10.34 29.82
N VAL A 16 1.96 -9.84 29.25
CA VAL A 16 1.74 -9.97 27.81
C VAL A 16 2.19 -8.70 27.11
N PRO A 17 3.06 -8.81 26.09
CA PRO A 17 3.53 -7.61 25.37
C PRO A 17 2.39 -6.79 24.81
N THR A 18 2.51 -5.47 24.88
CA THR A 18 1.41 -4.56 24.52
C THR A 18 0.76 -4.89 23.19
N MET A 19 1.58 -5.13 22.17
CA MET A 19 1.10 -5.32 20.80
C MET A 19 0.89 -6.78 20.44
N HIS A 20 0.79 -7.64 21.45
CA HIS A 20 0.75 -9.10 21.23
C HIS A 20 -0.37 -9.62 20.30
N TYR A 21 -1.53 -8.97 20.31
CA TYR A 21 -2.66 -9.45 19.53
C TYR A 21 -2.78 -8.81 18.15
N GLN A 22 -1.92 -7.85 17.85
CA GLN A 22 -2.14 -6.98 16.71
C GLN A 22 -2.07 -7.74 15.38
N ASP A 23 -1.17 -8.72 15.30
CA ASP A 23 -1.02 -9.48 14.06
C ASP A 23 -2.20 -10.39 13.74
N SER A 24 -3.02 -10.70 14.73
CA SER A 24 -4.09 -11.66 14.50
C SER A 24 -5.53 -11.13 14.67
N LEU A 25 -5.68 -9.81 14.81
CA LEU A 25 -7.04 -9.22 14.84
C LEU A 25 -7.79 -9.54 13.55
N PRO A 26 -9.09 -9.85 13.67
CA PRO A 26 -9.92 -10.18 12.50
C PRO A 26 -10.11 -8.98 11.58
N ARG A 27 -10.31 -9.24 10.29
CA ARG A 27 -10.46 -8.15 9.33
C ARG A 27 -11.85 -7.52 9.44
N LEU A 28 -11.92 -6.20 9.33
CA LEU A 28 -13.20 -5.50 9.38
C LEU A 28 -14.09 -5.92 8.21
N PRO A 29 -15.28 -6.47 8.52
CA PRO A 29 -16.18 -6.95 7.47
C PRO A 29 -16.77 -5.83 6.62
N ILE A 30 -17.03 -6.11 5.35
CA ILE A 30 -17.78 -5.20 4.51
C ILE A 30 -19.16 -5.83 4.35
N PRO A 31 -20.22 -5.07 4.67
CA PRO A 31 -21.56 -5.68 4.57
C PRO A 31 -21.94 -5.97 3.12
N LYS A 32 -22.90 -6.86 2.91
CA LYS A 32 -23.50 -7.04 1.59
C LYS A 32 -24.24 -5.77 1.24
N LEU A 33 -24.20 -5.36 -0.02
CA LEU A 33 -24.84 -4.11 -0.41
C LEU A 33 -26.35 -4.12 -0.14
N GLU A 34 -26.97 -5.28 -0.31
CA GLU A 34 -28.41 -5.41 -0.09
C GLU A 34 -28.76 -5.11 1.38
N ASP A 35 -27.93 -5.58 2.31
CA ASP A 35 -28.13 -5.31 3.74
C ASP A 35 -27.94 -3.84 4.06
N THR A 36 -26.91 -3.23 3.50
CA THR A 36 -26.65 -1.81 3.72
C THR A 36 -27.81 -0.93 3.27
N MET A 37 -28.39 -1.24 2.11
CA MET A 37 -29.48 -0.44 1.59
C MET A 37 -30.75 -0.56 2.47
N LYS A 38 -31.06 -1.77 2.93
CA LYS A 38 -32.17 -2.01 3.86
C LYS A 38 -31.98 -1.25 5.17
N ARG A 39 -30.77 -1.27 5.70
CA ARG A 39 -30.47 -0.60 6.96
C ARG A 39 -30.54 0.91 6.80
N TYR A 40 -30.04 1.40 5.66
CA TYR A 40 -30.17 2.81 5.33
C TYR A 40 -31.64 3.22 5.32
N LEU A 41 -32.47 2.42 4.66
CA LEU A 41 -33.89 2.75 4.58
C LEU A 41 -34.58 2.67 5.94
N ASN A 42 -34.19 1.71 6.76
CA ASN A 42 -34.79 1.58 8.11
C ASN A 42 -34.55 2.84 8.94
N ALA A 43 -33.36 3.40 8.79
CA ALA A 43 -32.99 4.61 9.52
C ALA A 43 -33.65 5.84 8.93
N GLN A 44 -34.02 5.77 7.67
CA GLN A 44 -34.72 6.89 7.05
C GLN A 44 -36.21 6.92 7.40
N LYS A 45 -36.77 5.76 7.70
CA LYS A 45 -38.21 5.67 7.96
CA LYS A 45 -38.21 5.66 7.98
C LYS A 45 -38.72 6.70 8.98
N PRO A 46 -38.00 6.89 10.10
CA PRO A 46 -38.60 7.89 11.02
C PRO A 46 -38.35 9.35 10.63
N LEU A 47 -37.49 9.58 9.65
CA LEU A 47 -37.07 10.94 9.28
C LEU A 47 -37.85 11.54 8.11
N LEU A 48 -38.30 10.69 7.19
CA LEU A 48 -38.88 11.17 5.94
C LEU A 48 -40.41 11.04 5.92
N ASP A 49 -41.08 11.96 5.22
CA ASP A 49 -42.51 11.77 4.95
C ASP A 49 -42.69 10.70 3.88
N ASP A 50 -43.95 10.34 3.59
CA ASP A 50 -44.22 9.22 2.72
C ASP A 50 -43.66 9.39 1.30
N SER A 51 -43.83 10.58 0.73
CA SER A 51 -43.36 10.86 -0.62
C SER A 51 -41.84 10.91 -0.67
N GLN A 52 -41.24 11.57 0.31
CA GLN A 52 -39.77 11.62 0.41
C GLN A 52 -39.21 10.21 0.50
N PHE A 53 -39.85 9.37 1.30
CA PHE A 53 -39.39 8.00 1.51
C PHE A 53 -39.48 7.17 0.24
N ARG A 54 -40.57 7.35 -0.52
CA ARG A 54 -40.74 6.63 -1.78
C ARG A 54 -39.65 7.00 -2.79
N ARG A 55 -39.34 8.29 -2.88
CA ARG A 55 -38.30 8.74 -3.79
CA ARG A 55 -38.29 8.76 -3.78
C ARG A 55 -36.95 8.15 -3.39
N THR A 56 -36.65 8.13 -2.09
CA THR A 56 -35.39 7.58 -1.61
C THR A 56 -35.31 6.07 -1.87
N GLU A 57 -36.42 5.39 -1.65
CA GLU A 57 -36.49 3.95 -1.91
C GLU A 57 -36.20 3.63 -3.39
N ALA A 58 -36.71 4.46 -4.28
CA ALA A 58 -36.48 4.27 -5.71
C ALA A 58 -35.01 4.47 -6.05
N LEU A 59 -34.40 5.51 -5.49
CA LEU A 59 -32.97 5.76 -5.68
C LEU A 59 -32.11 4.60 -5.19
N CYS A 60 -32.49 4.00 -4.06
CA CYS A 60 -31.71 2.90 -3.50
C CYS A 60 -31.76 1.69 -4.40
N LYS A 61 -32.94 1.43 -4.95
CA LYS A 61 -33.13 0.33 -5.88
C LYS A 61 -32.20 0.51 -7.09
N ASN A 62 -32.19 1.69 -7.69
CA ASN A 62 -31.31 1.97 -8.83
C ASN A 62 -29.83 1.86 -8.48
N PHE A 63 -29.48 2.29 -7.28
CA PHE A 63 -28.10 2.27 -6.82
C PHE A 63 -27.64 0.84 -6.70
N GLU A 64 -28.51 0.02 -6.10
CA GLU A 64 -28.17 -1.37 -5.79
C GLU A 64 -27.97 -2.23 -7.05
N THR A 65 -28.64 -1.87 -8.14
CA THR A 65 -28.50 -2.64 -9.38
C THR A 65 -27.60 -1.95 -10.41
N GLY A 66 -27.23 -0.71 -10.13
CA GLY A 66 -26.45 0.09 -11.06
C GLY A 66 -25.05 0.42 -10.57
N VAL A 67 -24.75 1.71 -10.46
CA VAL A 67 -23.39 2.15 -10.15
C VAL A 67 -22.92 1.70 -8.77
N GLY A 68 -23.87 1.53 -7.84
CA GLY A 68 -23.54 1.09 -6.51
C GLY A 68 -22.99 -0.33 -6.51
N LYS A 69 -23.60 -1.17 -7.33
CA LYS A 69 -23.12 -2.55 -7.47
C LYS A 69 -21.69 -2.58 -8.00
N GLU A 70 -21.37 -1.65 -8.91
CA GLU A 70 -20.01 -1.61 -9.45
C GLU A 70 -19.00 -1.02 -8.47
N LEU A 71 -19.41 0.02 -7.74
CA LEU A 71 -18.53 0.58 -6.72
C LEU A 71 -18.22 -0.45 -5.65
N HIS A 72 -19.24 -1.20 -5.26
CA HIS A 72 -19.11 -2.23 -4.24
C HIS A 72 -18.15 -3.34 -4.67
N ALA A 73 -18.25 -3.77 -5.93
CA ALA A 73 -17.32 -4.76 -6.44
C ALA A 73 -15.87 -4.27 -6.36
N HIS A 74 -15.64 -3.01 -6.72
CA HIS A 74 -14.30 -2.46 -6.66
CA HIS A 74 -14.30 -2.41 -6.66
C HIS A 74 -13.83 -2.33 -5.20
N LEU A 75 -14.76 -1.98 -4.30
CA LEU A 75 -14.44 -1.90 -2.88
C LEU A 75 -13.97 -3.25 -2.36
N LEU A 76 -14.67 -4.32 -2.73
CA LEU A 76 -14.30 -5.67 -2.29
C LEU A 76 -12.93 -6.10 -2.83
N ALA A 77 -12.66 -5.76 -4.09
CA ALA A 77 -11.39 -6.13 -4.74
C ALA A 77 -10.25 -5.39 -4.06
N GLN A 78 -10.50 -4.13 -3.75
CA GLN A 78 -9.52 -3.30 -3.07
C GLN A 78 -9.24 -3.86 -1.67
N ASP A 79 -10.29 -4.22 -0.94
CA ASP A 79 -10.12 -4.78 0.41
C ASP A 79 -9.36 -6.11 0.41
N LYS A 80 -9.64 -6.95 -0.58
CA LYS A 80 -8.94 -8.22 -0.73
C LYS A 80 -7.42 -8.00 -0.99
N GLN A 81 -7.09 -7.01 -1.80
CA GLN A 81 -5.69 -6.66 -2.05
C GLN A 81 -5.03 -6.03 -0.81
N ASN A 82 -5.82 -5.33 -0.01
CA ASN A 82 -5.32 -4.63 1.18
C ASN A 82 -5.74 -5.28 2.51
N LYS A 83 -5.46 -6.58 2.62
CA LYS A 83 -5.87 -7.38 3.78
C LYS A 83 -5.14 -7.05 5.09
N HIS A 84 -4.10 -6.24 4.99
CA HIS A 84 -3.32 -5.82 6.15
C HIS A 84 -4.01 -4.69 6.91
N THR A 85 -5.07 -4.13 6.33
CA THR A 85 -5.71 -2.96 6.93
C THR A 85 -7.23 -3.09 6.83
N SER A 86 -7.96 -2.01 7.12
CA SER A 86 -9.40 -2.04 6.97
C SER A 86 -9.78 -1.14 5.81
N TYR A 87 -10.95 -1.38 5.23
CA TYR A 87 -11.39 -0.55 4.09
C TYR A 87 -11.66 0.90 4.47
N ILE A 88 -11.95 1.14 5.75
CA ILE A 88 -12.44 2.45 6.16
C ILE A 88 -11.35 3.38 6.72
N SER A 89 -10.26 2.83 7.21
CA SER A 89 -9.30 3.65 7.98
C SER A 89 -8.70 4.78 7.16
N GLY A 90 -8.18 4.44 5.99
CA GLY A 90 -7.58 5.43 5.10
C GLY A 90 -8.52 6.55 4.69
N PRO A 91 -9.65 6.20 4.08
CA PRO A 91 -10.67 7.20 3.74
C PRO A 91 -11.08 8.06 4.94
N TRP A 92 -11.11 7.48 6.13
CA TRP A 92 -11.55 8.23 7.31
C TRP A 92 -10.51 9.28 7.74
N PHE A 93 -9.23 8.90 7.76
CA PHE A 93 -8.16 9.87 8.03
C PHE A 93 -8.22 10.97 6.99
N ASP A 94 -8.36 10.57 5.74
CA ASP A 94 -8.37 11.53 4.63
C ASP A 94 -9.48 12.56 4.81
N MET A 95 -10.63 12.14 5.33
CA MET A 95 -11.73 13.07 5.51
C MET A 95 -11.39 14.18 6.51
N TYR A 96 -10.80 13.80 7.62
CA TYR A 96 -10.46 14.81 8.62
C TYR A 96 -9.26 15.67 8.26
N LEU A 97 -8.25 15.08 7.62
CA LEU A 97 -7.05 15.83 7.28
C LEU A 97 -7.30 16.80 6.11
N THR A 98 -8.23 16.45 5.23
CA THR A 98 -8.59 17.35 4.12
C THR A 98 -9.55 18.48 4.53
N ALA A 99 -10.33 18.27 5.58
CA ALA A 99 -11.26 19.29 6.04
C ALA A 99 -10.51 20.60 6.34
N ARG A 100 -11.09 21.72 5.92
CA ARG A 100 -10.41 23.01 6.03
C ARG A 100 -10.90 23.83 7.22
N ASP A 101 -11.97 23.38 7.85
CA ASP A 101 -12.56 24.08 8.97
C ASP A 101 -11.62 24.12 10.16
N SER A 102 -11.82 25.11 11.02
CA SER A 102 -11.07 25.17 12.28
C SER A 102 -11.27 23.89 13.05
N ILE A 103 -10.21 23.40 13.69
CA ILE A 103 -10.37 22.19 14.49
C ILE A 103 -11.00 22.49 15.85
N VAL A 104 -10.97 23.76 16.27
CA VAL A 104 -11.58 24.12 17.55
C VAL A 104 -13.10 24.10 17.40
N LEU A 105 -13.77 23.53 18.40
CA LEU A 105 -15.22 23.32 18.43
C LEU A 105 -15.70 22.28 17.40
N ASN A 106 -15.35 22.47 16.13
CA ASN A 106 -15.79 21.55 15.09
C ASN A 106 -15.38 20.11 15.34
N PHE A 107 -14.16 19.89 15.84
CA PHE A 107 -13.60 18.54 15.95
C PHE A 107 -13.04 18.15 17.33
N ASN A 108 -12.20 19.00 17.93
CA ASN A 108 -11.54 18.66 19.19
C ASN A 108 -12.48 18.64 20.40
N PRO A 109 -12.55 17.49 21.12
CA PRO A 109 -13.29 17.40 22.37
C PRO A 109 -12.36 17.46 23.58
N PHE A 110 -12.94 17.34 24.77
CA PHE A 110 -12.15 17.23 25.99
C PHE A 110 -12.75 16.20 26.95
N MET A 111 -11.91 15.70 27.85
CA MET A 111 -12.35 14.93 29.00
C MET A 111 -11.67 15.53 30.21
N ALA A 112 -12.40 15.71 31.29
CA ALA A 112 -11.83 16.27 32.52
C ALA A 112 -11.60 15.18 33.56
N PHE A 113 -10.53 15.30 34.33
CA PHE A 113 -10.23 14.33 35.39
C PHE A 113 -11.09 14.62 36.61
N ASN A 114 -11.45 13.56 37.33
CA ASN A 114 -11.89 13.71 38.71
C ASN A 114 -10.73 14.27 39.52
N PRO A 115 -11.03 14.95 40.63
CA PRO A 115 -9.94 15.44 41.50
C PRO A 115 -9.23 14.28 42.19
N ASP A 116 -8.05 14.52 42.72
CA ASP A 116 -7.44 13.54 43.60
C ASP A 116 -8.31 13.54 44.84
N PRO A 117 -8.76 12.35 45.28
CA PRO A 117 -9.59 12.25 46.50
C PRO A 117 -8.87 12.80 47.73
N LYS A 118 -7.54 12.77 47.75
CA LYS A 118 -6.78 13.48 48.78
C LYS A 118 -6.72 14.95 48.42
N SER A 119 -7.48 15.75 49.16
CA SER A 119 -7.72 17.15 48.83
C SER A 119 -6.49 18.02 48.56
N GLU A 120 -5.48 17.88 49.40
CA GLU A 120 -4.29 18.74 49.33
C GLU A 120 -3.46 18.49 48.06
N TYR A 121 -3.65 17.33 47.44
CA TYR A 121 -2.92 16.96 46.22
C TYR A 121 -3.39 17.70 44.98
N ASN A 122 -4.46 18.49 45.12
CA ASN A 122 -4.97 19.28 44.01
C ASN A 122 -4.36 20.67 43.92
N ASP A 123 -3.29 20.91 44.66
CA ASP A 123 -2.46 22.11 44.45
C ASP A 123 -1.99 22.12 42.98
N GLN A 124 -1.97 23.29 42.33
CA GLN A 124 -1.63 23.38 40.90
C GLN A 124 -0.25 22.80 40.60
N LEU A 125 0.79 23.30 41.29
CA LEU A 125 2.14 22.81 41.06
C LEU A 125 2.26 21.32 41.37
N THR A 126 1.66 20.90 42.48
CA THR A 126 1.72 19.50 42.86
C THR A 126 1.05 18.63 41.81
N ARG A 127 -0.12 19.04 41.34
CA ARG A 127 -0.86 18.21 40.41
C ARG A 127 -0.26 18.22 39.01
N ALA A 128 0.18 19.39 38.54
CA ALA A 128 0.82 19.49 37.23
C ALA A 128 2.05 18.60 37.22
N THR A 129 2.78 18.56 38.34
CA THR A 129 3.94 17.70 38.42
C THR A 129 3.55 16.23 38.36
N ASN A 130 2.58 15.84 39.17
CA ASN A 130 2.19 14.44 39.23
C ASN A 130 1.58 13.91 37.94
N LEU A 131 0.78 14.74 37.30
CA LEU A 131 0.14 14.33 36.04
C LEU A 131 1.17 14.23 34.92
N THR A 132 2.08 15.20 34.87
CA THR A 132 3.13 15.21 33.86
C THR A 132 4.02 13.98 34.02
N VAL A 133 4.43 13.68 35.26
CA VAL A 133 5.26 12.51 35.49
C VAL A 133 4.54 11.20 35.14
N SER A 134 3.29 11.06 35.54
CA SER A 134 2.51 9.88 35.14
C SER A 134 2.36 9.77 33.62
N ALA A 135 2.21 10.91 32.94
CA ALA A 135 2.07 10.90 31.48
C ALA A 135 3.35 10.40 30.81
N VAL A 136 4.50 10.84 31.32
CA VAL A 136 5.78 10.39 30.77
C VAL A 136 6.04 8.92 31.15
N ARG A 137 5.59 8.51 32.32
CA ARG A 137 5.64 7.10 32.68
C ARG A 137 4.77 6.25 31.75
N PHE A 138 3.63 6.79 31.33
CA PHE A 138 2.81 6.10 30.34
C PHE A 138 3.56 5.98 28.99
N LEU A 139 4.19 7.07 28.55
CA LEU A 139 4.99 7.05 27.32
C LEU A 139 6.04 5.94 27.35
N LYS A 140 6.78 5.86 28.46
CA LYS A 140 7.84 4.87 28.60
C LYS A 140 7.29 3.44 28.62
N THR A 141 6.16 3.27 29.28
CA THR A 141 5.53 1.96 29.41
C THR A 141 5.03 1.45 28.07
N LEU A 142 4.41 2.35 27.29
CA LEU A 142 3.95 2.04 25.94
C LEU A 142 5.13 1.68 25.05
N GLN A 143 6.15 2.52 25.06
CA GLN A 143 7.31 2.28 24.20
C GLN A 143 8.03 0.97 24.52
N ALA A 144 8.08 0.61 25.80
CA ALA A 144 8.73 -0.62 26.23
C ALA A 144 7.87 -1.87 26.02
N GLY A 145 6.62 -1.67 25.59
CA GLY A 145 5.72 -2.80 25.39
C GLY A 145 5.25 -3.40 26.70
N LEU A 146 5.24 -2.59 27.75
CA LEU A 146 4.87 -3.07 29.08
C LEU A 146 3.46 -2.65 29.48
N LEU A 147 2.78 -1.94 28.60
CA LEU A 147 1.38 -1.61 28.80
C LEU A 147 0.53 -2.85 28.49
N GLU A 148 -0.42 -3.21 29.36
CA GLU A 148 -1.28 -4.36 29.07
C GLU A 148 -2.05 -4.11 27.76
N PRO A 149 -2.19 -5.15 26.92
CA PRO A 149 -2.95 -5.00 25.69
C PRO A 149 -4.37 -4.55 25.99
N GLU A 150 -4.94 -3.74 25.12
CA GLU A 150 -6.33 -3.34 25.21
C GLU A 150 -7.22 -4.54 24.89
N VAL A 151 -8.05 -4.94 25.84
CA VAL A 151 -8.88 -6.14 25.67
C VAL A 151 -10.25 -5.94 26.33
N PHE A 152 -11.31 -6.18 25.56
CA PHE A 152 -12.66 -6.13 26.10
C PHE A 152 -13.09 -7.52 26.57
N HIS A 153 -13.27 -7.68 27.88
CA HIS A 153 -13.64 -8.97 28.47
C HIS A 153 -15.14 -9.09 28.69
N LEU A 154 -15.73 -10.19 28.21
CA LEU A 154 -17.11 -10.52 28.54
C LEU A 154 -17.17 -11.38 29.79
N ASN A 155 -16.10 -12.15 30.01
CA ASN A 155 -16.04 -13.06 31.14
C ASN A 155 -14.72 -12.88 31.90
N PRO A 156 -14.58 -11.74 32.60
CA PRO A 156 -13.32 -11.31 33.23
C PRO A 156 -12.75 -12.34 34.20
N SER A 157 -13.63 -13.06 34.88
CA SER A 157 -13.20 -14.04 35.87
C SER A 157 -12.41 -15.18 35.25
N LYS A 158 -12.60 -15.41 33.96
CA LYS A 158 -11.85 -16.47 33.29
C LYS A 158 -10.72 -15.93 32.42
N SER A 159 -10.92 -14.75 31.84
CA SER A 159 -9.98 -14.22 30.85
C SER A 159 -8.98 -13.21 31.42
N ASP A 160 -9.42 -12.41 32.39
CA ASP A 160 -8.61 -11.34 32.93
C ASP A 160 -7.81 -11.79 34.16
N THR A 161 -7.13 -12.91 34.04
CA THR A 161 -6.39 -13.49 35.16
C THR A 161 -4.92 -13.72 34.81
N ASP A 162 -4.11 -13.89 35.85
CA ASP A 162 -2.69 -14.17 35.67
C ASP A 162 -2.45 -15.50 34.98
N ALA A 163 -3.30 -16.48 35.29
CA ALA A 163 -3.18 -17.79 34.65
C ALA A 163 -3.30 -17.68 33.13
N PHE A 164 -4.31 -16.95 32.67
CA PHE A 164 -4.51 -16.76 31.23
C PHE A 164 -3.33 -16.00 30.60
N LYS A 165 -2.94 -14.90 31.24
CA LYS A 165 -1.84 -14.06 30.74
C LYS A 165 -0.54 -14.85 30.58
N ARG A 166 -0.22 -15.68 31.57
CA ARG A 166 1.04 -16.44 31.53
C ARG A 166 1.02 -17.47 30.40
N LEU A 167 -0.17 -17.88 30.00
CA LEU A 167 -0.30 -18.81 28.89
C LEU A 167 -0.24 -18.09 27.54
N ILE A 168 -1.12 -17.10 27.36
CA ILE A 168 -1.31 -16.47 26.06
C ILE A 168 -0.05 -15.79 25.53
N ARG A 169 0.85 -15.41 26.43
CA ARG A 169 2.08 -14.74 26.03
C ARG A 169 2.98 -15.63 25.17
N PHE A 170 2.84 -16.94 25.33
CA PHE A 170 3.68 -17.87 24.58
C PHE A 170 3.03 -18.24 23.26
N VAL A 171 1.74 -18.00 23.13
CA VAL A 171 1.04 -18.28 21.89
C VAL A 171 1.56 -17.33 20.82
N PRO A 172 1.95 -17.88 19.65
CA PRO A 172 2.53 -17.07 18.57
C PRO A 172 1.56 -15.99 18.11
N PRO A 173 2.08 -14.79 17.79
CA PRO A 173 1.26 -13.60 17.51
C PRO A 173 0.14 -13.88 16.51
N SER A 174 0.37 -14.80 15.58
CA SER A 174 -0.62 -15.13 14.56
C SER A 174 -1.78 -15.98 15.08
N LEU A 175 -1.67 -16.48 16.31
CA LEU A 175 -2.73 -17.29 16.88
C LEU A 175 -3.36 -16.69 18.14
N SER A 176 -2.75 -15.61 18.64
CA SER A 176 -3.11 -15.13 19.97
C SER A 176 -4.57 -14.64 20.07
N TRP A 177 -5.06 -13.95 19.05
CA TRP A 177 -6.45 -13.48 19.05
C TRP A 177 -7.43 -14.63 19.28
N TYR A 178 -7.18 -15.77 18.63
CA TYR A 178 -8.07 -16.93 18.77
CA TYR A 178 -8.08 -16.90 18.78
C TYR A 178 -8.11 -17.43 20.21
N GLY A 179 -6.97 -17.37 20.89
CA GLY A 179 -6.89 -17.76 22.29
C GLY A 179 -7.82 -16.91 23.14
N ALA A 180 -7.79 -15.60 22.90
CA ALA A 180 -8.62 -14.67 23.64
C ALA A 180 -10.09 -14.90 23.31
N TYR A 181 -10.36 -15.10 22.02
CA TYR A 181 -11.70 -15.34 21.54
C TYR A 181 -12.35 -16.53 22.24
N LEU A 182 -11.57 -17.57 22.50
CA LEU A 182 -12.07 -18.79 23.13
C LEU A 182 -12.54 -18.56 24.56
N VAL A 183 -11.99 -17.54 25.22
CA VAL A 183 -12.46 -17.21 26.58
C VAL A 183 -13.38 -15.98 26.61
N ASN A 184 -13.99 -15.68 25.45
CA ASN A 184 -14.90 -14.54 25.32
C ASN A 184 -14.27 -13.18 25.65
N ALA A 185 -12.99 -13.04 25.30
CA ALA A 185 -12.29 -11.76 25.42
C ALA A 185 -11.97 -11.26 24.02
N TYR A 186 -12.04 -9.95 23.81
CA TYR A 186 -11.86 -9.38 22.49
C TYR A 186 -10.78 -8.32 22.48
N PRO A 187 -9.58 -8.69 22.04
CA PRO A 187 -8.47 -7.73 21.93
C PRO A 187 -8.82 -6.60 20.97
N LEU A 188 -8.36 -5.38 21.27
CA LEU A 188 -8.62 -4.24 20.40
C LEU A 188 -7.37 -3.80 19.62
N ASP A 189 -7.59 -3.17 18.46
CA ASP A 189 -6.54 -2.52 17.70
C ASP A 189 -5.83 -1.44 18.53
N MET A 190 -4.50 -1.39 18.44
CA MET A 190 -3.74 -0.37 19.16
C MET A 190 -2.78 0.42 18.26
N SER A 191 -3.03 0.39 16.95
CA SER A 191 -2.12 0.99 15.99
C SER A 191 -2.08 2.51 16.05
N GLN A 192 -3.06 3.13 16.69
CA GLN A 192 -3.10 4.58 16.80
C GLN A 192 -2.36 5.11 18.01
N TYR A 193 -2.02 4.23 18.95
CA TYR A 193 -1.54 4.67 20.27
C TYR A 193 -0.23 5.46 20.21
N PHE A 194 0.62 5.16 19.24
CA PHE A 194 1.92 5.82 19.18
C PHE A 194 1.77 7.33 18.95
N ARG A 195 0.67 7.74 18.30
CA ARG A 195 0.47 9.16 18.02
C ARG A 195 0.04 9.98 19.24
N LEU A 196 -0.12 9.33 20.40
CA LEU A 196 -0.34 10.07 21.63
C LEU A 196 0.80 11.05 21.92
N PHE A 197 2.03 10.63 21.62
CA PHE A 197 3.23 11.39 22.02
C PHE A 197 4.09 11.88 20.88
N ASN A 198 4.77 13.01 21.10
CA ASN A 198 5.72 13.58 20.13
C ASN A 198 5.08 13.86 18.78
N SER A 199 3.79 14.22 18.81
CA SER A 199 2.99 14.26 17.58
C SER A 199 2.12 15.50 17.50
N THR A 200 1.85 15.91 16.28
CA THR A 200 1.07 17.10 16.03
C THR A 200 0.52 17.04 14.61
N ARG A 201 -0.47 17.86 14.34
CA ARG A 201 -1.04 17.99 13.00
C ARG A 201 -0.43 19.22 12.35
N ILE A 202 0.16 19.05 11.18
CA ILE A 202 0.76 20.16 10.45
C ILE A 202 -0.18 20.67 9.37
N PRO A 203 -0.52 21.97 9.41
CA PRO A 203 -1.38 22.55 8.36
C PRO A 203 -0.63 22.59 7.03
N ARG A 204 -1.25 22.08 5.98
CA ARG A 204 -0.68 22.12 4.62
C ARG A 204 -1.79 22.52 3.67
N PRO A 205 -1.43 23.11 2.52
CA PRO A 205 -2.48 23.40 1.53
C PRO A 205 -3.23 22.12 1.12
N ASN A 206 -4.56 22.22 1.05
CA ASN A 206 -5.46 21.13 0.61
C ASN A 206 -5.67 19.98 1.60
N ARG A 207 -4.58 19.48 2.18
CA ARG A 207 -4.66 18.35 3.10
CA ARG A 207 -4.64 18.34 3.09
C ARG A 207 -3.53 18.37 4.14
N ASP A 208 -3.90 18.33 5.41
CA ASP A 208 -2.91 18.38 6.49
C ASP A 208 -2.14 17.07 6.64
N GLU A 209 -1.06 17.11 7.40
CA GLU A 209 -0.28 15.89 7.61
C GLU A 209 -0.09 15.65 9.09
N LEU A 210 0.04 14.38 9.47
CA LEU A 210 0.34 14.04 10.85
C LEU A 210 1.83 13.79 11.01
N PHE A 211 2.44 14.47 11.98
CA PHE A 211 3.87 14.40 12.17
C PHE A 211 4.21 13.78 13.51
N THR A 212 5.20 12.89 13.55
CA THR A 212 5.70 12.30 14.79
C THR A 212 7.24 12.29 14.80
N ASP A 213 7.85 12.62 15.95
CA ASP A 213 9.30 12.44 16.14
C ASP A 213 9.61 11.74 17.45
N THR A 214 9.76 10.42 17.41
CA THR A 214 9.94 9.65 18.62
C THR A 214 11.29 9.84 19.31
N LYS A 215 12.19 10.60 18.68
CA LYS A 215 13.47 10.91 19.32
C LYS A 215 13.38 12.03 20.36
N ALA A 216 12.39 12.92 20.22
CA ALA A 216 12.34 14.12 21.09
C ALA A 216 12.17 13.78 22.57
N ARG A 217 12.78 14.59 23.44
CA ARG A 217 12.78 14.28 24.87
C ARG A 217 12.19 15.38 25.74
N HIS A 218 11.68 16.45 25.11
CA HIS A 218 11.27 17.62 25.87
C HIS A 218 9.75 17.79 25.92
N LEU A 219 9.29 18.47 26.98
CA LEU A 219 7.90 18.87 27.15
C LEU A 219 7.71 20.29 26.65
N LEU A 220 6.54 20.59 26.06
CA LEU A 220 6.15 21.97 25.76
C LEU A 220 5.20 22.45 26.84
N VAL A 221 5.45 23.65 27.39
CA VAL A 221 4.56 24.22 28.39
C VAL A 221 4.08 25.58 27.93
N LEU A 222 2.77 25.83 28.06
CA LEU A 222 2.20 27.11 27.72
C LEU A 222 1.71 27.77 28.97
N ARG A 223 2.12 29.02 29.19
CA ARG A 223 1.58 29.79 30.29
C ARG A 223 1.48 31.25 29.88
N LYS A 224 0.28 31.83 30.06
CA LYS A 224 -0.01 33.18 29.60
C LYS A 224 0.39 33.41 28.14
N GLY A 225 0.27 32.39 27.30
CA GLY A 225 0.56 32.55 25.89
C GLY A 225 2.04 32.47 25.55
N HIS A 226 2.90 32.25 26.54
CA HIS A 226 4.34 32.07 26.32
C HIS A 226 4.67 30.59 26.24
N PHE A 227 5.66 30.25 25.41
CA PHE A 227 6.06 28.87 25.16
C PHE A 227 7.36 28.53 25.88
N TYR A 228 7.38 27.43 26.60
CA TYR A 228 8.59 26.97 27.30
C TYR A 228 8.84 25.51 26.98
N VAL A 229 10.10 25.14 26.86
CA VAL A 229 10.44 23.73 26.70
C VAL A 229 11.54 23.33 27.68
N PHE A 230 11.45 22.10 28.18
CA PHE A 230 12.53 21.50 28.94
C PHE A 230 12.48 19.98 28.85
N ASP A 231 13.59 19.31 29.12
CA ASP A 231 13.67 17.85 29.02
C ASP A 231 12.91 17.14 30.15
N VAL A 232 12.11 16.13 29.80
CA VAL A 232 11.49 15.27 30.78
C VAL A 232 12.07 13.86 30.72
N LEU A 233 12.82 13.58 29.66
CA LEU A 233 13.62 12.37 29.54
C LEU A 233 15.08 12.80 29.42
N ASP A 234 15.98 12.12 30.14
CA ASP A 234 17.40 12.50 30.09
C ASP A 234 18.10 11.86 28.89
N GLN A 235 19.39 12.14 28.74
CA GLN A 235 20.16 11.61 27.62
C GLN A 235 20.21 10.08 27.56
N ASP A 236 19.92 9.43 28.69
CA ASP A 236 19.83 7.97 28.74
C ASP A 236 18.41 7.43 28.55
N GLY A 237 17.44 8.31 28.35
CA GLY A 237 16.07 7.88 28.14
C GLY A 237 15.28 7.63 29.41
N ASN A 238 15.89 7.97 30.55
CA ASN A 238 15.21 7.83 31.82
C ASN A 238 14.45 9.10 32.15
N ILE A 239 13.38 8.98 32.93
CA ILE A 239 12.58 10.14 33.27
C ILE A 239 13.39 11.08 34.16
N VAL A 240 13.37 12.36 33.85
CA VAL A 240 14.04 13.36 34.67
C VAL A 240 13.45 13.34 36.09
N ASN A 241 14.32 13.44 37.09
CA ASN A 241 13.91 13.50 38.51
C ASN A 241 12.66 14.35 38.67
N PRO A 242 11.59 13.78 39.26
CA PRO A 242 10.33 14.51 39.42
C PRO A 242 10.49 15.80 40.24
N LEU A 243 11.46 15.86 41.13
CA LEU A 243 11.69 17.08 41.92
C LEU A 243 12.33 18.19 41.08
N GLU A 244 13.04 17.80 40.03
CA GLU A 244 13.55 18.74 39.04
C GLU A 244 12.44 19.21 38.11
N ILE A 245 11.58 18.29 37.68
CA ILE A 245 10.40 18.70 36.91
C ILE A 245 9.57 19.70 37.73
N GLN A 246 9.41 19.42 39.01
CA GLN A 246 8.69 20.34 39.89
C GLN A 246 9.36 21.71 39.91
N ALA A 247 10.70 21.72 40.01
CA ALA A 247 11.44 22.98 39.99
C ALA A 247 11.21 23.76 38.71
N HIS A 248 11.26 23.07 37.57
CA HIS A 248 11.09 23.74 36.28
C HIS A 248 9.68 24.31 36.12
N LEU A 249 8.68 23.59 36.61
CA LEU A 249 7.31 24.08 36.53
C LEU A 249 7.12 25.27 37.48
N LYS A 250 7.81 25.25 38.61
CA LYS A 250 7.77 26.38 39.54
C LYS A 250 8.38 27.62 38.91
N TYR A 251 9.50 27.43 38.21
CA TYR A 251 10.14 28.49 37.44
C TYR A 251 9.18 29.12 36.44
N ILE A 252 8.46 28.29 35.70
CA ILE A 252 7.54 28.80 34.68
C ILE A 252 6.38 29.55 35.34
N LEU A 253 5.86 28.99 36.42
CA LEU A 253 4.77 29.60 37.19
C LEU A 253 5.18 30.94 37.81
N SER A 254 6.48 31.16 37.97
CA SER A 254 6.99 32.38 38.58
CA SER A 254 6.98 32.38 38.58
C SER A 254 7.26 33.48 37.55
N ASP A 255 7.06 33.16 36.27
CA ASP A 255 7.32 34.17 35.24
C ASP A 255 6.30 35.31 35.38
N SER A 256 6.76 36.54 35.27
CA SER A 256 5.88 37.69 35.52
C SER A 256 5.57 38.46 34.24
N SER A 257 6.02 37.93 33.11
CA SER A 257 5.77 38.58 31.83
C SER A 257 4.28 38.56 31.52
N PRO A 258 3.75 39.67 30.98
CA PRO A 258 2.33 39.68 30.62
C PRO A 258 2.09 38.94 29.29
N VAL A 259 0.85 38.55 29.03
CA VAL A 259 0.47 37.91 27.77
C VAL A 259 1.05 38.68 26.58
N PRO A 260 1.61 37.97 25.57
CA PRO A 260 2.19 38.67 24.43
C PRO A 260 1.17 39.56 23.71
N GLU A 261 1.65 40.59 23.03
CA GLU A 261 0.78 41.45 22.24
C GLU A 261 0.13 40.65 21.10
N PHE A 262 0.89 39.67 20.58
CA PHE A 262 0.41 38.80 19.51
C PHE A 262 0.67 37.32 19.85
N PRO A 263 -0.21 36.71 20.67
CA PRO A 263 -0.07 35.30 21.08
C PRO A 263 -0.16 34.35 19.89
N VAL A 264 0.90 33.60 19.64
CA VAL A 264 1.02 32.76 18.46
C VAL A 264 0.03 31.59 18.45
N ALA A 265 -0.35 31.10 19.63
CA ALA A 265 -1.27 29.96 19.73
C ALA A 265 -2.61 30.18 19.00
N TYR A 266 -3.01 31.45 18.82
CA TYR A 266 -4.25 31.76 18.10
C TYR A 266 -4.28 31.16 16.70
N LEU A 267 -3.11 31.05 16.06
CA LEU A 267 -3.04 30.56 14.69
C LEU A 267 -3.52 29.12 14.54
N THR A 268 -3.35 28.29 15.57
CA THR A 268 -3.81 26.90 15.50
C THR A 268 -5.33 26.77 15.48
N SER A 269 -6.05 27.87 15.73
CA SER A 269 -7.50 27.86 15.66
C SER A 269 -8.04 28.32 14.31
N GLU A 270 -7.16 28.66 13.37
CA GLU A 270 -7.65 29.18 12.09
C GLU A 270 -8.16 28.12 11.12
N ASN A 271 -8.83 28.59 10.07
CA ASN A 271 -9.05 27.80 8.86
C ASN A 271 -7.72 27.20 8.41
N ARG A 272 -7.73 25.92 8.04
CA ARG A 272 -6.49 25.20 7.79
C ARG A 272 -5.68 25.74 6.59
N ASP A 273 -6.35 26.25 5.55
CA ASP A 273 -5.61 26.85 4.43
C ASP A 273 -4.99 28.20 4.84
N VAL A 274 -5.67 28.94 5.69
CA VAL A 274 -5.13 30.20 6.20
C VAL A 274 -3.88 29.91 7.05
N TRP A 275 -4.02 28.99 8.00
CA TRP A 275 -2.92 28.62 8.88
C TRP A 275 -1.78 27.96 8.10
N ALA A 276 -2.10 27.19 7.07
CA ALA A 276 -1.05 26.56 6.26
C ALA A 276 -0.13 27.63 5.64
N GLU A 277 -0.73 28.71 5.16
CA GLU A 277 0.04 29.78 4.51
C GLU A 277 0.84 30.60 5.51
N LEU A 278 0.23 30.91 6.64
CA LEU A 278 0.91 31.65 7.69
C LEU A 278 2.09 30.86 8.27
N ARG A 279 1.94 29.54 8.37
CA ARG A 279 3.04 28.72 8.85
CA ARG A 279 3.04 28.72 8.85
C ARG A 279 4.21 28.76 7.87
N GLN A 280 3.89 28.77 6.58
CA GLN A 280 4.90 28.88 5.54
C GLN A 280 5.65 30.22 5.65
N LYS A 281 4.94 31.28 6.01
CA LYS A 281 5.57 32.57 6.24
C LYS A 281 6.48 32.57 7.48
N LEU A 282 6.04 31.87 8.52
CA LEU A 282 6.85 31.71 9.72
C LEU A 282 8.17 31.03 9.43
N ILE A 283 8.13 30.02 8.56
CA ILE A 283 9.34 29.30 8.20
C ILE A 283 10.26 30.19 7.34
N PHE A 284 9.65 30.93 6.42
CA PHE A 284 10.40 31.87 5.59
C PHE A 284 11.11 32.92 6.44
N ASP A 285 10.46 33.31 7.54
CA ASP A 285 11.02 34.29 8.48
C ASP A 285 11.95 33.67 9.55
N GLY A 286 12.36 32.42 9.35
CA GLY A 286 13.42 31.86 10.16
C GLY A 286 13.01 31.07 11.39
N ASN A 287 11.72 30.73 11.48
CA ASN A 287 11.21 30.09 12.68
C ASN A 287 11.10 28.57 12.63
N GLU A 288 11.78 27.93 11.68
CA GLU A 288 11.70 26.47 11.55
C GLU A 288 12.17 25.71 12.79
N GLU A 289 13.28 26.13 13.39
CA GLU A 289 13.80 25.43 14.55
C GLU A 289 12.86 25.54 15.75
N THR A 290 12.26 26.71 15.94
CA THR A 290 11.32 26.92 17.03
C THR A 290 10.03 26.11 16.79
N LEU A 291 9.54 26.11 15.55
CA LEU A 291 8.37 25.29 15.21
C LEU A 291 8.63 23.79 15.41
N LYS A 292 9.83 23.33 15.08
CA LYS A 292 10.16 21.91 15.25
CA LYS A 292 10.18 21.91 15.26
C LYS A 292 10.14 21.50 16.72
N LYS A 293 10.57 22.43 17.60
CA LYS A 293 10.51 22.17 19.03
C LYS A 293 9.06 22.08 19.50
N VAL A 294 8.21 22.95 18.97
CA VAL A 294 6.78 22.86 19.33
C VAL A 294 6.15 21.56 18.81
N ASP A 295 6.40 21.24 17.55
CA ASP A 295 5.82 20.05 16.91
C ASP A 295 6.22 18.73 17.57
N SER A 296 7.46 18.61 18.03
CA SER A 296 7.99 17.32 18.45
C SER A 296 7.93 17.05 19.95
N ALA A 297 7.43 18.02 20.72
CA ALA A 297 7.39 17.85 22.18
C ALA A 297 6.53 16.64 22.55
N VAL A 298 6.79 16.03 23.70
CA VAL A 298 6.07 14.81 24.10
C VAL A 298 4.54 15.05 24.12
N PHE A 299 4.13 16.20 24.65
CA PHE A 299 2.77 16.71 24.56
C PHE A 299 2.84 18.17 24.99
N CYS A 300 1.69 18.84 25.08
CA CYS A 300 1.66 20.23 25.53
C CYS A 300 0.96 20.32 26.89
N LEU A 301 1.67 20.89 27.88
CA LEU A 301 1.10 21.14 29.20
C LEU A 301 0.67 22.60 29.28
N CYS A 302 -0.59 22.85 29.63
CA CYS A 302 -1.12 24.21 29.69
C CYS A 302 -1.44 24.57 31.13
N LEU A 303 -0.76 25.59 31.64
CA LEU A 303 -0.96 26.03 33.01
C LEU A 303 -1.80 27.31 32.99
N ASP A 304 -3.08 27.18 33.32
CA ASP A 304 -3.98 28.32 33.34
C ASP A 304 -3.89 29.00 34.69
N ASP A 305 -3.94 30.33 34.70
CA ASP A 305 -3.73 31.06 35.95
C ASP A 305 -5.02 31.54 36.62
N PHE A 306 -6.07 30.74 36.55
CA PHE A 306 -7.34 31.03 37.22
C PHE A 306 -8.01 29.73 37.68
N PRO A 307 -8.82 29.79 38.75
CA PRO A 307 -9.55 28.61 39.22
C PRO A 307 -10.89 28.43 38.48
N MET A 308 -11.52 27.26 38.65
CA MET A 308 -12.79 27.00 37.97
C MET A 308 -13.96 27.46 38.86
N LYS A 309 -14.80 28.32 38.32
CA LYS A 309 -15.99 28.79 39.05
C LYS A 309 -17.01 27.68 39.23
N ASP A 310 -17.24 26.91 38.17
CA ASP A 310 -18.28 25.89 38.18
C ASP A 310 -18.11 24.97 36.98
N LEU A 311 -19.02 24.03 36.79
CA LEU A 311 -18.87 23.04 35.71
C LEU A 311 -18.98 23.63 34.31
N ILE A 312 -19.72 24.73 34.17
CA ILE A 312 -19.86 25.39 32.88
C ILE A 312 -18.56 26.10 32.52
N HIS A 313 -18.00 26.83 33.47
CA HIS A 313 -16.74 27.52 33.26
C HIS A 313 -15.65 26.49 32.94
N LEU A 314 -15.67 25.37 33.65
CA LEU A 314 -14.75 24.27 33.38
C LEU A 314 -14.87 23.84 31.92
N SER A 315 -16.09 23.58 31.46
CA SER A 315 -16.29 23.08 30.10
C SER A 315 -15.79 24.04 29.04
N HIS A 316 -16.07 25.33 29.21
CA HIS A 316 -15.58 26.33 28.27
C HIS A 316 -14.06 26.38 28.24
N THR A 317 -13.45 26.28 29.43
CA THR A 317 -12.01 26.40 29.56
C THR A 317 -11.32 25.25 28.83
N MET A 318 -11.87 24.05 29.00
CA MET A 318 -11.24 22.83 28.48
C MET A 318 -11.58 22.58 27.01
N LEU A 319 -12.76 23.01 26.60
CA LEU A 319 -13.15 22.87 25.19
C LEU A 319 -12.44 23.88 24.26
N HIS A 320 -12.23 25.11 24.73
CA HIS A 320 -11.62 26.13 23.87
C HIS A 320 -10.70 27.13 24.57
N GLY A 321 -10.98 27.46 25.82
CA GLY A 321 -10.18 28.45 26.54
C GLY A 321 -10.34 29.82 25.91
N ASP A 322 -9.36 30.71 26.11
CA ASP A 322 -9.46 32.06 25.57
C ASP A 322 -8.66 32.28 24.29
N GLY A 323 -8.05 31.21 23.79
CA GLY A 323 -7.38 31.28 22.50
C GLY A 323 -5.88 31.46 22.58
N THR A 324 -5.38 31.85 23.76
CA THR A 324 -3.96 32.18 23.90
C THR A 324 -3.10 31.04 24.44
N ASN A 325 -3.71 30.06 25.10
CA ASN A 325 -2.94 29.11 25.89
C ASN A 325 -3.16 27.62 25.57
N ARG A 326 -3.52 27.32 24.32
CA ARG A 326 -3.59 25.93 23.86
C ARG A 326 -2.94 25.81 22.49
N TRP A 327 -2.13 24.78 22.28
CA TRP A 327 -1.63 24.52 20.94
C TRP A 327 -2.55 23.47 20.32
N PHE A 328 -3.60 23.93 19.64
CA PHE A 328 -4.71 23.03 19.27
C PHE A 328 -4.30 21.87 18.35
N ASP A 329 -3.24 22.08 17.56
CA ASP A 329 -2.73 21.05 16.64
C ASP A 329 -2.09 19.85 17.33
N LYS A 330 -1.67 20.03 18.58
CA LYS A 330 -0.88 19.01 19.27
C LYS A 330 -1.77 17.77 19.44
N SER A 331 -1.17 16.60 19.49
CA SER A 331 -1.96 15.38 19.70
C SER A 331 -2.89 15.52 20.91
N PHE A 332 -2.37 16.07 22.00
CA PHE A 332 -3.21 16.49 23.10
C PHE A 332 -2.59 17.61 23.93
N ASN A 333 -3.47 18.33 24.62
CA ASN A 333 -3.08 19.35 25.57
C ASN A 333 -3.54 18.89 26.94
N LEU A 334 -2.61 18.78 27.86
CA LEU A 334 -2.95 18.50 29.26
C LEU A 334 -3.06 19.84 29.99
N ILE A 335 -4.24 20.14 30.53
CA ILE A 335 -4.51 21.45 31.09
C ILE A 335 -4.68 21.34 32.59
N VAL A 336 -3.98 22.20 33.33
CA VAL A 336 -4.13 22.24 34.78
C VAL A 336 -4.38 23.68 35.22
N ALA A 337 -5.51 23.91 35.88
CA ALA A 337 -5.93 25.22 36.32
C ALA A 337 -5.37 25.52 37.72
N GLU A 338 -5.62 26.74 38.21
CA GLU A 338 -5.00 27.22 39.45
C GLU A 338 -5.46 26.44 40.68
N ASP A 339 -6.65 25.86 40.59
CA ASP A 339 -7.19 25.05 41.68
C ASP A 339 -6.92 23.55 41.51
N GLY A 340 -6.10 23.19 40.53
CA GLY A 340 -5.76 21.79 40.35
C GLY A 340 -6.72 21.03 39.44
N THR A 341 -7.77 21.69 38.97
CA THR A 341 -8.67 21.07 37.99
C THR A 341 -7.89 20.73 36.73
N ALA A 342 -8.01 19.50 36.26
CA ALA A 342 -7.21 19.05 35.14
C ALA A 342 -8.07 18.37 34.08
N ALA A 343 -7.62 18.47 32.84
CA ALA A 343 -8.35 17.84 31.74
C ALA A 343 -7.40 17.59 30.58
N VAL A 344 -7.85 16.77 29.63
CA VAL A 344 -7.16 16.57 28.36
C VAL A 344 -8.05 17.08 27.23
N HIS A 345 -7.51 18.02 26.46
CA HIS A 345 -8.12 18.52 25.23
C HIS A 345 -7.33 17.85 24.14
N PHE A 346 -7.99 17.19 23.18
CA PHE A 346 -7.22 16.47 22.16
C PHE A 346 -7.65 16.69 20.72
N GLU A 347 -6.70 16.53 19.82
CA GLU A 347 -6.95 16.75 18.39
C GLU A 347 -7.58 15.49 17.83
N HIS A 348 -8.68 15.64 17.10
CA HIS A 348 -9.49 14.47 16.74
C HIS A 348 -8.96 13.63 15.57
N SER A 349 -8.17 14.23 14.67
CA SER A 349 -7.85 13.56 13.41
C SER A 349 -6.96 12.32 13.54
N TRP A 350 -6.15 12.22 14.60
CA TRP A 350 -5.13 11.18 14.61
C TRP A 350 -5.64 9.84 15.12
N GLY A 351 -6.83 9.84 15.68
CA GLY A 351 -7.37 8.58 16.16
C GLY A 351 -8.79 8.72 16.64
N ASP A 352 -9.32 7.62 17.15
CA ASP A 352 -10.74 7.55 17.53
C ASP A 352 -10.94 7.84 19.01
N GLY A 353 -9.87 8.07 19.75
CA GLY A 353 -10.01 8.48 21.14
C GLY A 353 -9.91 7.37 22.16
N VAL A 354 -9.89 6.12 21.71
CA VAL A 354 -9.72 5.01 22.64
C VAL A 354 -8.34 5.09 23.31
N ALA A 355 -7.33 5.48 22.54
CA ALA A 355 -5.99 5.64 23.11
C ALA A 355 -6.01 6.73 24.19
N VAL A 356 -6.79 7.77 23.95
CA VAL A 356 -6.87 8.89 24.89
C VAL A 356 -7.52 8.43 26.19
N LEU A 357 -8.58 7.63 26.08
CA LEU A 357 -9.23 7.08 27.27
C LEU A 357 -8.32 6.14 28.07
N ARG A 358 -7.56 5.30 27.38
CA ARG A 358 -6.62 4.41 28.08
C ARG A 358 -5.55 5.24 28.82
N PHE A 359 -4.99 6.21 28.10
CA PHE A 359 -4.04 7.16 28.69
C PHE A 359 -4.62 7.85 29.91
N PHE A 360 -5.82 8.41 29.72
CA PHE A 360 -6.53 9.10 30.77
C PHE A 360 -6.68 8.23 32.01
N ASN A 361 -7.17 7.00 31.84
CA ASN A 361 -7.36 6.08 32.95
C ASN A 361 -6.09 5.69 33.70
N GLU A 362 -5.03 5.38 32.95
CA GLU A 362 -3.78 4.94 33.59
C GLU A 362 -3.14 6.12 34.32
N VAL A 363 -3.19 7.29 33.72
CA VAL A 363 -2.59 8.48 34.33
C VAL A 363 -3.34 8.88 35.60
N PHE A 364 -4.67 8.84 35.57
CA PHE A 364 -5.42 9.11 36.79
C PHE A 364 -5.04 8.11 37.89
N ARG A 365 -5.03 6.83 37.58
CA ARG A 365 -4.71 5.83 38.59
C ARG A 365 -3.29 6.03 39.14
N ASP A 366 -2.32 6.20 38.24
CA ASP A 366 -0.93 6.31 38.67
C ASP A 366 -0.67 7.57 39.49
N SER A 367 -1.28 8.69 39.08
CA SER A 367 -0.99 9.97 39.74
C SER A 367 -1.67 10.12 41.08
N THR A 368 -2.75 9.36 41.30
CA THR A 368 -3.46 9.41 42.59
C THR A 368 -3.05 8.30 43.57
N GLN A 369 -2.71 7.11 43.07
CA GLN A 369 -2.36 6.01 43.95
CA GLN A 369 -2.36 6.00 43.94
C GLN A 369 -0.86 5.94 44.23
N THR A 370 -0.06 6.36 43.26
CA THR A 370 1.41 6.39 43.46
C THR A 370 2.00 7.70 42.93
N PRO A 371 1.59 8.82 43.53
CA PRO A 371 2.04 10.14 43.06
C PRO A 371 3.55 10.29 43.15
N ALA A 372 4.14 10.99 42.20
CA ALA A 372 5.59 11.20 42.19
C ALA A 372 6.04 12.09 43.35
N ILE A 373 5.29 13.15 43.61
CA ILE A 373 5.61 14.09 44.69
C ILE A 373 4.39 14.34 45.58
N THR A 374 4.62 14.98 46.73
CA THR A 374 3.55 15.32 47.67
C THR A 374 3.42 16.83 47.72
N PRO A 375 2.33 17.36 48.32
CA PRO A 375 2.26 18.82 48.43
C PRO A 375 3.33 19.42 49.36
N GLN A 376 3.97 18.58 50.17
CA GLN A 376 5.05 19.04 51.06
CA GLN A 376 5.04 19.06 51.04
C GLN A 376 6.43 18.81 50.47
N SER A 377 6.49 18.33 49.22
CA SER A 377 7.78 18.09 48.57
C SER A 377 8.49 19.39 48.23
N GLN A 378 9.78 19.47 48.59
CA GLN A 378 10.59 20.62 48.22
CA GLN A 378 10.60 20.62 48.22
C GLN A 378 11.20 20.37 46.85
N PRO A 379 11.08 21.35 45.94
CA PRO A 379 11.64 21.19 44.60
C PRO A 379 13.15 21.05 44.63
N ALA A 380 13.75 20.41 43.62
CA ALA A 380 15.20 20.25 43.58
C ALA A 380 15.85 21.63 43.49
N ALA A 381 17.08 21.73 43.98
CA ALA A 381 17.87 22.97 43.87
C ALA A 381 18.55 23.04 42.51
N THR A 382 17.82 23.45 41.49
CA THR A 382 18.43 23.52 40.18
C THR A 382 18.44 24.95 39.65
N ASN A 383 19.19 25.16 38.59
CA ASN A 383 19.17 26.43 37.89
C ASN A 383 18.25 26.30 36.70
N SER A 384 16.96 26.52 36.91
CA SER A 384 15.97 26.32 35.86
C SER A 384 16.15 27.25 34.66
N SER A 385 16.75 28.43 34.86
CA SER A 385 17.01 29.32 33.73
C SER A 385 17.98 28.72 32.72
N ALA A 386 18.78 27.75 33.15
CA ALA A 386 19.69 27.07 32.25
C ALA A 386 19.02 25.88 31.54
N SER A 387 18.03 25.28 32.21
CA SER A 387 17.40 24.04 31.73
C SER A 387 16.08 24.27 30.98
N VAL A 388 15.47 25.42 31.21
CA VAL A 388 14.21 25.76 30.55
C VAL A 388 14.46 26.81 29.49
N GLU A 389 14.05 26.54 28.25
CA GLU A 389 14.20 27.52 27.18
C GLU A 389 12.87 28.21 26.96
N THR A 390 12.88 29.54 26.98
CA THR A 390 11.69 30.27 26.62
C THR A 390 11.73 30.54 25.13
N LEU A 391 10.75 30.02 24.39
CA LEU A 391 10.76 30.15 22.94
C LEU A 391 10.35 31.54 22.48
N SER A 392 10.93 32.01 21.38
CA SER A 392 10.53 33.27 20.78
C SER A 392 10.36 33.13 19.28
N PHE A 393 9.31 33.74 18.77
CA PHE A 393 8.99 33.73 17.34
C PHE A 393 9.32 35.08 16.73
N ASN A 394 9.99 35.05 15.59
CA ASN A 394 10.23 36.26 14.81
C ASN A 394 9.02 36.51 13.93
N LEU A 395 8.24 37.54 14.27
CA LEU A 395 6.96 37.80 13.61
C LEU A 395 7.00 38.99 12.66
N SER A 396 6.79 38.73 11.38
CA SER A 396 6.67 39.79 10.38
C SER A 396 5.38 40.58 10.59
N GLY A 397 5.23 41.67 9.84
CA GLY A 397 4.00 42.44 9.89
C GLY A 397 2.82 41.62 9.39
N ALA A 398 3.06 40.76 8.42
CA ALA A 398 2.02 39.88 7.89
C ALA A 398 1.53 38.88 8.95
N LEU A 399 2.46 38.34 9.73
CA LEU A 399 2.12 37.43 10.83
C LEU A 399 1.32 38.11 11.94
N LYS A 400 1.71 39.32 12.33
CA LYS A 400 0.98 40.05 13.37
C LYS A 400 -0.46 40.35 12.95
N ALA A 401 -0.65 40.64 11.68
CA ALA A 401 -1.99 40.87 11.14
C ALA A 401 -2.79 39.56 11.14
N GLY A 402 -2.12 38.46 10.81
CA GLY A 402 -2.74 37.15 10.83
C GLY A 402 -3.21 36.75 12.23
N ILE A 403 -2.36 37.01 13.23
CA ILE A 403 -2.73 36.72 14.60
C ILE A 403 -3.91 37.56 15.06
N THR A 404 -3.92 38.83 14.67
CA THR A 404 -5.06 39.69 14.99
C THR A 404 -6.35 39.18 14.35
N ALA A 405 -6.25 38.73 13.10
CA ALA A 405 -7.41 38.21 12.38
C ALA A 405 -7.87 36.90 13.00
N ALA A 406 -6.91 36.08 13.42
CA ALA A 406 -7.23 34.79 14.04
C ALA A 406 -7.94 35.01 15.36
N LYS A 407 -7.46 35.96 16.14
CA LYS A 407 -8.09 36.28 17.41
C LYS A 407 -9.54 36.77 17.22
N GLU A 408 -9.75 37.57 16.19
CA GLU A 408 -11.08 38.10 15.90
C GLU A 408 -12.08 36.97 15.61
N LYS A 409 -11.70 36.08 14.71
CA LYS A 409 -12.52 34.94 14.34
C LYS A 409 -12.78 34.02 15.52
N PHE A 410 -11.74 33.75 16.30
CA PHE A 410 -11.86 32.89 17.48
C PHE A 410 -12.85 33.48 18.48
N ASP A 411 -12.66 34.75 18.82
CA ASP A 411 -13.51 35.42 19.81
C ASP A 411 -14.99 35.48 19.41
N THR A 412 -15.25 35.78 18.14
CA THR A 412 -16.64 35.88 17.70
C THR A 412 -17.33 34.51 17.75
N THR A 413 -16.65 33.49 17.28
CA THR A 413 -17.20 32.13 17.28
C THR A 413 -17.43 31.58 18.67
N VAL A 414 -16.38 31.60 19.49
CA VAL A 414 -16.47 31.07 20.85
C VAL A 414 -17.61 31.71 21.63
N LYS A 415 -17.86 32.98 21.38
CA LYS A 415 -18.92 33.69 22.09
C LYS A 415 -20.31 33.13 21.79
N THR A 416 -20.49 32.45 20.66
CA THR A 416 -21.80 31.93 20.28
C THR A 416 -22.14 30.58 20.93
N LEU A 417 -21.20 30.01 21.67
CA LEU A 417 -21.35 28.67 22.24
C LEU A 417 -21.90 28.71 23.65
N SER A 418 -22.92 27.89 23.94
CA SER A 418 -23.40 27.72 25.31
C SER A 418 -23.24 26.26 25.74
N ILE A 419 -23.07 26.04 27.04
CA ILE A 419 -22.89 24.71 27.59
C ILE A 419 -23.69 24.58 28.89
N ASP A 420 -24.29 23.43 29.13
CA ASP A 420 -24.98 23.17 30.38
C ASP A 420 -24.81 21.72 30.76
N SER A 421 -24.87 21.42 32.05
CA SER A 421 -24.84 20.02 32.50
C SER A 421 -25.95 19.69 33.49
N ILE A 422 -26.20 18.40 33.66
CA ILE A 422 -27.18 17.94 34.62
C ILE A 422 -26.66 16.69 35.30
N GLN A 423 -27.03 16.51 36.56
CA GLN A 423 -26.77 15.28 37.28
C GLN A 423 -28.13 14.75 37.76
N PHE A 424 -28.65 13.74 37.08
CA PHE A 424 -29.96 13.16 37.39
C PHE A 424 -29.76 12.04 38.41
N GLN A 425 -30.20 12.26 39.64
CA GLN A 425 -29.81 11.37 40.74
C GLN A 425 -30.86 10.36 41.19
N ARG A 426 -31.93 10.23 40.40
CA ARG A 426 -32.99 9.31 40.78
C ARG A 426 -32.62 7.85 40.60
N GLY A 427 -31.74 7.57 39.66
CA GLY A 427 -31.27 6.22 39.42
C GLY A 427 -30.37 6.18 38.20
N GLY A 428 -29.82 5.00 37.93
CA GLY A 428 -28.94 4.82 36.79
C GLY A 428 -28.94 3.38 36.31
N LYS A 429 -27.76 2.83 36.05
CA LYS A 429 -27.64 1.49 35.48
C LYS A 429 -28.27 0.38 36.31
N GLU A 430 -28.07 0.42 37.63
CA GLU A 430 -28.55 -0.64 38.49
C GLU A 430 -30.07 -0.81 38.39
N PHE A 431 -30.80 0.30 38.52
CA PHE A 431 -32.25 0.27 38.38
C PHE A 431 -32.68 -0.17 36.97
N LEU A 432 -32.07 0.41 35.95
CA LEU A 432 -32.45 0.10 34.58
C LEU A 432 -32.21 -1.36 34.23
N LYS A 433 -31.10 -1.91 34.72
CA LYS A 433 -30.82 -3.33 34.48
C LYS A 433 -31.84 -4.24 35.19
N LYS A 434 -32.29 -3.86 36.37
CA LYS A 434 -33.32 -4.62 37.06
C LYS A 434 -34.61 -4.64 36.23
N LYS A 435 -34.88 -3.56 35.51
CA LYS A 435 -36.04 -3.50 34.62
C LYS A 435 -35.78 -4.15 33.26
N GLN A 436 -34.63 -4.82 33.15
CA GLN A 436 -34.24 -5.53 31.93
CA GLN A 436 -34.25 -5.53 31.92
C GLN A 436 -34.11 -4.63 30.70
N LEU A 437 -33.68 -3.39 30.91
CA LEU A 437 -33.49 -2.47 29.80
C LEU A 437 -32.01 -2.16 29.61
N SER A 438 -31.63 -1.83 28.38
CA SER A 438 -30.31 -1.29 28.12
C SER A 438 -30.24 0.14 28.61
N PRO A 439 -29.31 0.43 29.54
CA PRO A 439 -29.21 1.81 30.04
C PRO A 439 -28.85 2.79 28.94
N ASP A 440 -28.03 2.36 27.96
CA ASP A 440 -27.68 3.24 26.86
C ASP A 440 -28.93 3.58 26.01
N ALA A 441 -29.77 2.60 25.75
CA ALA A 441 -30.98 2.80 24.96
C ALA A 441 -31.91 3.81 25.66
N VAL A 442 -31.95 3.74 26.98
CA VAL A 442 -32.81 4.63 27.76
C VAL A 442 -32.35 6.08 27.68
N ALA A 443 -31.03 6.30 27.76
CA ALA A 443 -30.52 7.65 27.59
C ALA A 443 -30.88 8.17 26.20
N GLN A 444 -30.67 7.34 25.19
CA GLN A 444 -30.92 7.79 23.81
C GLN A 444 -32.42 8.09 23.60
N LEU A 445 -33.28 7.24 24.15
CA LEU A 445 -34.73 7.51 24.13
C LEU A 445 -35.07 8.88 24.74
N ALA A 446 -34.43 9.20 25.87
CA ALA A 446 -34.68 10.48 26.52
C ALA A 446 -34.34 11.68 25.66
N PHE A 447 -33.24 11.60 24.89
CA PHE A 447 -32.88 12.68 23.98
C PHE A 447 -33.89 12.80 22.85
N GLN A 448 -34.35 11.67 22.31
CA GLN A 448 -35.37 11.69 21.24
C GLN A 448 -36.64 12.32 21.81
N MET A 449 -37.01 11.92 23.01
CA MET A 449 -38.26 12.39 23.63
C MET A 449 -38.17 13.89 23.91
N ALA A 450 -37.02 14.33 24.41
CA ALA A 450 -36.84 15.74 24.71
C ALA A 450 -36.89 16.60 23.46
N PHE A 451 -36.30 16.12 22.37
CA PHE A 451 -36.31 16.90 21.14
C PHE A 451 -37.73 17.01 20.56
N LEU A 452 -38.49 15.93 20.63
CA LEU A 452 -39.86 15.94 20.15
C LEU A 452 -40.68 16.93 20.99
N ARG A 453 -40.55 16.83 22.30
CA ARG A 453 -41.32 17.71 23.21
C ARG A 453 -41.00 19.19 23.00
N GLN A 454 -39.72 19.50 22.86
CA GLN A 454 -39.32 20.89 22.81
C GLN A 454 -39.41 21.49 21.41
N TYR A 455 -39.14 20.70 20.38
CA TYR A 455 -39.08 21.21 19.01
C TYR A 455 -40.09 20.58 18.03
N GLY A 456 -40.75 19.50 18.44
CA GLY A 456 -41.82 18.92 17.64
C GLY A 456 -41.37 18.08 16.47
N GLN A 457 -40.09 17.71 16.45
CA GLN A 457 -39.55 16.99 15.30
C GLN A 457 -38.80 15.72 15.69
N THR A 458 -38.62 14.84 14.71
CA THR A 458 -37.67 13.73 14.81
C THR A 458 -36.52 14.11 13.89
N VAL A 459 -35.29 14.05 14.38
CA VAL A 459 -34.17 14.52 13.55
C VAL A 459 -33.03 13.50 13.51
N ALA A 460 -32.12 13.71 12.55
CA ALA A 460 -30.94 12.88 12.39
C ALA A 460 -30.13 12.84 13.68
N THR A 461 -29.80 11.64 14.12
CA THR A 461 -29.14 11.42 15.42
C THR A 461 -27.95 10.49 15.21
N TYR A 462 -26.83 10.83 15.82
CA TYR A 462 -25.57 10.09 15.67
C TYR A 462 -25.12 9.59 17.04
N GLU A 463 -24.81 8.30 17.15
CA GLU A 463 -24.13 7.80 18.34
C GLU A 463 -22.90 7.00 17.88
N SER A 464 -21.71 7.31 18.42
CA SER A 464 -20.51 6.61 17.98
C SER A 464 -20.39 5.22 18.61
N CYS A 465 -19.83 4.28 17.86
CA CYS A 465 -19.54 2.95 18.37
C CYS A 465 -18.18 2.53 17.83
N SER A 466 -17.37 1.88 18.65
CA SER A 466 -16.03 1.48 18.22
C SER A 466 -16.06 0.20 17.38
N THR A 467 -15.31 0.19 16.28
CA THR A 467 -15.07 -1.07 15.58
C THR A 467 -13.62 -1.53 15.80
N ALA A 468 -13.08 -1.17 16.96
CA ALA A 468 -11.70 -1.48 17.29
C ALA A 468 -11.45 -2.96 17.60
N ALA A 469 -12.50 -3.78 17.61
CA ALA A 469 -12.31 -5.23 17.70
C ALA A 469 -11.66 -5.80 16.41
N PHE A 470 -11.61 -4.98 15.36
CA PHE A 470 -11.04 -5.40 14.09
C PHE A 470 -9.74 -4.69 13.75
N LYS A 471 -8.93 -5.33 12.91
CA LYS A 471 -7.65 -4.79 12.48
C LYS A 471 -7.84 -3.42 11.86
N HIS A 472 -7.15 -2.42 12.40
CA HIS A 472 -7.31 -1.03 11.97
C HIS A 472 -8.76 -0.60 11.97
N GLY A 473 -9.53 -1.13 12.90
CA GLY A 473 -10.92 -0.73 13.07
C GLY A 473 -10.97 0.70 13.56
N ARG A 474 -12.08 1.38 13.29
CA ARG A 474 -12.25 2.77 13.67
C ARG A 474 -13.55 2.92 14.45
N THR A 475 -14.51 3.62 13.86
CA THR A 475 -15.83 3.73 14.49
C THR A 475 -16.89 3.43 13.45
N GLU A 476 -18.11 3.17 13.93
CA GLU A 476 -19.27 3.02 13.07
C GLU A 476 -20.42 3.80 13.73
N THR A 477 -21.38 4.27 12.94
CA THR A 477 -22.48 5.05 13.50
C THR A 477 -23.63 4.16 13.97
N ILE A 478 -24.03 4.32 15.22
CA ILE A 478 -25.30 3.76 15.67
C ILE A 478 -26.35 4.83 15.41
N ARG A 479 -27.48 4.45 14.82
CA ARG A 479 -28.54 5.42 14.54
C ARG A 479 -29.68 5.22 15.56
N PRO A 480 -29.67 5.99 16.64
CA PRO A 480 -30.64 5.71 17.72
C PRO A 480 -32.08 6.13 17.37
N ALA A 481 -32.27 7.01 16.39
CA ALA A 481 -33.62 7.44 16.04
C ALA A 481 -34.23 6.35 15.16
N SER A 482 -35.16 5.58 15.72
CA SER A 482 -35.74 4.42 15.04
C SER A 482 -37.24 4.59 15.01
N ILE A 483 -37.94 3.72 14.27
CA ILE A 483 -39.40 3.75 14.32
C ILE A 483 -39.90 3.50 15.74
N PHE A 484 -39.10 2.81 16.55
CA PHE A 484 -39.49 2.48 17.92
C PHE A 484 -39.36 3.65 18.89
N THR A 485 -38.26 4.40 18.79
CA THR A 485 -38.12 5.59 19.63
C THR A 485 -39.11 6.65 19.19
N LYS A 486 -39.41 6.68 17.90
CA LYS A 486 -40.35 7.70 17.42
C LYS A 486 -41.74 7.40 17.99
N ARG A 487 -42.13 6.14 17.95
CA ARG A 487 -43.41 5.67 18.46
CA ARG A 487 -43.43 5.72 18.46
C ARG A 487 -43.51 5.90 19.97
N CYS A 488 -42.46 5.52 20.68
CA CYS A 488 -42.40 5.70 22.13
C CYS A 488 -42.42 7.18 22.54
N SER A 489 -41.62 8.01 21.89
CA SER A 489 -41.60 9.44 22.18
C SER A 489 -43.00 10.04 21.99
N GLU A 490 -43.65 9.68 20.90
CA GLU A 490 -44.96 10.25 20.62
C GLU A 490 -45.98 9.80 21.69
N ALA A 491 -45.84 8.55 22.14
CA ALA A 491 -46.68 8.01 23.22
C ALA A 491 -46.56 8.80 24.52
N PHE A 492 -45.32 9.11 24.92
CA PHE A 492 -45.09 9.87 26.14
C PHE A 492 -45.51 11.33 25.99
N VAL A 493 -45.32 11.89 24.81
CA VAL A 493 -45.35 13.34 24.67
C VAL A 493 -46.67 13.94 24.19
N ARG A 494 -47.24 13.41 23.11
CA ARG A 494 -48.39 14.04 22.47
C ARG A 494 -49.59 14.20 23.40
N ASP A 495 -49.98 13.11 24.04
CA ASP A 495 -51.03 13.11 25.06
C ASP A 495 -50.54 12.21 26.18
N PRO A 496 -49.90 12.78 27.19
CA PRO A 496 -49.23 11.95 28.20
C PRO A 496 -50.17 10.98 28.94
N SER A 497 -51.46 11.31 29.03
CA SER A 497 -52.37 10.43 29.78
C SER A 497 -52.92 9.29 28.91
N LYS A 498 -52.54 9.26 27.64
CA LYS A 498 -53.14 8.31 26.70
C LYS A 498 -52.86 6.82 27.00
N HIS A 499 -51.59 6.46 27.13
CA HIS A 499 -51.20 5.06 27.29
C HIS A 499 -51.09 4.62 28.74
N SER A 500 -51.40 3.36 29.01
CA SER A 500 -51.23 2.80 30.34
C SER A 500 -49.74 2.60 30.64
N VAL A 501 -49.35 2.48 31.91
CA VAL A 501 -47.93 2.22 32.21
C VAL A 501 -47.45 0.91 31.59
N GLY A 502 -48.33 -0.08 31.50
CA GLY A 502 -47.98 -1.36 30.87
C GLY A 502 -47.66 -1.22 29.40
N GLU A 503 -48.44 -0.41 28.69
CA GLU A 503 -48.16 -0.08 27.29
C GLU A 503 -46.85 0.70 27.14
N LEU A 504 -46.61 1.67 28.01
CA LEU A 504 -45.38 2.45 27.97
C LEU A 504 -44.14 1.57 28.24
N GLN A 505 -44.26 0.67 29.22
CA GLN A 505 -43.19 -0.30 29.50
C GLN A 505 -42.88 -1.19 28.30
N HIS A 506 -43.93 -1.68 27.63
CA HIS A 506 -43.75 -2.49 26.42
C HIS A 506 -43.04 -1.71 25.29
N MET A 507 -43.43 -0.45 25.10
CA MET A 507 -42.78 0.37 24.07
C MET A 507 -41.31 0.64 24.37
N MET A 508 -40.98 0.94 25.62
CA MET A 508 -39.58 1.12 25.99
C MET A 508 -38.76 -0.16 25.81
N ALA A 509 -39.39 -1.29 26.11
CA ALA A 509 -38.74 -2.57 25.88
C ALA A 509 -38.44 -2.81 24.39
N GLU A 510 -39.34 -2.38 23.50
CA GLU A 510 -39.06 -2.44 22.07
C GLU A 510 -37.90 -1.55 21.65
N CYS A 511 -37.83 -0.33 22.18
CA CYS A 511 -36.74 0.59 21.84
C CYS A 511 -35.42 -0.03 22.26
N SER A 512 -35.43 -0.59 23.47
CA SER A 512 -34.22 -1.16 24.07
C SER A 512 -33.72 -2.36 23.28
N LYS A 513 -34.63 -3.24 22.91
CA LYS A 513 -34.29 -4.40 22.11
CA LYS A 513 -34.30 -4.41 22.12
C LYS A 513 -33.70 -4.03 20.76
N TYR A 514 -34.30 -3.06 20.09
CA TYR A 514 -33.81 -2.65 18.77
C TYR A 514 -32.47 -1.92 18.88
N HIS A 515 -32.34 -1.04 19.87
CA HIS A 515 -31.10 -0.32 20.09
C HIS A 515 -29.95 -1.31 20.36
N GLY A 516 -30.26 -2.37 21.12
CA GLY A 516 -29.28 -3.42 21.39
C GLY A 516 -28.84 -4.12 20.12
N GLN A 517 -29.80 -4.41 19.24
CA GLN A 517 -29.50 -5.02 17.96
C GLN A 517 -28.61 -4.11 17.11
N LEU A 518 -28.95 -2.81 17.05
CA LEU A 518 -28.15 -1.85 16.28
C LEU A 518 -26.74 -1.69 16.83
N THR A 519 -26.63 -1.74 18.16
CA THR A 519 -25.33 -1.61 18.83
C THR A 519 -24.43 -2.80 18.50
N LYS A 520 -24.98 -4.00 18.64
CA LYS A 520 -24.23 -5.20 18.31
C LYS A 520 -23.80 -5.23 16.84
N GLU A 521 -24.73 -4.86 15.95
CA GLU A 521 -24.41 -4.78 14.52
C GLU A 521 -23.30 -3.78 14.23
N ALA A 522 -23.38 -2.61 14.84
CA ALA A 522 -22.40 -1.56 14.60
C ALA A 522 -21.01 -2.02 15.03
N ALA A 523 -20.94 -2.68 16.20
CA ALA A 523 -19.67 -3.12 16.76
C ALA A 523 -19.02 -4.18 15.87
N MET A 524 -19.84 -4.85 15.08
CA MET A 524 -19.41 -5.92 14.17
CA MET A 524 -19.37 -5.91 14.18
C MET A 524 -19.22 -5.44 12.74
N GLY A 525 -19.26 -4.12 12.53
CA GLY A 525 -19.08 -3.56 11.20
C GLY A 525 -20.31 -3.62 10.32
N GLN A 526 -21.47 -3.87 10.90
CA GLN A 526 -22.70 -4.02 10.11
C GLN A 526 -23.66 -2.84 10.24
N GLY A 527 -23.13 -1.64 10.51
CA GLY A 527 -23.91 -0.42 10.27
C GLY A 527 -23.92 -0.17 8.77
N PHE A 528 -24.49 0.95 8.35
CA PHE A 528 -24.54 1.29 6.93
C PHE A 528 -23.72 2.53 6.59
N ASP A 529 -23.44 3.36 7.59
CA ASP A 529 -22.88 4.68 7.33
C ASP A 529 -21.47 4.60 6.72
N ARG A 530 -20.59 3.80 7.32
CA ARG A 530 -19.21 3.74 6.82
C ARG A 530 -19.15 3.08 5.43
N HIS A 531 -19.98 2.07 5.23
CA HIS A 531 -20.02 1.40 3.93
C HIS A 531 -20.44 2.39 2.84
N LEU A 532 -21.52 3.13 3.07
CA LEU A 532 -21.95 4.11 2.07
C LEU A 532 -20.93 5.23 1.89
N TYR A 533 -20.24 5.60 2.97
CA TYR A 533 -19.20 6.61 2.84
C TYR A 533 -18.04 6.10 1.98
N ALA A 534 -17.64 4.86 2.19
CA ALA A 534 -16.53 4.27 1.43
C ALA A 534 -16.85 4.19 -0.06
N LEU A 535 -18.09 3.88 -0.40
CA LEU A 535 -18.51 3.86 -1.81
C LEU A 535 -18.47 5.25 -2.43
N ARG A 536 -18.90 6.25 -1.67
CA ARG A 536 -18.87 7.63 -2.13
C ARG A 536 -17.41 8.09 -2.35
N TYR A 537 -16.55 7.71 -1.42
CA TYR A 537 -15.15 8.09 -1.47
C TYR A 537 -14.47 7.47 -2.70
N LEU A 538 -14.78 6.21 -2.95
CA LEU A 538 -14.24 5.51 -4.11
C LEU A 538 -14.69 6.18 -5.40
N ALA A 539 -15.94 6.62 -5.44
CA ALA A 539 -16.46 7.33 -6.61
C ALA A 539 -15.72 8.64 -6.83
N THR A 540 -15.62 9.45 -5.78
CA THR A 540 -14.95 10.74 -5.89
C THR A 540 -13.44 10.63 -6.16
N ALA A 541 -12.78 9.62 -5.58
CA ALA A 541 -11.35 9.42 -5.82
C ALA A 541 -11.04 9.05 -7.27
N ARG A 542 -12.01 8.46 -7.95
CA ARG A 542 -11.82 8.09 -9.33
C ARG A 542 -12.51 9.07 -10.27
N GLY A 543 -12.82 10.27 -9.75
CA GLY A 543 -13.35 11.35 -10.55
C GLY A 543 -14.66 11.06 -11.25
N LEU A 544 -15.50 10.25 -10.61
CA LEU A 544 -16.83 9.96 -11.11
C LEU A 544 -17.83 11.00 -10.62
N ASN A 545 -18.86 11.26 -11.41
CA ASN A 545 -19.97 12.06 -10.92
C ASN A 545 -20.58 11.37 -9.71
N LEU A 546 -20.92 12.17 -8.71
CA LEU A 546 -21.57 11.67 -7.52
C LEU A 546 -22.84 10.92 -7.91
N PRO A 547 -22.98 9.66 -7.49
CA PRO A 547 -24.22 8.94 -7.78
C PRO A 547 -25.45 9.66 -7.17
N GLU A 548 -26.61 9.45 -7.79
CA GLU A 548 -27.83 10.17 -7.44
C GLU A 548 -28.27 9.92 -5.98
N LEU A 549 -27.99 8.73 -5.47
CA LEU A 549 -28.23 8.41 -4.06
C LEU A 549 -27.70 9.49 -3.11
N TYR A 550 -26.51 10.01 -3.42
CA TYR A 550 -25.83 10.96 -2.56
C TYR A 550 -26.26 12.40 -2.81
N LEU A 551 -26.95 12.63 -3.92
CA LEU A 551 -27.47 13.96 -4.26
C LEU A 551 -28.85 14.16 -3.64
N ASP A 552 -29.47 13.05 -3.25
CA ASP A 552 -30.75 13.03 -2.56
C ASP A 552 -30.68 13.88 -1.28
N PRO A 553 -31.60 14.84 -1.14
CA PRO A 553 -31.71 15.64 0.10
C PRO A 553 -31.81 14.77 1.34
N ALA A 554 -32.38 13.57 1.22
CA ALA A 554 -32.47 12.64 2.35
C ALA A 554 -31.09 12.22 2.83
N TYR A 555 -30.16 11.98 1.88
CA TYR A 555 -28.81 11.60 2.27
C TYR A 555 -28.13 12.74 3.02
N GLN A 556 -28.28 13.97 2.53
CA GLN A 556 -27.70 15.13 3.19
CA GLN A 556 -27.70 15.13 3.19
C GLN A 556 -28.28 15.31 4.59
N GLN A 557 -29.60 15.12 4.70
CA GLN A 557 -30.29 15.27 5.97
C GLN A 557 -29.81 14.23 6.99
N MET A 558 -29.64 12.99 6.54
CA MET A 558 -29.17 11.90 7.40
C MET A 558 -27.76 12.20 7.93
N ASN A 559 -27.00 13.00 7.19
CA ASN A 559 -25.63 13.32 7.58
C ASN A 559 -25.44 14.73 8.14
N HIS A 560 -26.57 15.34 8.49
CA HIS A 560 -26.60 16.64 9.14
C HIS A 560 -27.12 16.37 10.56
N ASN A 561 -26.20 15.99 11.44
CA ASN A 561 -26.55 15.38 12.72
C ASN A 561 -26.88 16.37 13.82
N ILE A 562 -28.16 16.70 13.91
CA ILE A 562 -28.62 17.68 14.89
C ILE A 562 -28.40 17.18 16.31
N LEU A 563 -28.66 15.91 16.55
CA LEU A 563 -28.36 15.31 17.83
C LEU A 563 -27.10 14.47 17.67
N SER A 564 -25.98 15.00 18.14
CA SER A 564 -24.72 14.26 18.05
C SER A 564 -24.32 13.84 19.48
N THR A 565 -24.17 12.54 19.70
CA THR A 565 -24.02 12.07 21.07
C THR A 565 -22.81 11.17 21.23
N SER A 566 -22.27 11.12 22.43
CA SER A 566 -21.14 10.23 22.72
C SER A 566 -21.12 9.91 24.19
N THR A 567 -20.73 8.68 24.53
CA THR A 567 -20.60 8.32 25.93
C THR A 567 -19.35 7.48 26.23
N LEU A 568 -18.98 7.44 27.50
CA LEU A 568 -17.97 6.50 27.95
C LEU A 568 -18.15 6.26 29.43
N ASN A 569 -17.58 5.17 29.93
CA ASN A 569 -17.66 4.84 31.34
C ASN A 569 -16.26 4.76 31.94
N SER A 570 -15.95 5.64 32.89
CA SER A 570 -14.65 5.60 33.56
C SER A 570 -14.67 6.31 34.91
N PRO A 571 -14.12 5.66 35.94
CA PRO A 571 -13.98 6.28 37.27
C PRO A 571 -12.99 7.47 37.27
N ALA A 572 -12.22 7.63 36.20
CA ALA A 572 -11.26 8.73 36.11
C ALA A 572 -11.89 10.01 35.58
N VAL A 573 -13.03 9.90 34.90
CA VAL A 573 -13.59 11.03 34.17
C VAL A 573 -14.73 11.70 34.93
N SER A 574 -14.59 12.99 35.19
CA SER A 574 -15.63 13.74 35.87
C SER A 574 -16.70 14.13 34.85
N LEU A 575 -16.28 14.67 33.71
CA LEU A 575 -17.17 14.92 32.59
C LEU A 575 -16.39 15.14 31.32
N GLY A 576 -17.08 15.02 30.18
CA GLY A 576 -16.46 15.27 28.88
C GLY A 576 -17.32 16.25 28.12
N GLY A 577 -16.89 16.64 26.93
CA GLY A 577 -17.68 17.59 26.18
C GLY A 577 -17.17 17.82 24.78
N PHE A 578 -18.08 18.28 23.93
CA PHE A 578 -17.73 18.61 22.55
C PHE A 578 -18.81 19.53 22.01
N ALA A 579 -18.44 20.32 21.01
CA ALA A 579 -19.35 21.31 20.46
C ALA A 579 -20.26 20.61 19.46
N PRO A 580 -21.38 21.28 19.06
CA PRO A 580 -22.22 20.61 18.06
C PRO A 580 -21.48 20.49 16.74
N VAL A 581 -21.87 19.50 15.94
CA VAL A 581 -21.19 19.30 14.65
C VAL A 581 -21.86 20.05 13.50
N VAL A 582 -23.02 20.64 13.76
CA VAL A 582 -23.72 21.49 12.80
C VAL A 582 -24.24 22.72 13.54
N PRO A 583 -24.47 23.84 12.83
CA PRO A 583 -24.85 25.09 13.49
C PRO A 583 -26.15 25.00 14.28
N ASP A 584 -27.08 24.18 13.81
CA ASP A 584 -28.35 24.06 14.52
C ASP A 584 -28.41 22.79 15.37
N GLY A 585 -27.26 22.31 15.81
CA GLY A 585 -27.20 21.05 16.53
C GLY A 585 -26.88 21.16 18.02
N PHE A 586 -26.92 20.01 18.68
CA PHE A 586 -26.44 19.85 20.05
C PHE A 586 -25.26 18.89 20.04
N GLY A 587 -24.28 19.14 20.89
CA GLY A 587 -23.24 18.17 21.17
C GLY A 587 -23.49 17.59 22.56
N ILE A 588 -23.80 16.30 22.62
CA ILE A 588 -24.30 15.68 23.84
C ILE A 588 -23.35 14.62 24.36
N ALA A 589 -22.68 14.91 25.47
CA ALA A 589 -21.84 13.92 26.14
C ALA A 589 -22.60 13.43 27.36
N TYR A 590 -22.70 12.12 27.52
CA TYR A 590 -23.49 11.60 28.64
C TYR A 590 -22.83 10.37 29.21
N ALA A 591 -23.25 10.01 30.41
CA ALA A 591 -22.75 8.80 31.04
C ALA A 591 -23.80 8.27 31.98
N VAL A 592 -24.08 6.98 31.88
CA VAL A 592 -25.00 6.35 32.82
C VAL A 592 -24.17 5.61 33.87
N HIS A 593 -24.18 6.12 35.09
CA HIS A 593 -23.48 5.51 36.21
C HIS A 593 -24.41 4.54 36.94
N ASP A 594 -23.91 3.86 37.97
CA ASP A 594 -24.72 2.90 38.69
C ASP A 594 -25.98 3.51 39.30
N ASP A 595 -25.85 4.71 39.84
CA ASP A 595 -26.92 5.34 40.64
C ASP A 595 -27.39 6.68 40.09
N TRP A 596 -26.82 7.13 38.98
CA TRP A 596 -27.21 8.44 38.47
C TRP A 596 -26.84 8.59 37.00
N ILE A 597 -27.34 9.64 36.37
CA ILE A 597 -27.07 9.91 34.96
C ILE A 597 -26.55 11.32 34.77
N GLY A 598 -25.46 11.48 34.03
CA GLY A 598 -24.91 12.80 33.79
C GLY A 598 -24.91 13.14 32.31
N CYS A 599 -25.20 14.40 31.99
CA CYS A 599 -25.11 14.89 30.61
C CYS A 599 -24.42 16.24 30.59
N ASN A 600 -23.63 16.48 29.55
CA ASN A 600 -23.02 17.77 29.34
C ASN A 600 -23.31 18.14 27.89
N VAL A 601 -24.09 19.21 27.70
CA VAL A 601 -24.63 19.52 26.37
C VAL A 601 -24.18 20.89 25.90
N SER A 602 -23.77 20.97 24.63
CA SER A 602 -23.39 22.24 24.03
C SER A 602 -24.38 22.63 22.93
N SER A 603 -24.45 23.93 22.64
CA SER A 603 -25.30 24.44 21.58
C SER A 603 -24.73 25.75 21.07
N TYR A 604 -25.08 26.11 19.84
CA TYR A 604 -24.83 27.46 19.37
C TYR A 604 -26.10 28.30 19.53
N SER A 605 -25.97 29.59 19.25
N SER A 605 -26.06 29.55 19.12
CA SER A 605 -27.10 30.49 19.29
CA SER A 605 -27.20 30.47 19.29
C SER A 605 -28.07 30.09 18.21
C SER A 605 -28.59 29.95 18.88
N GLY A 606 -29.29 29.77 18.64
N GLY A 606 -28.65 29.09 17.88
CA GLY A 606 -30.24 29.10 17.78
CA GLY A 606 -29.92 28.63 17.33
C GLY A 606 -30.89 28.02 18.61
C GLY A 606 -30.70 27.65 18.20
N ARG A 607 -30.07 27.22 19.29
CA ARG A 607 -30.64 26.26 20.22
C ARG A 607 -30.22 26.70 21.60
N ASN A 608 -30.66 25.98 22.62
CA ASN A 608 -30.36 26.38 23.99
C ASN A 608 -30.08 25.11 24.79
N ALA A 609 -28.81 24.90 25.13
CA ALA A 609 -28.41 23.68 25.83
C ALA A 609 -29.09 23.52 27.18
N ARG A 610 -29.16 24.60 27.96
CA ARG A 610 -29.77 24.49 29.28
C ARG A 610 -31.26 24.12 29.18
N GLU A 611 -31.97 24.73 28.24
CA GLU A 611 -33.39 24.43 28.06
C GLU A 611 -33.60 23.01 27.57
N PHE A 612 -32.70 22.53 26.70
CA PHE A 612 -32.78 21.14 26.28
C PHE A 612 -32.65 20.18 27.45
N LEU A 613 -31.72 20.48 28.37
CA LEU A 613 -31.56 19.65 29.56
C LEU A 613 -32.74 19.76 30.56
N HIS A 614 -33.44 20.89 30.59
CA HIS A 614 -34.69 20.92 31.37
C HIS A 614 -35.61 19.82 30.85
N CYS A 615 -35.67 19.69 29.53
CA CYS A 615 -36.53 18.69 28.90
CA CYS A 615 -36.52 18.70 28.88
C CYS A 615 -36.02 17.27 29.06
N VAL A 616 -34.72 17.09 28.96
CA VAL A 616 -34.14 15.76 29.15
C VAL A 616 -34.45 15.29 30.56
N GLN A 617 -34.33 16.20 31.51
CA GLN A 617 -34.68 15.89 32.90
C GLN A 617 -36.14 15.46 33.02
N LYS A 618 -37.06 16.21 32.42
CA LYS A 618 -38.48 15.84 32.45
CA LYS A 618 -38.49 15.84 32.45
C LYS A 618 -38.73 14.47 31.83
N CYS A 619 -38.11 14.22 30.69
CA CYS A 619 -38.27 12.94 30.02
C CYS A 619 -37.72 11.76 30.83
N LEU A 620 -36.59 11.94 31.50
CA LEU A 620 -36.08 10.89 32.40
C LEU A 620 -37.01 10.65 33.61
N GLU A 621 -37.54 11.71 34.19
CA GLU A 621 -38.52 11.53 35.26
C GLU A 621 -39.74 10.72 34.78
N ASP A 622 -40.24 11.06 33.59
CA ASP A 622 -41.34 10.31 32.95
C ASP A 622 -41.01 8.84 32.75
N ILE A 623 -39.83 8.57 32.18
CA ILE A 623 -39.40 7.20 31.95
C ILE A 623 -39.28 6.40 33.26
N PHE A 624 -38.63 6.98 34.26
CA PHE A 624 -38.49 6.31 35.56
C PHE A 624 -39.83 6.10 36.25
N ASP A 625 -40.71 7.10 36.19
CA ASP A 625 -42.05 6.95 36.78
C ASP A 625 -42.76 5.75 36.16
N ALA A 626 -42.79 5.69 34.82
CA ALA A 626 -43.48 4.61 34.12
C ALA A 626 -42.90 3.24 34.45
N LEU A 627 -41.58 3.20 34.55
CA LEU A 627 -40.89 1.96 34.90
C LEU A 627 -41.24 1.51 36.33
N GLU A 628 -41.50 2.46 37.22
CA GLU A 628 -41.88 2.14 38.59
C GLU A 628 -43.37 1.88 38.73
N GLY A 629 -44.09 2.00 37.61
CA GLY A 629 -45.52 1.74 37.59
C GLY A 629 -46.36 2.92 38.05
N LYS A 630 -45.73 4.10 38.17
CA LYS A 630 -46.45 5.29 38.58
C LYS A 630 -47.10 5.98 37.42
N ALA A 631 -48.33 6.44 37.62
CA ALA A 631 -49.05 7.22 36.63
C ALA A 631 -48.23 8.45 36.24
N ILE A 632 -48.26 8.76 34.95
CA ILE A 632 -47.56 9.93 34.43
C ILE A 632 -48.04 11.20 35.16
N LYS A 633 -47.13 12.14 35.38
CA LYS A 633 -47.48 13.40 36.03
C LYS A 633 -46.57 14.51 35.53
N THR A 634 -46.97 15.76 35.78
CA THR A 634 -46.15 16.90 35.37
C THR A 634 -45.12 17.26 36.45
N HIS B 1 3.48 -1.79 14.24
CA HIS B 1 2.04 -1.56 14.38
C HIS B 1 1.75 -0.07 14.48
N MET B 2 1.68 0.57 13.32
CA MET B 2 1.49 2.01 13.22
C MET B 2 0.46 2.34 12.13
N ALA B 3 -0.59 3.05 12.53
CA ALA B 3 -1.66 3.42 11.60
C ALA B 3 -1.15 4.36 10.50
N VAL B 4 -1.40 4.00 9.24
CA VAL B 4 -1.03 4.83 8.10
C VAL B 4 -2.12 5.87 7.85
N SER B 5 -1.77 7.15 7.99
CA SER B 5 -2.80 8.20 8.01
C SER B 5 -3.34 8.53 6.60
N GLY B 6 -3.94 7.52 5.97
CA GLY B 6 -4.53 7.68 4.65
C GLY B 6 -4.31 6.45 3.78
N PRO B 7 -4.83 6.48 2.54
CA PRO B 7 -4.56 5.42 1.56
C PRO B 7 -3.09 5.48 1.14
N ASP B 8 -2.48 4.34 0.84
CA ASP B 8 -1.07 4.37 0.44
C ASP B 8 -0.80 3.96 -1.01
N ASP B 9 0.45 4.09 -1.43
CA ASP B 9 0.82 3.96 -2.85
C ASP B 9 1.36 2.58 -3.18
N TYR B 10 1.09 1.57 -2.35
CA TYR B 10 1.68 0.26 -2.57
C TYR B 10 0.70 -0.77 -3.12
N LEU B 11 1.18 -1.64 -4.01
CA LEU B 11 0.28 -2.66 -4.59
C LEU B 11 0.43 -4.02 -3.91
N GLN B 12 1.30 -4.08 -2.91
CA GLN B 12 1.46 -5.31 -2.12
C GLN B 12 2.00 -4.88 -0.75
N HIS B 13 1.69 -5.66 0.28
CA HIS B 13 2.17 -5.33 1.63
C HIS B 13 2.72 -6.59 2.25
N SER B 14 3.90 -7.01 1.78
CA SER B 14 4.44 -8.31 2.15
C SER B 14 4.78 -8.39 3.62
N ILE B 15 4.38 -9.49 4.25
CA ILE B 15 4.72 -9.82 5.63
C ILE B 15 6.23 -10.05 5.75
N VAL B 16 6.79 -10.70 4.73
CA VAL B 16 8.21 -10.99 4.66
C VAL B 16 8.89 -9.88 3.85
N PRO B 17 9.95 -9.29 4.39
CA PRO B 17 10.65 -8.21 3.64
C PRO B 17 11.11 -8.73 2.28
N THR B 18 11.02 -7.87 1.26
CA THR B 18 11.34 -8.28 -0.12
C THR B 18 12.66 -9.05 -0.23
N MET B 19 13.72 -8.47 0.35
CA MET B 19 15.07 -9.01 0.23
C MET B 19 15.48 -9.96 1.36
N HIS B 20 14.49 -10.48 2.08
CA HIS B 20 14.73 -11.37 3.23
C HIS B 20 15.59 -12.60 2.97
N TYR B 21 15.58 -13.13 1.75
CA TYR B 21 16.34 -14.35 1.46
C TYR B 21 17.69 -14.11 0.80
N GLN B 22 18.00 -12.87 0.48
CA GLN B 22 19.14 -12.56 -0.39
C GLN B 22 20.49 -12.92 0.24
N ASP B 23 20.62 -12.68 1.54
CA ASP B 23 21.88 -12.96 2.23
C ASP B 23 22.21 -14.45 2.27
N SER B 24 21.18 -15.30 2.30
CA SER B 24 21.41 -16.72 2.48
C SER B 24 21.22 -17.60 1.24
N LEU B 25 21.08 -16.98 0.06
CA LEU B 25 21.03 -17.74 -1.18
C LEU B 25 22.30 -18.56 -1.38
N PRO B 26 22.16 -19.81 -1.82
CA PRO B 26 23.33 -20.66 -2.05
C PRO B 26 24.18 -20.16 -3.21
N ARG B 27 25.48 -20.38 -3.13
CA ARG B 27 26.40 -19.97 -4.20
C ARG B 27 26.25 -20.87 -5.41
N LEU B 28 26.33 -20.26 -6.59
CA LEU B 28 26.27 -21.00 -7.85
C LEU B 28 27.47 -21.93 -7.96
N PRO B 29 27.22 -23.23 -8.10
CA PRO B 29 28.29 -24.22 -8.21
C PRO B 29 29.06 -24.07 -9.51
N ILE B 30 30.36 -24.33 -9.47
CA ILE B 30 31.15 -24.48 -10.67
C ILE B 30 31.33 -25.98 -10.88
N PRO B 31 30.94 -26.49 -12.06
CA PRO B 31 31.03 -27.94 -12.26
C PRO B 31 32.48 -28.43 -12.31
N LYS B 32 32.66 -29.72 -12.02
CA LYS B 32 33.95 -30.37 -12.26
C LYS B 32 34.24 -30.29 -13.76
N LEU B 33 35.48 -29.98 -14.10
CA LEU B 33 35.88 -29.84 -15.50
C LEU B 33 35.60 -31.12 -16.29
N GLU B 34 35.83 -32.28 -15.68
CA GLU B 34 35.57 -33.54 -16.36
C GLU B 34 34.10 -33.75 -16.69
N ASP B 35 33.19 -33.29 -15.82
CA ASP B 35 31.75 -33.37 -16.10
C ASP B 35 31.40 -32.44 -17.25
N THR B 36 31.96 -31.24 -17.22
CA THR B 36 31.75 -30.27 -18.27
C THR B 36 32.18 -30.77 -19.66
N MET B 37 33.36 -31.38 -19.74
CA MET B 37 33.81 -31.93 -21.02
C MET B 37 32.91 -33.06 -21.53
N LYS B 38 32.45 -33.93 -20.63
CA LYS B 38 31.54 -35.01 -21.04
C LYS B 38 30.19 -34.47 -21.53
N ARG B 39 29.68 -33.47 -20.84
CA ARG B 39 28.38 -32.90 -21.22
C ARG B 39 28.46 -32.18 -22.55
N TYR B 40 29.57 -31.48 -22.76
CA TYR B 40 29.85 -30.82 -24.03
C TYR B 40 29.86 -31.84 -25.17
N LEU B 41 30.58 -32.93 -24.98
CA LEU B 41 30.65 -33.99 -25.99
C LEU B 41 29.30 -34.67 -26.22
N ASN B 42 28.52 -34.86 -25.16
CA ASN B 42 27.17 -35.41 -25.31
C ASN B 42 26.27 -34.54 -26.18
N ALA B 43 26.40 -33.23 -26.03
CA ALA B 43 25.60 -32.29 -26.82
C ALA B 43 26.10 -32.22 -28.26
N GLN B 44 27.38 -32.50 -28.48
CA GLN B 44 27.96 -32.52 -29.82
C GLN B 44 27.59 -33.77 -30.64
N LYS B 45 27.33 -34.89 -29.95
CA LYS B 45 27.04 -36.17 -30.64
C LYS B 45 26.01 -36.08 -31.79
N PRO B 46 24.84 -35.44 -31.56
CA PRO B 46 23.91 -35.40 -32.70
C PRO B 46 24.25 -34.38 -33.80
N LEU B 47 25.25 -33.54 -33.59
CA LEU B 47 25.60 -32.49 -34.55
C LEU B 47 26.79 -32.84 -35.45
N LEU B 48 27.73 -33.62 -34.93
CA LEU B 48 29.01 -33.83 -35.64
C LEU B 48 29.08 -35.18 -36.35
N ASP B 49 29.78 -35.24 -37.48
CA ASP B 49 30.08 -36.55 -38.05
C ASP B 49 31.21 -37.22 -37.27
N ASP B 50 31.47 -38.48 -37.58
CA ASP B 50 32.48 -39.27 -36.87
C ASP B 50 33.85 -38.61 -36.77
N SER B 51 34.37 -38.07 -37.88
CA SER B 51 35.70 -37.47 -37.84
C SER B 51 35.73 -36.10 -37.15
N GLN B 52 34.65 -35.33 -37.27
CA GLN B 52 34.55 -34.07 -36.52
C GLN B 52 34.52 -34.36 -35.02
N PHE B 53 33.76 -35.38 -34.63
CA PHE B 53 33.61 -35.71 -33.23
C PHE B 53 34.92 -36.19 -32.62
N ARG B 54 35.65 -37.03 -33.34
CA ARG B 54 36.92 -37.53 -32.80
C ARG B 54 37.95 -36.44 -32.63
N ARG B 55 37.98 -35.50 -33.57
CA ARG B 55 38.82 -34.32 -33.47
C ARG B 55 38.45 -33.45 -32.25
N THR B 56 37.16 -33.23 -32.03
CA THR B 56 36.69 -32.46 -30.87
C THR B 56 36.97 -33.20 -29.56
N GLU B 57 36.74 -34.51 -29.57
CA GLU B 57 37.06 -35.35 -28.41
C GLU B 57 38.54 -35.28 -28.05
N ALA B 58 39.41 -35.19 -29.05
CA ALA B 58 40.86 -35.12 -28.79
C ALA B 58 41.23 -33.75 -28.22
N LEU B 59 40.56 -32.70 -28.68
CA LEU B 59 40.78 -31.36 -28.13
C LEU B 59 40.32 -31.28 -26.69
N CYS B 60 39.19 -31.93 -26.39
CA CYS B 60 38.66 -31.95 -25.04
C CYS B 60 39.62 -32.65 -24.08
N LYS B 61 40.19 -33.78 -24.51
CA LYS B 61 41.13 -34.51 -23.66
C LYS B 61 42.37 -33.66 -23.38
N ASN B 62 42.85 -32.96 -24.39
CA ASN B 62 44.02 -32.10 -24.26
C ASN B 62 43.75 -30.90 -23.36
N PHE B 63 42.55 -30.33 -23.50
CA PHE B 63 42.10 -29.20 -22.70
C PHE B 63 42.03 -29.57 -21.23
N GLU B 64 41.45 -30.74 -20.97
CA GLU B 64 41.17 -31.19 -19.62
C GLU B 64 42.43 -31.46 -18.81
N THR B 65 43.48 -31.87 -19.49
CA THR B 65 44.75 -32.21 -18.83
C THR B 65 45.74 -31.06 -18.96
N GLY B 66 45.48 -30.17 -19.92
CA GLY B 66 46.39 -29.08 -20.20
C GLY B 66 45.94 -27.72 -19.72
N VAL B 67 45.77 -26.80 -20.67
CA VAL B 67 45.47 -25.41 -20.35
C VAL B 67 44.11 -25.22 -19.63
N GLY B 68 43.15 -26.09 -19.91
CA GLY B 68 41.83 -26.00 -19.29
C GLY B 68 41.89 -26.27 -17.79
N LYS B 69 42.73 -27.22 -17.42
CA LYS B 69 42.95 -27.55 -16.01
C LYS B 69 43.44 -26.31 -15.25
N GLU B 70 44.35 -25.58 -15.88
CA GLU B 70 44.97 -24.41 -15.26
C GLU B 70 43.96 -23.28 -15.16
N LEU B 71 43.17 -23.10 -16.21
CA LEU B 71 42.14 -22.08 -16.25
C LEU B 71 41.08 -22.35 -15.20
N HIS B 72 40.73 -23.63 -15.04
CA HIS B 72 39.69 -24.02 -14.10
C HIS B 72 40.15 -23.78 -12.66
N ALA B 73 41.43 -24.04 -12.40
CA ALA B 73 42.00 -23.78 -11.08
C ALA B 73 41.96 -22.28 -10.76
N HIS B 74 42.29 -21.44 -11.73
CA HIS B 74 42.20 -19.99 -11.53
C HIS B 74 40.75 -19.56 -11.30
N LEU B 75 39.83 -20.15 -12.05
CA LEU B 75 38.40 -19.84 -11.92
C LEU B 75 37.91 -20.16 -10.51
N LEU B 76 38.30 -21.32 -9.98
CA LEU B 76 37.92 -21.69 -8.62
C LEU B 76 38.49 -20.71 -7.59
N ALA B 77 39.75 -20.31 -7.77
CA ALA B 77 40.40 -19.37 -6.84
C ALA B 77 39.73 -18.01 -6.85
N GLN B 78 39.33 -17.57 -8.03
CA GLN B 78 38.65 -16.29 -8.18
C GLN B 78 37.25 -16.36 -7.56
N ASP B 79 36.57 -17.49 -7.72
CA ASP B 79 35.24 -17.68 -7.16
C ASP B 79 35.31 -17.67 -5.62
N LYS B 80 36.36 -18.28 -5.09
CA LYS B 80 36.56 -18.32 -3.64
C LYS B 80 36.79 -16.92 -3.06
N GLN B 81 37.45 -16.07 -3.82
CA GLN B 81 37.67 -14.67 -3.44
C GLN B 81 36.38 -13.85 -3.56
N ASN B 82 35.44 -14.36 -4.36
CA ASN B 82 34.19 -13.66 -4.61
C ASN B 82 32.95 -14.44 -4.20
N LYS B 83 32.92 -14.88 -2.96
CA LYS B 83 31.82 -15.71 -2.47
C LYS B 83 30.49 -14.96 -2.37
N HIS B 84 30.52 -13.63 -2.48
CA HIS B 84 29.31 -12.82 -2.38
C HIS B 84 28.56 -12.77 -3.71
N THR B 85 29.17 -13.30 -4.76
CA THR B 85 28.54 -13.24 -6.08
C THR B 85 28.64 -14.58 -6.80
N SER B 86 28.35 -14.61 -8.10
CA SER B 86 28.52 -15.86 -8.86
C SER B 86 29.66 -15.68 -9.84
N TYR B 87 30.24 -16.80 -10.27
CA TYR B 87 31.36 -16.73 -11.20
C TYR B 87 30.92 -16.21 -12.56
N ILE B 88 29.63 -16.35 -12.87
CA ILE B 88 29.13 -16.08 -14.23
C ILE B 88 28.55 -14.67 -14.43
N SER B 89 28.10 -14.03 -13.35
CA SER B 89 27.33 -12.80 -13.52
C SER B 89 28.12 -11.68 -14.19
N GLY B 90 29.33 -11.43 -13.70
CA GLY B 90 30.19 -10.42 -14.32
C GLY B 90 30.48 -10.65 -15.80
N PRO B 91 31.03 -11.82 -16.13
CA PRO B 91 31.28 -12.14 -17.55
C PRO B 91 30.02 -12.07 -18.40
N TRP B 92 28.87 -12.46 -17.83
CA TRP B 92 27.63 -12.46 -18.61
C TRP B 92 27.17 -11.04 -18.92
N PHE B 93 27.14 -10.17 -17.91
CA PHE B 93 26.90 -8.74 -18.18
C PHE B 93 27.85 -8.22 -19.26
N ASP B 94 29.13 -8.54 -19.13
CA ASP B 94 30.15 -7.98 -20.02
C ASP B 94 29.92 -8.39 -21.46
N MET B 95 29.44 -9.61 -21.66
CA MET B 95 29.15 -10.08 -23.00
C MET B 95 28.10 -9.22 -23.71
N TYR B 96 26.96 -9.01 -23.05
CA TYR B 96 25.92 -8.16 -23.64
C TYR B 96 26.37 -6.72 -23.84
N LEU B 97 27.05 -6.15 -22.84
CA LEU B 97 27.43 -4.75 -22.90
C LEU B 97 28.55 -4.46 -23.91
N THR B 98 29.38 -5.46 -24.20
CA THR B 98 30.45 -5.26 -25.17
C THR B 98 29.98 -5.54 -26.60
N ALA B 99 28.84 -6.22 -26.75
CA ALA B 99 28.32 -6.50 -28.09
C ALA B 99 28.02 -5.19 -28.81
N ARG B 100 28.44 -5.08 -30.06
CA ARG B 100 28.33 -3.81 -30.80
C ARG B 100 27.09 -3.75 -31.70
N ASP B 101 26.47 -4.91 -31.94
CA ASP B 101 25.31 -4.98 -32.84
C ASP B 101 24.15 -4.17 -32.24
N SER B 102 23.21 -3.79 -33.10
CA SER B 102 21.97 -3.14 -32.66
C SER B 102 21.28 -4.01 -31.63
N ILE B 103 20.74 -3.39 -30.59
CA ILE B 103 20.00 -4.18 -29.61
C ILE B 103 18.62 -4.56 -30.17
N VAL B 104 18.15 -3.81 -31.17
CA VAL B 104 16.83 -4.11 -31.73
C VAL B 104 16.93 -5.40 -32.55
N LEU B 105 15.96 -6.30 -32.35
CA LEU B 105 15.93 -7.62 -32.98
C LEU B 105 16.96 -8.61 -32.41
N ASN B 106 18.22 -8.21 -32.40
CA ASN B 106 19.28 -9.07 -31.88
C ASN B 106 19.07 -9.48 -30.43
N PHE B 107 18.62 -8.54 -29.60
CA PHE B 107 18.56 -8.77 -28.17
C PHE B 107 17.18 -8.48 -27.51
N ASN B 108 16.58 -7.33 -27.80
CA ASN B 108 15.38 -6.93 -27.06
C ASN B 108 14.15 -7.76 -27.47
N PRO B 109 13.49 -8.43 -26.50
CA PRO B 109 12.24 -9.14 -26.79
C PRO B 109 11.03 -8.35 -26.30
N PHE B 110 9.82 -8.90 -26.44
CA PHE B 110 8.61 -8.28 -25.88
C PHE B 110 7.70 -9.35 -25.27
N MET B 111 6.83 -8.91 -24.37
CA MET B 111 5.69 -9.69 -23.88
C MET B 111 4.47 -8.78 -23.96
N ALA B 112 3.37 -9.29 -24.48
CA ALA B 112 2.15 -8.47 -24.58
C ALA B 112 1.14 -8.90 -23.51
N PHE B 113 0.43 -7.93 -22.97
CA PHE B 113 -0.61 -8.19 -21.96
C PHE B 113 -1.87 -8.77 -22.60
N ASN B 114 -2.54 -9.68 -21.89
CA ASN B 114 -3.95 -9.92 -22.17
C ASN B 114 -4.73 -8.61 -22.01
N PRO B 115 -5.86 -8.46 -22.71
CA PRO B 115 -6.68 -7.25 -22.49
C PRO B 115 -7.31 -7.28 -21.10
N ASP B 116 -7.78 -6.12 -20.63
CA ASP B 116 -8.65 -6.12 -19.45
C ASP B 116 -9.92 -6.89 -19.86
N PRO B 117 -10.33 -7.89 -19.06
CA PRO B 117 -11.55 -8.66 -19.37
C PRO B 117 -12.81 -7.79 -19.47
N LYS B 118 -12.81 -6.62 -18.83
CA LYS B 118 -13.87 -5.64 -19.03
C LYS B 118 -13.53 -4.78 -20.23
N SER B 119 -14.23 -5.00 -21.34
CA SER B 119 -13.83 -4.41 -22.63
C SER B 119 -13.65 -2.89 -22.63
N GLU B 120 -14.54 -2.19 -21.92
CA GLU B 120 -14.52 -0.74 -21.92
C GLU B 120 -13.24 -0.15 -21.29
N TYR B 121 -12.59 -0.92 -20.42
CA TYR B 121 -11.35 -0.47 -19.79
C TYR B 121 -10.15 -0.53 -20.73
N ASN B 122 -10.36 -1.05 -21.95
CA ASN B 122 -9.28 -1.07 -22.95
C ASN B 122 -9.20 0.20 -23.79
N ASP B 123 -9.96 1.22 -23.40
CA ASP B 123 -9.80 2.55 -23.98
C ASP B 123 -8.36 3.04 -23.76
N GLN B 124 -7.74 3.68 -24.77
CA GLN B 124 -6.31 4.01 -24.67
C GLN B 124 -5.96 4.93 -23.48
N LEU B 125 -6.69 6.03 -23.33
CA LEU B 125 -6.37 6.95 -22.23
C LEU B 125 -6.56 6.24 -20.88
N THR B 126 -7.65 5.50 -20.76
CA THR B 126 -7.98 4.82 -19.52
C THR B 126 -6.88 3.80 -19.19
N ARG B 127 -6.60 2.93 -20.14
CA ARG B 127 -5.58 1.90 -19.88
C ARG B 127 -4.16 2.44 -19.71
N ALA B 128 -3.78 3.47 -20.46
CA ALA B 128 -2.45 4.06 -20.27
C ALA B 128 -2.31 4.66 -18.87
N THR B 129 -3.35 5.33 -18.40
CA THR B 129 -3.34 5.87 -17.04
C THR B 129 -3.24 4.75 -16.01
N ASN B 130 -4.09 3.73 -16.16
CA ASN B 130 -4.09 2.62 -15.21
C ASN B 130 -2.81 1.79 -15.18
N LEU B 131 -2.22 1.50 -16.34
CA LEU B 131 -0.95 0.78 -16.37
C LEU B 131 0.18 1.64 -15.80
N THR B 132 0.16 2.94 -16.10
CA THR B 132 1.17 3.85 -15.60
C THR B 132 1.11 3.92 -14.07
N VAL B 133 -0.10 4.07 -13.55
CA VAL B 133 -0.26 4.17 -12.11
C VAL B 133 0.17 2.86 -11.42
N SER B 134 -0.25 1.73 -11.96
CA SER B 134 0.19 0.44 -11.42
C SER B 134 1.70 0.25 -11.48
N ALA B 135 2.33 0.70 -12.57
CA ALA B 135 3.77 0.58 -12.70
C ALA B 135 4.47 1.40 -11.61
N VAL B 136 3.97 2.60 -11.37
CA VAL B 136 4.57 3.47 -10.35
C VAL B 136 4.31 2.92 -8.93
N ARG B 137 3.14 2.32 -8.74
CA ARG B 137 2.87 1.60 -7.50
C ARG B 137 3.86 0.45 -7.30
N PHE B 138 4.17 -0.28 -8.38
CA PHE B 138 5.19 -1.34 -8.28
C PHE B 138 6.54 -0.75 -7.84
N LEU B 139 6.97 0.32 -8.51
CA LEU B 139 8.22 1.02 -8.14
C LEU B 139 8.25 1.33 -6.62
N LYS B 140 7.21 1.98 -6.11
CA LYS B 140 7.16 2.32 -4.68
C LYS B 140 7.20 1.08 -3.79
N THR B 141 6.54 0.01 -4.22
CA THR B 141 6.40 -1.20 -3.43
C THR B 141 7.72 -1.93 -3.32
N LEU B 142 8.44 -1.98 -4.44
CA LEU B 142 9.76 -2.59 -4.48
C LEU B 142 10.73 -1.80 -3.61
N GLN B 143 10.73 -0.48 -3.79
CA GLN B 143 11.69 0.36 -3.08
C GLN B 143 11.46 0.34 -1.57
N ALA B 144 10.21 0.12 -1.16
CA ALA B 144 9.86 0.09 0.26
C ALA B 144 10.08 -1.28 0.90
N GLY B 145 10.43 -2.28 0.10
CA GLY B 145 10.60 -3.62 0.61
C GLY B 145 9.29 -4.30 0.98
N LEU B 146 8.22 -3.89 0.30
CA LEU B 146 6.88 -4.42 0.55
C LEU B 146 6.39 -5.39 -0.52
N LEU B 147 7.20 -5.61 -1.55
CA LEU B 147 6.91 -6.60 -2.56
C LEU B 147 7.25 -7.97 -1.96
N GLU B 148 6.38 -8.95 -2.14
CA GLU B 148 6.70 -10.30 -1.70
C GLU B 148 7.96 -10.81 -2.38
N PRO B 149 8.86 -11.46 -1.63
CA PRO B 149 10.05 -12.10 -2.18
C PRO B 149 9.69 -13.04 -3.31
N GLU B 150 10.53 -13.05 -4.35
CA GLU B 150 10.38 -14.02 -5.42
C GLU B 150 10.71 -15.40 -4.87
N VAL B 151 9.79 -16.34 -5.04
CA VAL B 151 9.99 -17.69 -4.51
C VAL B 151 9.33 -18.70 -5.44
N PHE B 152 10.07 -19.74 -5.80
CA PHE B 152 9.53 -20.83 -6.60
C PHE B 152 9.08 -21.97 -5.67
N HIS B 153 7.78 -22.26 -5.67
CA HIS B 153 7.22 -23.30 -4.80
C HIS B 153 6.99 -24.61 -5.55
N LEU B 154 7.51 -25.71 -5.02
CA LEU B 154 7.19 -27.03 -5.56
C LEU B 154 5.86 -27.49 -4.98
N ASN B 155 5.68 -27.26 -3.69
CA ASN B 155 4.41 -27.55 -3.01
C ASN B 155 3.74 -26.27 -2.50
N PRO B 156 3.07 -25.54 -3.41
CA PRO B 156 2.45 -24.24 -3.09
C PRO B 156 1.42 -24.39 -1.96
N SER B 157 0.81 -25.57 -1.89
CA SER B 157 -0.17 -25.90 -0.87
C SER B 157 0.39 -25.75 0.54
N LYS B 158 1.67 -26.01 0.72
CA LYS B 158 2.27 -25.94 2.05
C LYS B 158 3.16 -24.72 2.28
N SER B 159 3.98 -24.35 1.28
CA SER B 159 4.96 -23.27 1.44
C SER B 159 4.41 -21.88 1.14
N ASP B 160 3.60 -21.77 0.09
CA ASP B 160 3.00 -20.49 -0.29
C ASP B 160 1.73 -20.25 0.52
N THR B 161 1.85 -20.37 1.83
CA THR B 161 0.73 -20.16 2.74
C THR B 161 1.09 -19.04 3.69
N ASP B 162 0.08 -18.38 4.25
CA ASP B 162 0.33 -17.29 5.19
C ASP B 162 0.90 -17.82 6.50
N ALA B 163 0.72 -19.11 6.75
CA ALA B 163 1.30 -19.76 7.92
C ALA B 163 2.82 -19.78 7.82
N PHE B 164 3.33 -20.31 6.70
CA PHE B 164 4.77 -20.32 6.48
C PHE B 164 5.37 -18.91 6.53
N LYS B 165 4.68 -17.95 5.92
CA LYS B 165 5.16 -16.57 5.86
C LYS B 165 5.32 -15.93 7.22
N ARG B 166 4.36 -16.17 8.11
CA ARG B 166 4.42 -15.64 9.48
C ARG B 166 5.62 -16.19 10.25
N LEU B 167 5.91 -17.46 10.05
CA LEU B 167 7.05 -18.09 10.70
C LEU B 167 8.37 -17.58 10.13
N ILE B 168 8.51 -17.65 8.81
CA ILE B 168 9.80 -17.36 8.17
C ILE B 168 10.34 -15.96 8.46
N ARG B 169 9.46 -15.00 8.70
CA ARG B 169 9.90 -13.60 8.89
C ARG B 169 10.71 -13.42 10.16
N PHE B 170 10.66 -14.40 11.06
CA PHE B 170 11.44 -14.32 12.30
C PHE B 170 12.82 -14.98 12.16
N VAL B 171 12.96 -15.90 11.22
CA VAL B 171 14.27 -16.47 10.90
C VAL B 171 15.13 -15.37 10.30
N PRO B 172 16.30 -15.10 10.90
CA PRO B 172 17.18 -14.03 10.40
C PRO B 172 17.66 -14.31 8.96
N PRO B 173 18.03 -13.26 8.21
CA PRO B 173 18.43 -13.39 6.80
C PRO B 173 19.58 -14.37 6.55
N SER B 174 20.48 -14.52 7.51
CA SER B 174 21.60 -15.46 7.37
C SER B 174 21.12 -16.91 7.30
N LEU B 175 19.87 -17.15 7.68
CA LEU B 175 19.36 -18.51 7.76
C LEU B 175 18.05 -18.72 7.02
N SER B 176 17.43 -17.65 6.54
CA SER B 176 16.08 -17.72 5.99
C SER B 176 15.94 -18.69 4.81
N TRP B 177 16.96 -18.75 3.95
CA TRP B 177 16.86 -19.63 2.79
C TRP B 177 16.65 -21.10 3.18
N TYR B 178 17.33 -21.54 4.22
CA TYR B 178 17.25 -22.94 4.63
C TYR B 178 15.84 -23.28 5.11
N GLY B 179 15.17 -22.32 5.73
CA GLY B 179 13.80 -22.49 6.16
C GLY B 179 12.88 -22.79 5.01
N ALA B 180 13.04 -22.01 3.92
CA ALA B 180 12.25 -22.22 2.73
C ALA B 180 12.62 -23.54 2.06
N TYR B 181 13.91 -23.85 2.05
CA TYR B 181 14.38 -25.08 1.43
C TYR B 181 13.74 -26.30 2.09
N LEU B 182 13.56 -26.24 3.40
CA LEU B 182 12.97 -27.34 4.14
C LEU B 182 11.54 -27.66 3.71
N VAL B 183 10.81 -26.64 3.27
CA VAL B 183 9.46 -26.85 2.77
C VAL B 183 9.42 -26.93 1.25
N ASN B 184 10.55 -27.26 0.65
CA ASN B 184 10.67 -27.41 -0.80
C ASN B 184 10.32 -26.13 -1.57
N ALA B 185 10.66 -24.99 -0.99
CA ALA B 185 10.51 -23.70 -1.68
C ALA B 185 11.89 -23.15 -2.00
N TYR B 186 12.03 -22.51 -3.15
CA TYR B 186 13.32 -21.98 -3.58
C TYR B 186 13.21 -20.49 -3.82
N PRO B 187 13.70 -19.69 -2.87
CA PRO B 187 13.76 -18.23 -3.04
C PRO B 187 14.70 -17.87 -4.18
N LEU B 188 14.39 -16.79 -4.90
CA LEU B 188 15.22 -16.40 -6.05
C LEU B 188 16.00 -15.10 -5.80
N ASP B 189 17.11 -14.96 -6.51
CA ASP B 189 17.91 -13.74 -6.48
C ASP B 189 17.06 -12.56 -6.98
N MET B 190 17.20 -11.40 -6.34
CA MET B 190 16.43 -10.22 -6.74
C MET B 190 17.35 -9.00 -6.88
N SER B 191 18.66 -9.25 -7.00
CA SER B 191 19.64 -8.18 -7.05
C SER B 191 19.55 -7.33 -8.32
N GLN B 192 18.89 -7.87 -9.33
CA GLN B 192 18.69 -7.16 -10.59
C GLN B 192 17.47 -6.22 -10.61
N TYR B 193 16.54 -6.40 -9.67
CA TYR B 193 15.22 -5.75 -9.79
C TYR B 193 15.23 -4.23 -9.79
N PHE B 194 16.16 -3.60 -9.09
CA PHE B 194 16.12 -2.14 -9.01
C PHE B 194 16.30 -1.48 -10.39
N ARG B 195 16.97 -2.17 -11.32
CA ARG B 195 17.17 -1.57 -12.64
C ARG B 195 15.93 -1.57 -13.53
N LEU B 196 14.79 -2.07 -13.02
CA LEU B 196 13.52 -1.86 -13.69
C LEU B 196 13.25 -0.39 -13.93
N PHE B 197 13.67 0.44 -12.98
CA PHE B 197 13.26 1.84 -12.97
C PHE B 197 14.41 2.83 -12.99
N ASN B 198 14.15 3.98 -13.60
CA ASN B 198 15.08 5.11 -13.70
C ASN B 198 16.39 4.67 -14.33
N SER B 199 16.33 3.72 -15.26
CA SER B 199 17.55 3.08 -15.74
C SER B 199 17.61 3.01 -17.26
N THR B 200 18.82 3.02 -17.78
CA THR B 200 18.99 2.96 -19.22
C THR B 200 20.37 2.43 -19.54
N ARG B 201 20.55 1.98 -20.78
CA ARG B 201 21.85 1.57 -21.26
C ARG B 201 22.45 2.75 -22.03
N ILE B 202 23.69 3.11 -21.74
CA ILE B 202 24.37 4.21 -22.41
C ILE B 202 25.42 3.67 -23.37
N PRO B 203 25.33 4.04 -24.65
CA PRO B 203 26.34 3.59 -25.61
C PRO B 203 27.69 4.26 -25.31
N ARG B 204 28.75 3.46 -25.23
CA ARG B 204 30.12 3.98 -25.07
C ARG B 204 31.02 3.17 -25.96
N PRO B 205 32.16 3.75 -26.36
CA PRO B 205 33.16 2.98 -27.11
C PRO B 205 33.54 1.72 -26.36
N ASN B 206 33.65 0.59 -27.07
CA ASN B 206 34.09 -0.70 -26.54
C ASN B 206 33.08 -1.46 -25.67
N ARG B 207 32.55 -0.81 -24.64
CA ARG B 207 31.63 -1.44 -23.72
C ARG B 207 30.60 -0.42 -23.21
N ASP B 208 29.33 -0.77 -23.33
CA ASP B 208 28.28 0.14 -22.88
C ASP B 208 28.19 0.17 -21.35
N GLU B 209 27.47 1.16 -20.83
CA GLU B 209 27.32 1.38 -19.39
C GLU B 209 25.85 1.24 -18.98
N LEU B 210 25.58 0.65 -17.82
CA LEU B 210 24.22 0.67 -17.24
C LEU B 210 24.10 1.86 -16.29
N PHE B 211 23.16 2.75 -16.55
CA PHE B 211 22.99 3.96 -15.77
C PHE B 211 21.67 3.89 -15.01
N THR B 212 21.67 4.32 -13.74
CA THR B 212 20.46 4.43 -12.93
C THR B 212 20.47 5.74 -12.12
N ASP B 213 19.32 6.40 -12.00
CA ASP B 213 19.15 7.49 -11.03
C ASP B 213 17.80 7.43 -10.31
N THR B 214 17.78 6.71 -9.19
CA THR B 214 16.57 6.48 -8.41
C THR B 214 15.95 7.74 -7.80
N LYS B 215 16.66 8.85 -7.84
CA LYS B 215 16.12 10.08 -7.25
C LYS B 215 15.14 10.81 -8.17
N ALA B 216 15.12 10.44 -9.45
CA ALA B 216 14.27 11.13 -10.41
C ALA B 216 12.82 10.70 -10.25
N ARG B 217 11.89 11.62 -10.53
CA ARG B 217 10.49 11.45 -10.21
C ARG B 217 9.57 11.57 -11.43
N HIS B 218 10.16 11.66 -12.62
CA HIS B 218 9.36 11.95 -13.82
C HIS B 218 9.20 10.72 -14.74
N LEU B 219 8.13 10.73 -15.53
CA LEU B 219 7.90 9.74 -16.55
C LEU B 219 8.32 10.34 -17.90
N LEU B 220 8.81 9.50 -18.81
CA LEU B 220 9.06 9.88 -20.20
C LEU B 220 7.93 9.30 -21.04
N VAL B 221 7.31 10.13 -21.87
CA VAL B 221 6.28 9.64 -22.78
C VAL B 221 6.70 9.92 -24.23
N LEU B 222 6.59 8.93 -25.11
CA LEU B 222 6.86 9.14 -26.53
C LEU B 222 5.53 9.06 -27.29
N ARG B 223 5.24 10.07 -28.08
CA ARG B 223 4.07 10.02 -28.96
C ARG B 223 4.40 10.72 -30.27
N LYS B 224 4.17 10.02 -31.37
CA LYS B 224 4.51 10.55 -32.71
C LYS B 224 6.00 10.93 -32.82
N GLY B 225 6.86 10.30 -32.02
CA GLY B 225 8.27 10.61 -32.07
C GLY B 225 8.67 11.82 -31.25
N HIS B 226 7.69 12.51 -30.63
CA HIS B 226 7.98 13.61 -29.71
C HIS B 226 8.22 13.04 -28.32
N PHE B 227 9.05 13.73 -27.52
CA PHE B 227 9.41 13.31 -26.17
C PHE B 227 8.74 14.26 -25.17
N TYR B 228 8.08 13.72 -24.14
CA TYR B 228 7.43 14.53 -23.11
C TYR B 228 7.85 14.01 -21.74
N VAL B 229 7.98 14.91 -20.76
CA VAL B 229 8.23 14.47 -19.38
C VAL B 229 7.29 15.18 -18.42
N PHE B 230 6.84 14.46 -17.40
CA PHE B 230 6.08 15.07 -16.31
C PHE B 230 6.26 14.24 -15.05
N ASP B 231 6.11 14.86 -13.89
CA ASP B 231 6.31 14.13 -12.63
C ASP B 231 5.16 13.16 -12.37
N VAL B 232 5.51 11.94 -11.95
CA VAL B 232 4.52 10.97 -11.48
C VAL B 232 4.65 10.74 -9.97
N LEU B 233 5.74 11.22 -9.39
CA LEU B 233 5.90 11.24 -7.92
C LEU B 233 6.08 12.69 -7.51
N ASP B 234 5.37 13.11 -6.46
CA ASP B 234 5.42 14.52 -6.04
C ASP B 234 6.63 14.82 -5.17
N GLN B 235 6.72 16.06 -4.68
CA GLN B 235 7.86 16.52 -3.88
C GLN B 235 8.08 15.69 -2.61
N ASP B 236 7.02 15.09 -2.09
CA ASP B 236 7.10 14.24 -0.91
C ASP B 236 7.35 12.77 -1.25
N GLY B 237 7.40 12.46 -2.54
CA GLY B 237 7.63 11.10 -2.98
C GLY B 237 6.36 10.26 -3.10
N ASN B 238 5.20 10.90 -3.02
CA ASN B 238 3.94 10.19 -3.18
C ASN B 238 3.50 10.22 -4.65
N ILE B 239 2.73 9.23 -5.06
CA ILE B 239 2.27 9.19 -6.44
C ILE B 239 1.34 10.37 -6.74
N VAL B 240 1.56 11.03 -7.87
CA VAL B 240 0.69 12.12 -8.28
C VAL B 240 -0.74 11.60 -8.46
N ASN B 241 -1.74 12.41 -8.08
CA ASN B 241 -3.16 12.07 -8.25
C ASN B 241 -3.40 11.46 -9.64
N PRO B 242 -3.95 10.24 -9.70
CA PRO B 242 -4.19 9.61 -11.01
C PRO B 242 -5.06 10.46 -11.94
N LEU B 243 -5.92 11.31 -11.40
CA LEU B 243 -6.73 12.19 -12.26
C LEU B 243 -5.90 13.31 -12.90
N GLU B 244 -4.78 13.66 -12.27
CA GLU B 244 -3.85 14.62 -12.85
C GLU B 244 -2.98 13.92 -13.91
N ILE B 245 -2.55 12.71 -13.61
CA ILE B 245 -1.86 11.88 -14.60
C ILE B 245 -2.75 11.68 -15.84
N GLN B 246 -4.02 11.36 -15.63
CA GLN B 246 -4.96 11.28 -16.75
C GLN B 246 -5.02 12.58 -17.58
N ALA B 247 -5.10 13.71 -16.90
CA ALA B 247 -5.09 15.00 -17.58
C ALA B 247 -3.84 15.22 -18.43
N HIS B 248 -2.68 14.89 -17.89
CA HIS B 248 -1.42 15.08 -18.60
C HIS B 248 -1.34 14.17 -19.82
N LEU B 249 -1.79 12.93 -19.66
CA LEU B 249 -1.81 11.99 -20.78
C LEU B 249 -2.81 12.42 -21.84
N LYS B 250 -3.93 12.99 -21.41
CA LYS B 250 -4.92 13.45 -22.37
C LYS B 250 -4.38 14.64 -23.17
N TYR B 251 -3.63 15.49 -22.48
CA TYR B 251 -2.95 16.62 -23.10
C TYR B 251 -1.94 16.16 -24.17
N ILE B 252 -1.17 15.14 -23.85
CA ILE B 252 -0.21 14.58 -24.82
C ILE B 252 -0.93 13.95 -26.00
N LEU B 253 -1.98 13.17 -25.71
CA LEU B 253 -2.80 12.55 -26.75
C LEU B 253 -3.51 13.56 -27.66
N SER B 254 -3.60 14.81 -27.20
CA SER B 254 -4.27 15.86 -27.97
C SER B 254 -3.30 16.68 -28.84
N ASP B 255 -2.00 16.44 -28.68
CA ASP B 255 -0.99 17.24 -29.37
C ASP B 255 -1.07 17.05 -30.90
N SER B 256 -1.37 18.13 -31.61
CA SER B 256 -1.48 18.03 -33.07
C SER B 256 -0.22 18.47 -33.80
N SER B 257 0.88 18.65 -33.08
CA SER B 257 2.15 19.03 -33.69
C SER B 257 2.58 18.01 -34.74
N PRO B 258 3.17 18.49 -35.85
CA PRO B 258 3.65 17.58 -36.89
C PRO B 258 4.73 16.66 -36.34
N VAL B 259 4.85 15.47 -36.92
CA VAL B 259 5.90 14.52 -36.58
C VAL B 259 7.25 15.25 -36.73
N PRO B 260 8.23 14.95 -35.86
CA PRO B 260 9.55 15.58 -35.99
C PRO B 260 10.17 15.23 -37.33
N GLU B 261 10.86 16.18 -37.95
CA GLU B 261 11.56 15.91 -39.20
C GLU B 261 12.65 14.86 -39.03
N PHE B 262 13.28 14.86 -37.87
CA PHE B 262 14.34 13.89 -37.56
C PHE B 262 14.09 13.26 -36.21
N PRO B 263 13.34 12.16 -36.18
CA PRO B 263 12.96 11.53 -34.90
C PRO B 263 14.17 10.96 -34.19
N VAL B 264 14.49 11.48 -33.01
CA VAL B 264 15.71 11.11 -32.31
C VAL B 264 15.76 9.63 -31.87
N ALA B 265 14.61 9.03 -31.62
CA ALA B 265 14.56 7.63 -31.19
C ALA B 265 15.22 6.61 -32.15
N TYR B 266 15.31 6.93 -33.44
CA TYR B 266 16.01 6.06 -34.38
C TYR B 266 17.43 5.73 -33.95
N LEU B 267 18.09 6.70 -33.31
CA LEU B 267 19.48 6.52 -32.91
C LEU B 267 19.69 5.31 -31.99
N THR B 268 18.70 5.02 -31.15
CA THR B 268 18.82 3.90 -30.20
C THR B 268 18.79 2.55 -30.90
N SER B 269 18.44 2.54 -32.19
CA SER B 269 18.47 1.30 -32.96
C SER B 269 19.82 1.04 -33.67
N GLU B 270 20.77 1.97 -33.59
CA GLU B 270 22.02 1.83 -34.35
C GLU B 270 23.04 0.84 -33.76
N ASN B 271 24.06 0.53 -34.55
CA ASN B 271 25.29 -0.09 -34.08
C ASN B 271 25.81 0.70 -32.88
N ARG B 272 26.30 0.01 -31.85
CA ARG B 272 26.57 0.70 -30.59
C ARG B 272 27.77 1.65 -30.70
N ASP B 273 28.72 1.34 -31.58
CA ASP B 273 29.82 2.28 -31.82
C ASP B 273 29.36 3.54 -32.54
N VAL B 274 28.51 3.37 -33.54
CA VAL B 274 27.92 4.50 -34.25
C VAL B 274 27.12 5.40 -33.30
N TRP B 275 26.28 4.78 -32.49
CA TRP B 275 25.45 5.52 -31.52
C TRP B 275 26.30 6.14 -30.41
N ALA B 276 27.34 5.43 -29.96
CA ALA B 276 28.24 6.02 -28.96
C ALA B 276 28.85 7.33 -29.44
N GLU B 277 29.30 7.37 -30.68
CA GLU B 277 29.85 8.61 -31.22
C GLU B 277 28.79 9.70 -31.42
N LEU B 278 27.61 9.34 -31.91
CA LEU B 278 26.54 10.34 -32.08
C LEU B 278 26.06 10.92 -30.76
N ARG B 279 26.05 10.10 -29.71
CA ARG B 279 25.64 10.61 -28.41
C ARG B 279 26.68 11.61 -27.90
N GLN B 280 27.96 11.33 -28.12
CA GLN B 280 29.03 12.27 -27.75
C GLN B 280 28.84 13.60 -28.47
N LYS B 281 28.48 13.55 -29.75
CA LYS B 281 28.16 14.78 -30.48
C LYS B 281 26.95 15.53 -29.92
N LEU B 282 25.88 14.81 -29.55
CA LEU B 282 24.73 15.45 -28.90
C LEU B 282 25.16 16.23 -27.64
N ILE B 283 26.03 15.62 -26.84
CA ILE B 283 26.54 16.23 -25.62
CA ILE B 283 26.50 16.25 -25.62
C ILE B 283 27.34 17.49 -25.93
N PHE B 284 28.27 17.37 -26.89
CA PHE B 284 29.08 18.50 -27.34
C PHE B 284 28.18 19.65 -27.80
N ASP B 285 27.04 19.33 -28.38
CA ASP B 285 26.10 20.35 -28.85
C ASP B 285 25.13 20.85 -27.78
N GLY B 286 25.39 20.49 -26.53
CA GLY B 286 24.64 21.08 -25.43
C GLY B 286 23.38 20.35 -24.97
N ASN B 287 23.26 19.07 -25.33
CA ASN B 287 22.03 18.33 -24.98
C ASN B 287 22.12 17.45 -23.73
N GLU B 288 23.15 17.66 -22.90
CA GLU B 288 23.34 16.77 -21.75
C GLU B 288 22.16 16.80 -20.79
N GLU B 289 21.63 17.98 -20.55
CA GLU B 289 20.49 18.09 -19.63
C GLU B 289 19.29 17.32 -20.17
N THR B 290 19.02 17.47 -21.45
CA THR B 290 17.91 16.78 -22.09
C THR B 290 18.11 15.26 -22.06
N LEU B 291 19.32 14.79 -22.39
CA LEU B 291 19.59 13.36 -22.36
C LEU B 291 19.45 12.78 -20.95
N LYS B 292 19.83 13.55 -19.94
CA LYS B 292 19.69 13.11 -18.56
CA LYS B 292 19.69 13.10 -18.57
C LYS B 292 18.22 12.91 -18.18
N LYS B 293 17.34 13.77 -18.68
CA LYS B 293 15.91 13.61 -18.41
C LYS B 293 15.38 12.33 -19.05
N VAL B 294 15.90 12.00 -20.23
CA VAL B 294 15.47 10.77 -20.90
C VAL B 294 16.02 9.56 -20.15
N ASP B 295 17.30 9.58 -19.84
CA ASP B 295 17.99 8.47 -19.20
C ASP B 295 17.40 8.10 -17.84
N SER B 296 16.95 9.10 -17.09
CA SER B 296 16.64 8.90 -15.68
C SER B 296 15.13 8.77 -15.41
N ALA B 297 14.31 8.81 -16.46
CA ALA B 297 12.86 8.72 -16.26
C ALA B 297 12.52 7.35 -15.70
N VAL B 298 11.44 7.26 -14.93
CA VAL B 298 11.07 6.00 -14.30
C VAL B 298 11.00 4.85 -15.29
N PHE B 299 10.40 5.10 -16.44
CA PHE B 299 10.44 4.20 -17.61
C PHE B 299 9.93 5.01 -18.79
N CYS B 300 9.78 4.38 -19.95
CA CYS B 300 9.30 5.09 -21.13
C CYS B 300 7.91 4.54 -21.49
N LEU B 301 6.90 5.40 -21.47
CA LEU B 301 5.57 5.05 -21.92
C LEU B 301 5.40 5.45 -23.39
N CYS B 302 5.08 4.49 -24.26
CA CYS B 302 4.96 4.82 -25.68
C CYS B 302 3.51 4.75 -26.11
N LEU B 303 2.97 5.87 -26.57
CA LEU B 303 1.57 5.90 -26.96
C LEU B 303 1.51 5.82 -28.49
N ASP B 304 1.17 4.64 -29.02
CA ASP B 304 1.03 4.47 -30.46
C ASP B 304 -0.39 4.88 -30.85
N ASP B 305 -0.55 5.62 -31.94
CA ASP B 305 -1.88 6.17 -32.23
C ASP B 305 -2.77 5.29 -33.11
N PHE B 306 -2.24 4.14 -33.53
CA PHE B 306 -2.98 3.21 -34.38
C PHE B 306 -3.34 1.93 -33.61
N PRO B 307 -4.40 1.22 -34.06
CA PRO B 307 -4.76 -0.07 -33.46
C PRO B 307 -3.97 -1.21 -34.12
N MET B 308 -4.02 -2.39 -33.52
CA MET B 308 -3.36 -3.57 -34.10
C MET B 308 -4.24 -4.20 -35.19
N LYS B 309 -3.65 -4.48 -36.35
CA LYS B 309 -4.40 -5.07 -37.45
C LYS B 309 -4.70 -6.56 -37.21
N ASP B 310 -3.72 -7.26 -36.65
CA ASP B 310 -3.81 -8.68 -36.36
C ASP B 310 -2.61 -9.08 -35.49
N LEU B 311 -2.45 -10.37 -35.20
CA LEU B 311 -1.36 -10.80 -34.32
C LEU B 311 0.03 -10.58 -34.91
N ILE B 312 0.12 -10.66 -36.23
CA ILE B 312 1.39 -10.42 -36.89
C ILE B 312 1.80 -8.98 -36.75
N HIS B 313 0.88 -8.08 -37.04
CA HIS B 313 1.09 -6.66 -36.84
C HIS B 313 1.40 -6.32 -35.38
N LEU B 314 0.69 -6.97 -34.46
CA LEU B 314 0.99 -6.80 -33.04
C LEU B 314 2.45 -7.16 -32.74
N SER B 315 2.89 -8.32 -33.20
CA SER B 315 4.27 -8.75 -32.92
C SER B 315 5.32 -7.80 -33.50
N HIS B 316 5.12 -7.34 -34.73
CA HIS B 316 6.07 -6.38 -35.33
C HIS B 316 6.07 -5.06 -34.55
N THR B 317 4.88 -4.61 -34.18
CA THR B 317 4.76 -3.33 -33.46
C THR B 317 5.50 -3.38 -32.12
N MET B 318 5.36 -4.49 -31.38
CA MET B 318 5.94 -4.58 -30.04
C MET B 318 7.42 -5.02 -30.07
N LEU B 319 7.80 -5.79 -31.08
CA LEU B 319 9.20 -6.19 -31.25
C LEU B 319 10.08 -5.04 -31.73
N HIS B 320 9.57 -4.20 -32.63
CA HIS B 320 10.41 -3.12 -33.18
C HIS B 320 9.68 -1.82 -33.49
N GLY B 321 8.39 -1.87 -33.83
CA GLY B 321 7.64 -0.67 -34.18
C GLY B 321 8.16 -0.02 -35.46
N ASP B 322 7.83 1.25 -35.69
CA ASP B 322 8.25 1.92 -36.93
C ASP B 322 9.55 2.72 -36.82
N GLY B 323 10.15 2.68 -35.63
CA GLY B 323 11.47 3.26 -35.45
C GLY B 323 11.45 4.62 -34.78
N THR B 324 10.29 5.26 -34.70
CA THR B 324 10.20 6.63 -34.19
C THR B 324 9.76 6.74 -32.73
N ASN B 325 9.09 5.71 -32.23
CA ASN B 325 8.36 5.86 -30.97
C ASN B 325 8.77 4.87 -29.88
N ARG B 326 10.04 4.45 -29.89
CA ARG B 326 10.58 3.63 -28.78
C ARG B 326 11.98 4.10 -28.42
N TRP B 327 12.25 4.23 -27.12
CA TRP B 327 13.62 4.52 -26.71
C TRP B 327 14.24 3.18 -26.35
N PHE B 328 14.88 2.54 -27.32
CA PHE B 328 15.27 1.13 -27.14
C PHE B 328 16.26 0.86 -26.01
N ASP B 329 17.04 1.86 -25.64
CA ASP B 329 18.05 1.72 -24.57
C ASP B 329 17.42 1.64 -23.16
N LYS B 330 16.20 2.14 -23.02
CA LYS B 330 15.55 2.22 -21.69
C LYS B 330 15.40 0.83 -21.09
N SER B 331 15.43 0.72 -19.75
CA SER B 331 15.23 -0.59 -19.12
C SER B 331 14.01 -1.30 -19.71
N PHE B 332 12.91 -0.56 -19.85
CA PHE B 332 11.78 -1.06 -20.65
C PHE B 332 10.92 0.06 -21.22
N ASN B 333 10.18 -0.28 -22.28
CA ASN B 333 9.17 0.59 -22.85
C ASN B 333 7.82 -0.06 -22.61
N LEU B 334 6.90 0.68 -22.00
CA LEU B 334 5.54 0.22 -21.82
C LEU B 334 4.75 0.81 -22.97
N ILE B 335 4.22 -0.05 -23.85
CA ILE B 335 3.58 0.42 -25.07
C ILE B 335 2.06 0.26 -24.94
N VAL B 336 1.28 1.30 -25.27
CA VAL B 336 -0.18 1.16 -25.25
C VAL B 336 -0.72 1.72 -26.57
N ALA B 337 -1.38 0.87 -27.36
CA ALA B 337 -1.84 1.32 -28.69
C ALA B 337 -3.26 1.87 -28.62
N GLU B 338 -3.79 2.28 -29.77
CA GLU B 338 -5.07 2.99 -29.82
C GLU B 338 -6.24 2.12 -29.36
N ASP B 339 -6.14 0.81 -29.56
CA ASP B 339 -7.19 -0.11 -29.15
C ASP B 339 -6.95 -0.67 -27.74
N GLY B 340 -6.02 -0.04 -27.02
CA GLY B 340 -5.68 -0.46 -25.68
C GLY B 340 -4.75 -1.65 -25.59
N THR B 341 -4.31 -2.17 -26.74
CA THR B 341 -3.33 -3.27 -26.71
C THR B 341 -2.06 -2.78 -26.02
N ALA B 342 -1.56 -3.56 -25.08
CA ALA B 342 -0.41 -3.11 -24.30
C ALA B 342 0.66 -4.18 -24.22
N ALA B 343 1.90 -3.75 -24.08
CA ALA B 343 3.00 -4.70 -24.04
C ALA B 343 4.20 -4.08 -23.35
N VAL B 344 5.14 -4.93 -22.97
CA VAL B 344 6.42 -4.45 -22.49
C VAL B 344 7.51 -4.93 -23.45
N HIS B 345 8.24 -3.99 -24.04
CA HIS B 345 9.44 -4.25 -24.83
C HIS B 345 10.60 -3.92 -23.90
N PHE B 346 11.58 -4.81 -23.71
CA PHE B 346 12.63 -4.47 -22.75
C PHE B 346 14.06 -4.71 -23.25
N GLU B 347 14.99 -3.95 -22.68
CA GLU B 347 16.40 -4.05 -23.03
C GLU B 347 17.00 -5.24 -22.28
N HIS B 348 17.69 -6.10 -23.00
CA HIS B 348 18.08 -7.39 -22.44
C HIS B 348 19.30 -7.38 -21.50
N SER B 349 20.18 -6.39 -21.66
CA SER B 349 21.48 -6.47 -20.99
C SER B 349 21.44 -6.32 -19.46
N TRP B 350 20.44 -5.61 -18.94
CA TRP B 350 20.44 -5.33 -17.50
C TRP B 350 20.05 -6.48 -16.58
N GLY B 351 19.53 -7.56 -17.14
CA GLY B 351 19.17 -8.69 -16.31
C GLY B 351 18.57 -9.81 -17.12
N ASP B 352 18.05 -10.82 -16.44
CA ASP B 352 17.61 -12.05 -17.11
C ASP B 352 16.12 -12.11 -17.38
N GLY B 353 15.39 -11.06 -17.04
CA GLY B 353 13.99 -10.96 -17.41
C GLY B 353 13.00 -11.44 -16.37
N VAL B 354 13.48 -12.09 -15.31
CA VAL B 354 12.58 -12.52 -14.23
C VAL B 354 11.96 -11.32 -13.55
N ALA B 355 12.76 -10.27 -13.37
CA ALA B 355 12.25 -9.01 -12.84
C ALA B 355 11.14 -8.45 -13.73
N VAL B 356 11.30 -8.54 -15.04
CA VAL B 356 10.28 -8.03 -15.95
C VAL B 356 8.98 -8.83 -15.86
N LEU B 357 9.11 -10.14 -15.78
CA LEU B 357 7.93 -10.98 -15.65
C LEU B 357 7.17 -10.71 -14.34
N ARG B 358 7.90 -10.48 -13.26
CA ARG B 358 7.24 -10.16 -11.97
C ARG B 358 6.47 -8.85 -12.07
N PHE B 359 7.13 -7.85 -12.64
CA PHE B 359 6.54 -6.55 -12.86
C PHE B 359 5.28 -6.69 -13.70
N PHE B 360 5.42 -7.43 -14.79
CA PHE B 360 4.34 -7.67 -15.73
C PHE B 360 3.13 -8.31 -15.03
N ASN B 361 3.36 -9.37 -14.25
CA ASN B 361 2.27 -10.02 -13.55
C ASN B 361 1.57 -9.11 -12.55
N GLU B 362 2.35 -8.39 -11.74
CA GLU B 362 1.76 -7.54 -10.69
C GLU B 362 1.01 -6.37 -11.30
N VAL B 363 1.56 -5.81 -12.37
CA VAL B 363 0.93 -4.66 -12.98
C VAL B 363 -0.37 -5.08 -13.66
N PHE B 364 -0.39 -6.25 -14.27
CA PHE B 364 -1.64 -6.73 -14.88
C PHE B 364 -2.72 -6.93 -13.81
N ARG B 365 -2.35 -7.56 -12.71
CA ARG B 365 -3.30 -7.81 -11.61
C ARG B 365 -3.83 -6.51 -11.03
N ASP B 366 -2.93 -5.60 -10.67
CA ASP B 366 -3.31 -4.33 -10.04
C ASP B 366 -4.18 -3.46 -10.93
N SER B 367 -3.86 -3.42 -12.22
CA SER B 367 -4.56 -2.50 -13.12
C SER B 367 -5.91 -3.05 -13.57
N THR B 368 -6.09 -4.37 -13.50
CA THR B 368 -7.35 -4.97 -13.93
C THR B 368 -8.32 -5.24 -12.78
N GLN B 369 -7.76 -5.56 -11.61
CA GLN B 369 -8.58 -5.88 -10.43
CA GLN B 369 -8.59 -5.87 -10.44
C GLN B 369 -8.91 -4.63 -9.63
N THR B 370 -7.93 -3.72 -9.52
CA THR B 370 -8.12 -2.47 -8.81
C THR B 370 -7.61 -1.24 -9.57
N PRO B 371 -8.24 -0.94 -10.73
CA PRO B 371 -7.78 0.19 -11.57
C PRO B 371 -7.89 1.54 -10.85
N ALA B 372 -6.94 2.43 -11.12
CA ALA B 372 -6.97 3.77 -10.55
C ALA B 372 -8.12 4.61 -11.10
N ILE B 373 -8.41 4.48 -12.40
CA ILE B 373 -9.49 5.26 -13.00
C ILE B 373 -10.37 4.38 -13.87
N THR B 374 -11.47 4.97 -14.38
CA THR B 374 -12.41 4.23 -15.23
C THR B 374 -12.63 5.05 -16.49
N PRO B 375 -13.27 4.46 -17.52
CA PRO B 375 -13.63 5.20 -18.73
C PRO B 375 -14.50 6.44 -18.47
N GLN B 376 -15.20 6.46 -17.34
CA GLN B 376 -16.05 7.61 -16.99
C GLN B 376 -15.35 8.66 -16.11
N SER B 377 -14.11 8.40 -15.70
CA SER B 377 -13.40 9.33 -14.83
C SER B 377 -13.15 10.67 -15.50
N GLN B 378 -13.36 11.75 -14.74
CA GLN B 378 -13.11 13.10 -15.22
C GLN B 378 -11.73 13.58 -14.79
N PRO B 379 -10.90 13.97 -15.77
CA PRO B 379 -9.54 14.40 -15.42
C PRO B 379 -9.54 15.63 -14.53
N ALA B 380 -8.54 15.71 -13.67
CA ALA B 380 -8.37 16.86 -12.79
C ALA B 380 -8.11 18.14 -13.57
N ALA B 381 -8.58 19.26 -13.01
CA ALA B 381 -8.20 20.57 -13.54
C ALA B 381 -6.75 20.83 -13.16
N THR B 382 -5.93 21.11 -14.16
CA THR B 382 -4.50 21.29 -13.92
C THR B 382 -3.88 21.93 -15.15
N ASN B 383 -2.81 22.68 -14.94
CA ASN B 383 -2.13 23.33 -16.06
C ASN B 383 -1.10 22.39 -16.68
N SER B 384 -1.56 21.51 -17.57
CA SER B 384 -0.66 20.55 -18.20
C SER B 384 0.41 21.22 -19.04
N SER B 385 0.09 22.34 -19.68
CA SER B 385 1.09 23.04 -20.49
C SER B 385 2.31 23.47 -19.69
N ALA B 386 2.13 23.65 -18.37
CA ALA B 386 3.23 24.00 -17.49
C ALA B 386 3.83 22.75 -16.84
N SER B 387 2.97 21.77 -16.58
CA SER B 387 3.40 20.55 -15.89
C SER B 387 4.08 19.53 -16.81
N VAL B 388 3.76 19.59 -18.10
CA VAL B 388 4.35 18.64 -19.06
C VAL B 388 5.36 19.38 -19.93
N GLU B 389 6.63 18.98 -19.89
CA GLU B 389 7.64 19.58 -20.74
C GLU B 389 7.83 18.78 -22.03
N THR B 390 7.73 19.45 -23.18
CA THR B 390 8.09 18.82 -24.45
C THR B 390 9.59 18.99 -24.65
N LEU B 391 10.35 17.89 -24.69
CA LEU B 391 11.80 17.99 -24.80
C LEU B 391 12.25 18.49 -26.17
N SER B 392 13.33 19.24 -26.17
CA SER B 392 13.84 19.79 -27.42
C SER B 392 15.31 19.42 -27.52
N PHE B 393 15.71 18.86 -28.66
CA PHE B 393 17.09 18.53 -28.90
C PHE B 393 17.67 19.53 -29.89
N ASN B 394 18.88 20.00 -29.61
CA ASN B 394 19.63 20.81 -30.56
C ASN B 394 20.42 19.87 -31.49
N LEU B 395 19.95 19.68 -32.72
CA LEU B 395 20.54 18.69 -33.62
C LEU B 395 21.43 19.38 -34.66
N SER B 396 22.68 18.97 -34.73
CA SER B 396 23.58 19.44 -35.76
C SER B 396 23.25 18.74 -37.08
N GLY B 397 23.92 19.16 -38.15
CA GLY B 397 23.77 18.46 -39.41
C GLY B 397 24.28 17.04 -39.31
N ALA B 398 25.33 16.84 -38.52
CA ALA B 398 25.86 15.50 -38.31
C ALA B 398 24.86 14.57 -37.63
N LEU B 399 24.10 15.12 -36.68
CA LEU B 399 23.09 14.33 -35.99
C LEU B 399 21.94 14.02 -36.94
N LYS B 400 21.56 14.99 -37.76
CA LYS B 400 20.46 14.79 -38.69
C LYS B 400 20.82 13.72 -39.74
N ALA B 401 22.05 13.77 -40.23
CA ALA B 401 22.56 12.73 -41.14
C ALA B 401 22.57 11.37 -40.47
N GLY B 402 23.01 11.33 -39.21
CA GLY B 402 23.01 10.09 -38.46
C GLY B 402 21.61 9.51 -38.26
N ILE B 403 20.63 10.37 -37.99
CA ILE B 403 19.24 9.92 -37.86
C ILE B 403 18.71 9.36 -39.19
N THR B 404 18.99 10.06 -40.27
CA THR B 404 18.62 9.62 -41.61
C THR B 404 19.24 8.25 -41.91
N ALA B 405 20.51 8.09 -41.55
CA ALA B 405 21.21 6.82 -41.79
C ALA B 405 20.64 5.71 -40.90
N ALA B 406 20.32 6.06 -39.67
CA ALA B 406 19.73 5.10 -38.73
C ALA B 406 18.37 4.61 -39.22
N LYS B 407 17.56 5.54 -39.74
CA LYS B 407 16.25 5.19 -40.30
C LYS B 407 16.39 4.24 -41.49
N GLU B 408 17.32 4.54 -42.39
CA GLU B 408 17.53 3.69 -43.55
C GLU B 408 17.90 2.26 -43.14
N LYS B 409 18.80 2.14 -42.17
CA LYS B 409 19.24 0.83 -41.69
C LYS B 409 18.10 0.07 -41.01
N PHE B 410 17.35 0.78 -40.19
CA PHE B 410 16.18 0.21 -39.49
C PHE B 410 15.16 -0.33 -40.50
N ASP B 411 14.75 0.52 -41.44
CA ASP B 411 13.73 0.14 -42.42
C ASP B 411 14.18 -1.05 -43.29
N THR B 412 15.45 -1.07 -43.67
CA THR B 412 15.99 -2.15 -44.49
C THR B 412 15.96 -3.48 -43.75
N THR B 413 16.30 -3.45 -42.47
CA THR B 413 16.34 -4.66 -41.66
C THR B 413 14.95 -5.22 -41.38
N VAL B 414 14.05 -4.33 -40.97
CA VAL B 414 12.68 -4.73 -40.65
C VAL B 414 11.99 -5.40 -41.82
N LYS B 415 12.28 -4.93 -43.03
CA LYS B 415 11.74 -5.53 -44.24
C LYS B 415 12.11 -7.01 -44.40
N THR B 416 13.19 -7.48 -43.77
CA THR B 416 13.61 -8.88 -43.91
C THR B 416 13.00 -9.83 -42.87
N LEU B 417 12.22 -9.28 -41.93
CA LEU B 417 11.73 -10.06 -40.80
C LEU B 417 10.29 -10.51 -40.98
N SER B 418 10.04 -11.81 -40.78
CA SER B 418 8.69 -12.36 -40.77
C SER B 418 8.38 -12.96 -39.40
N ILE B 419 7.09 -12.94 -39.03
CA ILE B 419 6.66 -13.52 -37.78
C ILE B 419 5.30 -14.18 -38.02
N ASP B 420 5.07 -15.35 -37.44
CA ASP B 420 3.72 -15.90 -37.45
C ASP B 420 3.51 -16.78 -36.24
N SER B 421 2.25 -17.15 -36.00
CA SER B 421 1.91 -17.89 -34.79
C SER B 421 0.95 -19.04 -35.09
N ILE B 422 0.87 -20.00 -34.19
CA ILE B 422 -0.21 -20.99 -34.22
C ILE B 422 -0.74 -21.30 -32.84
N GLN B 423 -1.91 -21.92 -32.81
CA GLN B 423 -2.52 -22.42 -31.58
C GLN B 423 -2.97 -23.84 -31.82
N PHE B 424 -2.17 -24.81 -31.36
CA PHE B 424 -2.51 -26.23 -31.42
C PHE B 424 -3.57 -26.50 -30.35
N GLN B 425 -4.76 -26.91 -30.77
CA GLN B 425 -5.88 -26.99 -29.83
C GLN B 425 -6.26 -28.39 -29.37
N ARG B 426 -5.56 -29.40 -29.89
CA ARG B 426 -5.91 -30.78 -29.58
C ARG B 426 -5.68 -31.17 -28.11
N GLY B 427 -4.68 -30.55 -27.48
CA GLY B 427 -4.36 -30.84 -26.09
C GLY B 427 -3.14 -30.07 -25.60
N GLY B 428 -2.83 -30.24 -24.32
CA GLY B 428 -1.76 -29.52 -23.68
C GLY B 428 -1.11 -30.30 -22.55
N LYS B 429 -0.75 -29.58 -21.48
CA LYS B 429 -0.10 -30.18 -20.32
C LYS B 429 -0.92 -31.33 -19.72
N GLU B 430 -2.23 -31.17 -19.69
CA GLU B 430 -3.12 -32.17 -19.08
C GLU B 430 -2.97 -33.55 -19.72
N PHE B 431 -3.17 -33.60 -21.03
CA PHE B 431 -3.02 -34.84 -21.79
C PHE B 431 -1.60 -35.42 -21.64
N LEU B 432 -0.59 -34.57 -21.79
CA LEU B 432 0.78 -35.04 -21.74
C LEU B 432 1.19 -35.56 -20.36
N LYS B 433 0.70 -34.93 -19.30
CA LYS B 433 1.00 -35.43 -17.96
C LYS B 433 0.38 -36.81 -17.72
N LYS B 434 -0.84 -37.02 -18.22
CA LYS B 434 -1.47 -38.34 -18.13
C LYS B 434 -0.64 -39.41 -18.82
N LYS B 435 0.01 -39.04 -19.91
CA LYS B 435 0.88 -39.97 -20.62
C LYS B 435 2.25 -40.07 -19.99
N GLN B 436 2.42 -39.41 -18.85
CA GLN B 436 3.66 -39.44 -18.08
C GLN B 436 4.88 -38.88 -18.84
N LEU B 437 4.67 -37.77 -19.53
CA LEU B 437 5.76 -37.11 -20.24
C LEU B 437 5.87 -35.68 -19.75
N SER B 438 7.08 -35.14 -19.82
CA SER B 438 7.32 -33.72 -19.58
C SER B 438 6.74 -32.92 -20.74
N PRO B 439 5.78 -32.02 -20.45
CA PRO B 439 5.20 -31.20 -21.52
C PRO B 439 6.26 -30.33 -22.20
N ASP B 440 7.23 -29.81 -21.44
CA ASP B 440 8.29 -29.01 -22.07
C ASP B 440 9.14 -29.87 -23.01
N ALA B 441 9.44 -31.09 -22.58
CA ALA B 441 10.21 -32.02 -23.42
C ALA B 441 9.50 -32.31 -24.73
N VAL B 442 8.18 -32.40 -24.68
CA VAL B 442 7.39 -32.71 -25.87
C VAL B 442 7.37 -31.53 -26.85
N ALA B 443 7.13 -30.33 -26.32
CA ALA B 443 7.26 -29.12 -27.13
C ALA B 443 8.64 -29.07 -27.82
N GLN B 444 9.72 -29.30 -27.06
CA GLN B 444 11.07 -29.23 -27.62
C GLN B 444 11.32 -30.35 -28.65
N LEU B 445 10.78 -31.54 -28.39
CA LEU B 445 10.86 -32.60 -29.40
C LEU B 445 10.16 -32.16 -30.69
N ALA B 446 8.99 -31.53 -30.54
CA ALA B 446 8.23 -31.08 -31.70
C ALA B 446 9.03 -30.10 -32.56
N PHE B 447 9.79 -29.20 -31.94
CA PHE B 447 10.63 -28.26 -32.70
C PHE B 447 11.75 -28.99 -33.42
N GLN B 448 12.37 -29.95 -32.75
CA GLN B 448 13.41 -30.77 -33.41
C GLN B 448 12.79 -31.49 -34.60
N MET B 449 11.63 -32.10 -34.38
CA MET B 449 11.00 -32.90 -35.42
C MET B 449 10.57 -32.03 -36.59
N ALA B 450 10.03 -30.85 -36.27
CA ALA B 450 9.59 -29.91 -37.28
C ALA B 450 10.75 -29.43 -38.15
N PHE B 451 11.91 -29.17 -37.54
CA PHE B 451 13.02 -28.66 -38.32
C PHE B 451 13.56 -29.77 -39.23
N LEU B 452 13.49 -31.00 -38.75
CA LEU B 452 13.88 -32.15 -39.59
C LEU B 452 12.91 -32.30 -40.74
N ARG B 453 11.62 -32.18 -40.46
CA ARG B 453 10.60 -32.27 -41.51
C ARG B 453 10.76 -31.17 -42.56
N GLN B 454 11.12 -29.97 -42.12
CA GLN B 454 11.19 -28.83 -43.02
C GLN B 454 12.50 -28.74 -43.83
N TYR B 455 13.64 -28.91 -43.16
CA TYR B 455 14.94 -28.70 -43.77
C TYR B 455 15.87 -29.92 -43.73
N GLY B 456 15.42 -31.00 -43.11
CA GLY B 456 16.17 -32.26 -43.14
C GLY B 456 17.41 -32.33 -42.27
N GLN B 457 17.53 -31.41 -41.32
CA GLN B 457 18.75 -31.29 -40.50
C GLN B 457 18.49 -31.33 -39.00
N THR B 458 19.50 -31.75 -38.25
CA THR B 458 19.55 -31.59 -36.81
C THR B 458 20.51 -30.43 -36.56
N VAL B 459 20.07 -29.42 -35.82
CA VAL B 459 20.87 -28.19 -35.67
C VAL B 459 21.05 -27.75 -34.22
N ALA B 460 22.04 -26.88 -34.01
CA ALA B 460 22.29 -26.31 -32.69
C ALA B 460 21.04 -25.62 -32.16
N THR B 461 20.69 -25.95 -30.92
CA THR B 461 19.42 -25.53 -30.34
C THR B 461 19.65 -25.00 -28.93
N TYR B 462 19.03 -23.87 -28.62
CA TYR B 462 19.17 -23.19 -27.33
C TYR B 462 17.82 -23.11 -26.62
N GLU B 463 17.78 -23.53 -25.36
CA GLU B 463 16.62 -23.29 -24.51
C GLU B 463 17.13 -22.67 -23.21
N SER B 464 16.57 -21.54 -22.81
CA SER B 464 17.06 -20.88 -21.61
C SER B 464 16.53 -21.55 -20.34
N CYS B 465 17.37 -21.60 -19.31
CA CYS B 465 16.93 -22.05 -17.99
C CYS B 465 17.47 -21.07 -16.93
N SER B 466 16.64 -20.72 -15.96
CA SER B 466 17.07 -19.78 -14.92
C SER B 466 17.98 -20.46 -13.90
N THR B 467 19.07 -19.79 -13.52
CA THR B 467 19.83 -20.22 -12.33
C THR B 467 19.63 -19.23 -11.18
N ALA B 468 18.48 -18.55 -11.17
CA ALA B 468 18.20 -17.54 -10.14
C ALA B 468 17.94 -18.11 -8.74
N ALA B 469 17.93 -19.42 -8.62
CA ALA B 469 17.86 -20.02 -7.29
C ALA B 469 19.16 -19.81 -6.54
N PHE B 470 20.22 -19.40 -7.24
CA PHE B 470 21.51 -19.15 -6.61
C PHE B 470 21.80 -17.67 -6.47
N LYS B 471 22.71 -17.35 -5.54
CA LYS B 471 23.16 -15.97 -5.33
C LYS B 471 23.75 -15.38 -6.60
N HIS B 472 23.16 -14.27 -7.06
CA HIS B 472 23.54 -13.62 -8.32
C HIS B 472 23.50 -14.59 -9.48
N GLY B 473 22.57 -15.54 -9.41
CA GLY B 473 22.38 -16.51 -10.48
C GLY B 473 21.84 -15.82 -11.73
N ARG B 474 22.10 -16.41 -12.89
CA ARG B 474 21.69 -15.81 -14.15
C ARG B 474 20.85 -16.81 -14.94
N THR B 475 21.40 -17.33 -16.03
CA THR B 475 20.76 -18.38 -16.80
C THR B 475 21.80 -19.44 -17.18
N GLU B 476 21.32 -20.60 -17.59
CA GLU B 476 22.16 -21.68 -18.09
C GLU B 476 21.48 -22.21 -19.35
N THR B 477 22.25 -22.81 -20.25
CA THR B 477 21.64 -23.33 -21.48
C THR B 477 21.22 -24.79 -21.35
N ILE B 478 19.95 -25.06 -21.63
CA ILE B 478 19.49 -26.44 -21.83
C ILE B 478 19.70 -26.75 -23.30
N ARG B 479 20.33 -27.89 -23.60
CA ARG B 479 20.56 -28.29 -24.99
C ARG B 479 19.55 -29.38 -25.39
N PRO B 480 18.45 -29.00 -26.04
CA PRO B 480 17.39 -29.99 -26.26
C PRO B 480 17.68 -30.96 -27.42
N ALA B 481 18.61 -30.63 -28.31
CA ALA B 481 18.95 -31.53 -29.41
C ALA B 481 19.87 -32.61 -28.85
N SER B 482 19.32 -33.82 -28.68
CA SER B 482 20.09 -34.90 -28.08
C SER B 482 20.10 -36.10 -29.01
N ILE B 483 20.84 -37.14 -28.63
CA ILE B 483 20.83 -38.36 -29.43
C ILE B 483 19.43 -38.97 -29.45
N PHE B 484 18.65 -38.71 -28.40
CA PHE B 484 17.30 -39.24 -28.32
C PHE B 484 16.29 -38.50 -29.21
N THR B 485 16.35 -37.16 -29.24
CA THR B 485 15.44 -36.42 -30.12
C THR B 485 15.79 -36.63 -31.58
N LYS B 486 17.08 -36.79 -31.88
CA LYS B 486 17.49 -37.06 -33.25
C LYS B 486 16.93 -38.42 -33.71
N ARG B 487 17.10 -39.43 -32.87
CA ARG B 487 16.62 -40.77 -33.20
C ARG B 487 15.11 -40.79 -33.35
N CYS B 488 14.43 -40.16 -32.39
CA CYS B 488 12.98 -40.09 -32.44
C CYS B 488 12.47 -39.32 -33.67
N SER B 489 13.11 -38.20 -34.00
CA SER B 489 12.67 -37.38 -35.12
C SER B 489 12.86 -38.14 -36.44
N GLU B 490 13.99 -38.83 -36.58
CA GLU B 490 14.23 -39.60 -37.80
C GLU B 490 13.19 -40.71 -37.95
N ALA B 491 12.80 -41.31 -36.84
CA ALA B 491 11.81 -42.39 -36.84
C ALA B 491 10.46 -41.91 -37.36
N PHE B 492 10.02 -40.75 -36.87
CA PHE B 492 8.75 -40.17 -37.32
C PHE B 492 8.80 -39.65 -38.76
N VAL B 493 9.91 -39.01 -39.12
CA VAL B 493 9.97 -38.25 -40.36
C VAL B 493 10.53 -39.07 -41.53
N ARG B 494 11.65 -39.74 -41.30
CA ARG B 494 12.34 -40.47 -42.38
C ARG B 494 11.90 -41.93 -42.48
N ASP B 495 11.73 -42.60 -41.35
CA ASP B 495 11.43 -44.04 -41.35
C ASP B 495 10.13 -44.45 -40.67
N PRO B 496 9.01 -43.75 -40.94
CA PRO B 496 7.83 -44.05 -40.12
C PRO B 496 7.25 -45.46 -40.32
N SER B 497 7.47 -46.07 -41.48
CA SER B 497 6.91 -47.40 -41.72
C SER B 497 7.78 -48.53 -41.16
N LYS B 498 8.93 -48.18 -40.58
CA LYS B 498 9.83 -49.19 -40.05
C LYS B 498 9.72 -49.37 -38.54
N HIS B 499 8.82 -48.62 -37.89
CA HIS B 499 8.68 -48.66 -36.44
C HIS B 499 7.24 -48.86 -36.03
N SER B 500 7.03 -49.62 -34.95
CA SER B 500 5.69 -49.80 -34.42
C SER B 500 5.34 -48.62 -33.53
N VAL B 501 4.06 -48.43 -33.26
CA VAL B 501 3.59 -47.37 -32.37
C VAL B 501 4.26 -47.49 -31.00
N GLY B 502 4.36 -48.73 -30.50
CA GLY B 502 5.01 -48.99 -29.23
C GLY B 502 6.45 -48.54 -29.21
N GLU B 503 7.17 -48.75 -30.31
CA GLU B 503 8.56 -48.33 -30.39
C GLU B 503 8.67 -46.80 -30.40
N LEU B 504 7.71 -46.14 -31.05
CA LEU B 504 7.67 -44.68 -31.06
C LEU B 504 7.41 -44.12 -29.65
N GLN B 505 6.46 -44.72 -28.94
CA GLN B 505 6.13 -44.30 -27.57
C GLN B 505 7.34 -44.46 -26.66
N HIS B 506 8.09 -45.52 -26.86
CA HIS B 506 9.31 -45.73 -26.08
C HIS B 506 10.34 -44.65 -26.39
N MET B 507 10.50 -44.31 -27.68
CA MET B 507 11.43 -43.27 -28.08
C MET B 507 11.08 -41.92 -27.47
N MET B 508 9.80 -41.58 -27.48
CA MET B 508 9.35 -40.33 -26.87
C MET B 508 9.59 -40.32 -25.36
N ALA B 509 9.43 -41.49 -24.73
CA ALA B 509 9.69 -41.59 -23.30
C ALA B 509 11.15 -41.35 -22.99
N GLU B 510 12.03 -41.87 -23.84
CA GLU B 510 13.47 -41.61 -23.68
C GLU B 510 13.84 -40.13 -23.86
N CYS B 511 13.25 -39.47 -24.86
CA CYS B 511 13.46 -38.02 -25.03
C CYS B 511 13.04 -37.26 -23.78
N SER B 512 11.85 -37.53 -23.31
CA SER B 512 11.31 -36.87 -22.12
C SER B 512 12.18 -37.06 -20.89
N LYS B 513 12.59 -38.29 -20.66
CA LYS B 513 13.44 -38.62 -19.51
C LYS B 513 14.78 -37.87 -19.58
N TYR B 514 15.41 -37.84 -20.75
CA TYR B 514 16.69 -37.17 -20.90
C TYR B 514 16.56 -35.65 -20.79
N HIS B 515 15.50 -35.10 -21.36
CA HIS B 515 15.26 -33.66 -21.31
C HIS B 515 15.01 -33.20 -19.88
N GLY B 516 14.31 -34.04 -19.11
CA GLY B 516 14.09 -33.80 -17.70
C GLY B 516 15.39 -33.78 -16.92
N GLN B 517 16.29 -34.70 -17.24
CA GLN B 517 17.60 -34.71 -16.61
C GLN B 517 18.39 -33.44 -16.93
N LEU B 518 18.43 -33.04 -18.20
CA LEU B 518 19.17 -31.84 -18.60
C LEU B 518 18.58 -30.58 -17.96
N THR B 519 17.27 -30.56 -17.80
CA THR B 519 16.59 -29.41 -17.23
C THR B 519 16.94 -29.24 -15.76
N LYS B 520 16.90 -30.34 -15.02
CA LYS B 520 17.25 -30.31 -13.60
C LYS B 520 18.72 -29.97 -13.41
N GLU B 521 19.58 -30.54 -14.24
CA GLU B 521 21.00 -30.21 -14.21
C GLU B 521 21.25 -28.72 -14.50
N ALA B 522 20.57 -28.18 -15.52
CA ALA B 522 20.78 -26.76 -15.87
C ALA B 522 20.39 -25.84 -14.71
N ALA B 523 19.24 -26.14 -14.10
CA ALA B 523 18.71 -25.35 -13.00
C ALA B 523 19.64 -25.35 -11.78
N MET B 524 20.47 -26.39 -11.69
CA MET B 524 21.42 -26.53 -10.60
CA MET B 524 21.43 -26.56 -10.60
C MET B 524 22.82 -26.04 -10.98
N GLY B 525 22.92 -25.34 -12.11
CA GLY B 525 24.20 -24.85 -12.59
C GLY B 525 25.10 -25.91 -13.19
N GLN B 526 24.53 -27.07 -13.52
CA GLN B 526 25.33 -28.16 -14.05
C GLN B 526 25.18 -28.37 -15.56
N GLY B 527 24.94 -27.28 -16.29
CA GLY B 527 25.13 -27.28 -17.74
C GLY B 527 26.61 -27.14 -18.08
N PHE B 528 26.96 -27.11 -19.37
CA PHE B 528 28.36 -26.95 -19.74
C PHE B 528 28.68 -25.58 -20.34
N ASP B 529 27.66 -24.89 -20.84
CA ASP B 529 27.86 -23.69 -21.64
C ASP B 529 28.47 -22.52 -20.84
N ARG B 530 27.94 -22.22 -19.67
CA ARG B 530 28.43 -21.08 -18.90
C ARG B 530 29.86 -21.31 -18.39
N HIS B 531 30.12 -22.56 -18.00
CA HIS B 531 31.42 -22.93 -17.48
C HIS B 531 32.49 -22.77 -18.57
N LEU B 532 32.21 -23.30 -19.76
CA LEU B 532 33.15 -23.12 -20.87
C LEU B 532 33.34 -21.65 -21.28
N TYR B 533 32.26 -20.87 -21.22
CA TYR B 533 32.36 -19.45 -21.54
C TYR B 533 33.21 -18.72 -20.51
N ALA B 534 33.04 -19.05 -19.23
CA ALA B 534 33.80 -18.39 -18.17
C ALA B 534 35.31 -18.69 -18.27
N LEU B 535 35.66 -19.90 -18.66
CA LEU B 535 37.06 -20.25 -18.85
C LEU B 535 37.66 -19.48 -20.02
N ARG B 536 36.88 -19.34 -21.10
CA ARG B 536 37.31 -18.58 -22.27
CA ARG B 536 37.31 -18.58 -22.27
C ARG B 536 37.51 -17.13 -21.90
N TYR B 537 36.55 -16.56 -21.18
CA TYR B 537 36.59 -15.18 -20.70
C TYR B 537 37.83 -14.96 -19.83
N LEU B 538 38.10 -15.91 -18.95
CA LEU B 538 39.24 -15.81 -18.04
C LEU B 538 40.56 -15.84 -18.82
N ALA B 539 40.67 -16.74 -19.80
CA ALA B 539 41.86 -16.82 -20.64
C ALA B 539 42.15 -15.48 -21.33
N THR B 540 41.10 -14.92 -21.93
CA THR B 540 41.20 -13.65 -22.63
C THR B 540 41.55 -12.50 -21.69
N ALA B 541 40.95 -12.51 -20.50
CA ALA B 541 41.20 -11.44 -19.53
C ALA B 541 42.64 -11.46 -19.01
N ARG B 542 43.23 -12.65 -18.99
CA ARG B 542 44.60 -12.84 -18.50
C ARG B 542 45.63 -12.65 -19.61
N GLY B 543 45.16 -12.22 -20.79
CA GLY B 543 46.05 -11.94 -21.90
C GLY B 543 46.60 -13.15 -22.62
N LEU B 544 45.97 -14.31 -22.44
CA LEU B 544 46.42 -15.53 -23.10
C LEU B 544 45.84 -15.65 -24.51
N ASN B 545 46.49 -16.46 -25.33
CA ASN B 545 45.91 -16.89 -26.60
C ASN B 545 44.72 -17.80 -26.33
N LEU B 546 43.72 -17.71 -27.19
CA LEU B 546 42.53 -18.54 -27.08
C LEU B 546 42.89 -20.02 -27.21
N PRO B 547 42.54 -20.83 -26.20
CA PRO B 547 42.79 -22.28 -26.27
C PRO B 547 42.20 -22.91 -27.54
N GLU B 548 42.83 -23.98 -28.04
CA GLU B 548 42.42 -24.64 -29.27
C GLU B 548 40.97 -25.12 -29.25
N LEU B 549 40.49 -25.50 -28.07
CA LEU B 549 39.12 -25.96 -27.90
C LEU B 549 38.12 -24.97 -28.53
N TYR B 550 38.42 -23.69 -28.37
CA TYR B 550 37.51 -22.62 -28.79
C TYR B 550 37.69 -22.23 -30.25
N LEU B 551 38.79 -22.67 -30.87
CA LEU B 551 39.02 -22.37 -32.27
C LEU B 551 38.38 -23.45 -33.15
N ASP B 552 38.02 -24.56 -32.53
CA ASP B 552 37.37 -25.67 -33.21
C ASP B 552 36.06 -25.21 -33.84
N PRO B 553 35.88 -25.49 -35.14
CA PRO B 553 34.62 -25.15 -35.80
C PRO B 553 33.40 -25.75 -35.07
N ALA B 554 33.56 -26.88 -34.40
CA ALA B 554 32.47 -27.47 -33.62
C ALA B 554 32.00 -26.55 -32.47
N TYR B 555 32.93 -25.80 -31.88
CA TYR B 555 32.56 -24.86 -30.83
C TYR B 555 31.73 -23.71 -31.40
N GLN B 556 32.19 -23.16 -32.52
CA GLN B 556 31.46 -22.11 -33.23
C GLN B 556 30.07 -22.58 -33.62
N GLN B 557 29.98 -23.81 -34.10
CA GLN B 557 28.70 -24.33 -34.53
C GLN B 557 27.72 -24.55 -33.36
N MET B 558 28.24 -24.98 -32.21
CA MET B 558 27.42 -25.18 -31.02
C MET B 558 26.86 -23.84 -30.54
N ASN B 559 27.55 -22.76 -30.86
CA ASN B 559 27.16 -21.45 -30.42
C ASN B 559 26.50 -20.58 -31.49
N HIS B 560 26.11 -21.22 -32.58
CA HIS B 560 25.39 -20.58 -33.66
C HIS B 560 23.99 -21.18 -33.62
N ASN B 561 23.11 -20.57 -32.82
CA ASN B 561 21.87 -21.24 -32.44
C ASN B 561 20.73 -21.01 -33.41
N ILE B 562 20.64 -21.90 -34.39
CA ILE B 562 19.61 -21.85 -35.42
C ILE B 562 18.21 -21.97 -34.81
N LEU B 563 18.05 -22.87 -33.85
CA LEU B 563 16.80 -22.90 -33.09
C LEU B 563 17.04 -22.26 -31.72
N SER B 564 16.44 -21.10 -31.50
CA SER B 564 16.53 -20.44 -30.21
C SER B 564 15.10 -20.35 -29.64
N THR B 565 14.89 -20.86 -28.44
CA THR B 565 13.54 -21.01 -27.90
C THR B 565 13.44 -20.42 -26.50
N SER B 566 12.24 -19.97 -26.15
CA SER B 566 11.99 -19.41 -24.83
C SER B 566 10.54 -19.60 -24.45
N THR B 567 10.29 -19.88 -23.18
CA THR B 567 8.91 -20.06 -22.74
C THR B 567 8.66 -19.37 -21.41
N LEU B 568 7.39 -19.07 -21.17
CA LEU B 568 6.96 -18.69 -19.83
C LEU B 568 5.49 -19.06 -19.67
N ASN B 569 5.05 -19.14 -18.43
CA ASN B 569 3.66 -19.39 -18.16
C ASN B 569 3.13 -18.30 -17.23
N SER B 570 2.14 -17.57 -17.70
CA SER B 570 1.57 -16.49 -16.92
C SER B 570 0.20 -16.15 -17.47
N PRO B 571 -0.80 -16.02 -16.59
CA PRO B 571 -2.14 -15.63 -17.03
C PRO B 571 -2.23 -14.17 -17.50
N ALA B 572 -1.16 -13.40 -17.32
CA ALA B 572 -1.16 -12.00 -17.75
C ALA B 572 -0.69 -11.83 -19.21
N VAL B 573 0.03 -12.82 -19.72
CA VAL B 573 0.68 -12.73 -21.04
C VAL B 573 -0.15 -13.32 -22.16
N SER B 574 -0.52 -12.50 -23.16
CA SER B 574 -1.19 -13.02 -24.35
C SER B 574 -0.21 -13.76 -25.27
N LEU B 575 0.92 -13.11 -25.54
CA LEU B 575 1.99 -13.75 -26.28
C LEU B 575 3.27 -12.95 -26.11
N GLY B 576 4.38 -13.56 -26.50
CA GLY B 576 5.66 -12.89 -26.45
C GLY B 576 6.39 -13.17 -27.75
N GLY B 577 7.57 -12.60 -27.92
CA GLY B 577 8.29 -12.79 -29.16
C GLY B 577 9.68 -12.23 -29.13
N PHE B 578 10.52 -12.75 -30.01
CA PHE B 578 11.87 -12.26 -30.17
C PHE B 578 12.35 -12.70 -31.55
N ALA B 579 13.29 -11.94 -32.10
CA ALA B 579 13.83 -12.23 -33.43
C ALA B 579 14.83 -13.38 -33.34
N PRO B 580 15.18 -13.98 -34.49
CA PRO B 580 16.21 -15.02 -34.45
C PRO B 580 17.52 -14.44 -33.96
N VAL B 581 18.35 -15.25 -33.32
CA VAL B 581 19.65 -14.77 -32.86
C VAL B 581 20.76 -14.91 -33.91
N VAL B 582 20.49 -15.61 -35.01
CA VAL B 582 21.42 -15.66 -36.14
C VAL B 582 20.64 -15.45 -37.44
N PRO B 583 21.33 -15.06 -38.53
CA PRO B 583 20.59 -14.75 -39.77
C PRO B 583 19.81 -15.93 -40.36
N ASP B 584 20.30 -17.15 -40.13
CA ASP B 584 19.61 -18.32 -40.68
C ASP B 584 18.84 -19.07 -39.61
N GLY B 585 18.36 -18.37 -38.59
CA GLY B 585 17.72 -19.03 -37.47
C GLY B 585 16.22 -18.76 -37.33
N PHE B 586 15.61 -19.40 -36.34
CA PHE B 586 14.23 -19.10 -35.95
C PHE B 586 14.25 -18.61 -34.50
N GLY B 587 13.41 -17.63 -34.18
CA GLY B 587 13.20 -17.21 -32.80
C GLY B 587 11.86 -17.77 -32.37
N ILE B 588 11.88 -18.76 -31.46
CA ILE B 588 10.68 -19.50 -31.10
C ILE B 588 10.19 -19.20 -29.68
N ALA B 589 9.09 -18.46 -29.58
CA ALA B 589 8.46 -18.23 -28.29
C ALA B 589 7.25 -19.16 -28.19
N TYR B 590 7.16 -19.92 -27.09
CA TYR B 590 6.07 -20.90 -26.99
C TYR B 590 5.52 -20.95 -25.58
N ALA B 591 4.32 -21.51 -25.45
CA ALA B 591 3.74 -21.74 -24.14
C ALA B 591 2.91 -23.00 -24.20
N VAL B 592 3.17 -23.94 -23.32
CA VAL B 592 2.32 -25.12 -23.21
C VAL B 592 1.26 -24.87 -22.13
N HIS B 593 0.00 -24.72 -22.56
CA HIS B 593 -1.10 -24.50 -21.62
C HIS B 593 -1.77 -25.82 -21.25
N ASP B 594 -2.77 -25.79 -20.38
CA ASP B 594 -3.45 -27.01 -19.92
C ASP B 594 -4.06 -27.80 -21.07
N ASP B 595 -4.70 -27.09 -21.99
CA ASP B 595 -5.48 -27.74 -23.04
C ASP B 595 -5.05 -27.35 -24.45
N TRP B 596 -4.02 -26.51 -24.57
CA TRP B 596 -3.55 -26.10 -25.89
C TRP B 596 -2.09 -25.66 -25.86
N ILE B 597 -1.50 -25.50 -27.05
CA ILE B 597 -0.10 -25.10 -27.16
C ILE B 597 -0.02 -23.94 -28.14
N GLY B 598 0.69 -22.89 -27.76
CA GLY B 598 0.82 -21.70 -28.60
C GLY B 598 2.27 -21.44 -28.95
N CYS B 599 2.51 -20.95 -30.18
CA CYS B 599 3.86 -20.67 -30.69
CA CYS B 599 3.86 -20.67 -30.66
C CYS B 599 3.87 -19.38 -31.47
N ASN B 600 4.89 -18.56 -31.29
CA ASN B 600 5.07 -17.34 -32.08
C ASN B 600 6.51 -17.39 -32.59
N VAL B 601 6.68 -17.48 -33.92
CA VAL B 601 8.00 -17.79 -34.49
C VAL B 601 8.43 -16.71 -35.48
N SER B 602 9.66 -16.23 -35.33
CA SER B 602 10.23 -15.20 -36.19
C SER B 602 11.29 -15.83 -37.11
N SER B 603 11.52 -15.23 -38.25
CA SER B 603 12.55 -15.69 -39.19
C SER B 603 12.98 -14.51 -40.03
N TYR B 604 14.19 -14.58 -40.56
CA TYR B 604 14.62 -13.65 -41.59
C TYR B 604 14.45 -14.29 -42.98
N SER B 605 14.78 -13.52 -44.02
CA SER B 605 14.57 -13.95 -45.41
C SER B 605 15.02 -15.38 -45.74
N GLY B 606 16.12 -15.83 -45.15
CA GLY B 606 16.60 -17.18 -45.42
C GLY B 606 15.75 -18.37 -44.97
N ARG B 607 14.76 -18.13 -44.12
CA ARG B 607 13.99 -19.20 -43.50
C ARG B 607 12.50 -18.87 -43.55
N ASN B 608 11.67 -19.87 -43.29
CA ASN B 608 10.23 -19.71 -43.51
C ASN B 608 9.46 -20.05 -42.24
N ALA B 609 9.11 -19.02 -41.45
CA ALA B 609 8.43 -19.27 -40.19
C ALA B 609 7.07 -19.93 -40.37
N ARG B 610 6.34 -19.52 -41.40
CA ARG B 610 4.99 -20.03 -41.58
C ARG B 610 5.02 -21.54 -41.90
N GLU B 611 5.93 -21.93 -42.77
CA GLU B 611 6.12 -23.34 -43.08
C GLU B 611 6.60 -24.14 -41.86
N PHE B 612 7.53 -23.57 -41.08
CA PHE B 612 7.93 -24.21 -39.83
C PHE B 612 6.73 -24.49 -38.90
N LEU B 613 5.85 -23.51 -38.74
CA LEU B 613 4.69 -23.71 -37.86
C LEU B 613 3.74 -24.78 -38.41
N HIS B 614 3.62 -24.85 -39.73
CA HIS B 614 2.88 -25.96 -40.34
C HIS B 614 3.54 -27.30 -39.99
N CYS B 615 4.89 -27.33 -39.99
CA CYS B 615 5.59 -28.53 -39.59
C CYS B 615 5.41 -28.85 -38.10
N VAL B 616 5.39 -27.81 -37.27
CA VAL B 616 5.19 -28.01 -35.84
C VAL B 616 3.81 -28.61 -35.60
N GLN B 617 2.80 -28.07 -36.27
CA GLN B 617 1.43 -28.59 -36.15
C GLN B 617 1.39 -30.08 -36.55
N LYS B 618 2.00 -30.41 -37.68
CA LYS B 618 2.03 -31.79 -38.17
C LYS B 618 2.74 -32.72 -37.19
N CYS B 619 3.86 -32.27 -36.63
CA CYS B 619 4.60 -33.08 -35.66
C CYS B 619 3.82 -33.30 -34.34
N LEU B 620 3.13 -32.27 -33.87
CA LEU B 620 2.31 -32.43 -32.67
C LEU B 620 1.13 -33.38 -32.92
N GLU B 621 0.53 -33.30 -34.11
CA GLU B 621 -0.53 -34.24 -34.47
C GLU B 621 -0.01 -35.68 -34.46
N ASP B 622 1.17 -35.92 -35.02
CA ASP B 622 1.76 -37.25 -35.04
C ASP B 622 2.13 -37.75 -33.64
N ILE B 623 2.69 -36.85 -32.83
CA ILE B 623 3.05 -37.19 -31.45
C ILE B 623 1.79 -37.58 -30.66
N PHE B 624 0.76 -36.76 -30.75
CA PHE B 624 -0.48 -37.05 -30.04
C PHE B 624 -1.12 -38.35 -30.55
N ASP B 625 -1.19 -38.52 -31.86
CA ASP B 625 -1.65 -39.77 -32.47
C ASP B 625 -0.92 -40.99 -31.90
N ALA B 626 0.41 -40.93 -31.91
CA ALA B 626 1.21 -42.04 -31.44
C ALA B 626 0.98 -42.31 -29.95
N LEU B 627 0.76 -41.25 -29.18
CA LEU B 627 0.50 -41.39 -27.74
C LEU B 627 -0.87 -42.01 -27.47
N GLU B 628 -1.79 -41.87 -28.43
CA GLU B 628 -3.12 -42.47 -28.31
C GLU B 628 -3.17 -43.85 -28.96
N GLY B 629 -2.01 -44.35 -29.35
CA GLY B 629 -1.90 -45.68 -29.94
C GLY B 629 -2.30 -45.79 -31.40
N LYS B 630 -2.57 -44.65 -32.04
CA LYS B 630 -2.97 -44.65 -33.45
C LYS B 630 -1.76 -44.77 -34.37
N ALA B 631 -1.94 -45.38 -35.54
CA ALA B 631 -0.85 -45.53 -36.50
C ALA B 631 -0.58 -44.20 -37.21
N ILE B 632 0.69 -43.94 -37.52
CA ILE B 632 1.08 -42.68 -38.16
C ILE B 632 0.35 -42.40 -39.45
N LYS B 633 -0.20 -41.20 -39.57
CA LYS B 633 -0.74 -40.72 -40.85
C LYS B 633 0.41 -40.21 -41.70
N THR B 634 0.73 -40.94 -42.76
CA THR B 634 1.87 -40.60 -43.60
C THR B 634 1.52 -40.63 -45.09
C01 L0R C . -22.05 3.28 23.61
C02 L0R C . -20.57 3.41 23.62
N03 L0R C . -19.95 2.33 22.82
C04 L0R C . -20.56 0.98 22.69
C05 L0R C . -22.05 0.94 22.97
C06 L0R C . -22.41 1.91 24.08
C07 L0R C . -19.77 0.01 23.53
O08 L0R C . -19.67 0.21 24.72
N09 L0R C . -19.12 -1.15 22.90
C10 L0R C . -14.60 -2.50 23.07
C11 L0R C . -18.68 2.64 22.13
O12 L0R C . -18.10 1.78 21.44
C13 L0R C . -18.07 3.99 22.25
O14 L0R C . -17.19 4.14 21.13
C15 L0R C . -16.55 5.37 20.89
C16 L0R C . -15.45 5.40 20.03
C17 L0R C . -15.26 7.79 20.43
C18 L0R C . -16.37 7.74 21.28
C19 L0R C . -14.81 6.61 19.80
C20 L0R C . -17.00 6.55 21.52
C21 L0R C . -15.80 -2.29 23.77
C22 L0R C . -15.80 -2.71 21.02
C23 L0R C . -14.60 -2.70 21.72
C24 L0R C . -17.00 -2.50 21.72
C25 L0R C . -17.00 -2.32 23.04
C26 L0R C . -18.33 -2.08 23.77
C27 L0R C . -19.20 -1.38 21.48
C28 L0R C . -18.27 -2.50 21.00
O1 P6G D . -19.77 15.54 38.49
C2 P6G D . -19.72 16.05 37.12
C3 P6G D . -20.76 15.30 36.27
O4 P6G D . -21.55 16.23 35.54
C5 P6G D . -22.39 15.43 34.63
C6 P6G D . -21.84 15.56 33.18
O7 P6G D . -21.24 14.35 32.79
C8 P6G D . -21.33 14.33 31.37
C9 P6G D . -20.77 12.99 30.79
O10 P6G D . -19.36 13.12 30.63
C11 P6G D . -18.90 11.96 29.91
C12 P6G D . -18.81 12.45 28.45
O13 P6G D . -18.11 11.54 27.61
C14 P6G D . -17.91 12.26 26.37
C15 P6G D . -16.40 12.50 26.22
O16 P6G D . -16.14 13.33 25.08
C17 P6G D . -15.74 12.42 24.03
C18 P6G D . -14.29 11.95 24.29
O19 P6G D . -13.99 10.83 23.40
C01 L0R E . 11.74 -24.17 -19.43
C02 L0R E . 11.74 -22.82 -18.80
N03 L0R E . 12.60 -22.78 -17.59
C04 L0R E . 12.80 -23.95 -16.73
C05 L0R E . 12.53 -25.28 -17.42
C06 L0R E . 11.37 -25.17 -18.39
C07 L0R E . 11.99 -23.71 -15.49
O08 L0R E . 10.85 -23.30 -15.62
N09 L0R E . 12.51 -23.93 -14.13
C10 L0R E . 12.62 -20.62 -10.82
C11 L0R E . 13.25 -21.50 -17.25
O12 L0R E . 13.97 -21.41 -16.26
C13 L0R E . 13.06 -20.28 -18.10
O14 L0R E . 14.04 -19.33 -17.67
C15 L0R E . 14.32 -18.17 -18.43
C16 L0R E . 15.52 -17.49 -18.25
C17 L0R E . 14.87 -15.88 -19.95
C18 L0R E . 13.66 -16.57 -20.13
C19 L0R E . 15.80 -16.36 -19.00
C20 L0R E . 13.38 -17.70 -19.38
C21 L0R E . 11.84 -21.50 -11.59
C22 L0R E . 14.53 -22.04 -11.12
C23 L0R E . 13.95 -20.89 -10.59
C24 L0R E . 13.75 -22.92 -11.90
C25 L0R E . 12.45 -22.66 -12.11
C26 L0R E . 11.64 -23.63 -12.97
C27 L0R E . 13.86 -24.41 -13.90
C28 L0R E . 14.34 -24.13 -12.45
O1 P6G F . 10.36 -13.08 -22.05
C2 P6G F . 11.12 -13.07 -23.29
C3 P6G F . 10.19 -13.33 -24.53
O4 P6G F . 9.04 -14.08 -24.19
C5 P6G F . 8.99 -15.15 -25.09
C6 P6G F . 8.08 -16.29 -24.55
O7 P6G F . 6.67 -15.91 -24.75
C8 P6G F . 5.88 -17.05 -24.44
C9 P6G F . 4.39 -16.72 -24.64
O10 P6G F . 4.15 -16.54 -26.06
C11 P6G F . 4.00 -17.80 -26.63
C12 P6G F . 3.33 -17.63 -27.98
O13 P6G F . 1.91 -17.46 -27.81
C14 P6G F . 1.30 -18.19 -28.86
C15 P6G F . 0.57 -17.26 -29.80
O16 P6G F . -0.81 -17.62 -29.85
C17 P6G F . -1.47 -16.83 -28.86
C18 P6G F . -2.71 -16.18 -29.46
O19 P6G F . -3.45 -15.50 -28.44
#